data_3F0A
# 
_entry.id   3F0A 
# 
_audit_conform.dict_name       mmcif_pdbx.dic 
_audit_conform.dict_version    5.398 
_audit_conform.dict_location   http://mmcif.pdb.org/dictionaries/ascii/mmcif_pdbx.dic 
# 
loop_
_database_2.database_id 
_database_2.database_code 
_database_2.pdbx_database_accession 
_database_2.pdbx_DOI 
PDB   3F0A         pdb_00003f0a 10.2210/pdb3f0a/pdb 
RCSB  RCSB049984   ?            ?                   
WWPDB D_1000049984 ?            ?                   
# 
loop_
_pdbx_audit_revision_history.ordinal 
_pdbx_audit_revision_history.data_content_type 
_pdbx_audit_revision_history.major_revision 
_pdbx_audit_revision_history.minor_revision 
_pdbx_audit_revision_history.revision_date 
1 'Structure model' 1 0 2008-11-11 
2 'Structure model' 1 1 2011-07-13 
3 'Structure model' 1 2 2011-07-27 
4 'Structure model' 1 3 2017-10-25 
5 'Structure model' 1 4 2023-09-06 
6 'Structure model' 1 5 2023-11-15 
7 'Structure model' 1 6 2024-11-13 
# 
_pdbx_audit_revision_details.ordinal             1 
_pdbx_audit_revision_details.revision_ordinal    1 
_pdbx_audit_revision_details.data_content_type   'Structure model' 
_pdbx_audit_revision_details.provider            repository 
_pdbx_audit_revision_details.type                'Initial release' 
_pdbx_audit_revision_details.description         ? 
_pdbx_audit_revision_details.details             ? 
# 
loop_
_pdbx_audit_revision_group.ordinal 
_pdbx_audit_revision_group.revision_ordinal 
_pdbx_audit_revision_group.data_content_type 
_pdbx_audit_revision_group.group 
1  2 'Structure model' Advisory                    
2  2 'Structure model' 'Version format compliance' 
3  3 'Structure model' 'Database references'       
4  4 'Structure model' 'Refinement description'    
5  5 'Structure model' 'Data collection'           
6  5 'Structure model' 'Database references'       
7  5 'Structure model' 'Derived calculations'      
8  5 'Structure model' 'Refinement description'    
9  6 'Structure model' 'Data collection'           
10 7 'Structure model' 'Structure summary'         
# 
loop_
_pdbx_audit_revision_category.ordinal 
_pdbx_audit_revision_category.revision_ordinal 
_pdbx_audit_revision_category.data_content_type 
_pdbx_audit_revision_category.category 
1  4 'Structure model' software                      
2  5 'Structure model' chem_comp_atom                
3  5 'Structure model' chem_comp_bond                
4  5 'Structure model' database_2                    
5  5 'Structure model' pdbx_initial_refinement_model 
6  5 'Structure model' struct_conn                   
7  5 'Structure model' struct_site                   
8  6 'Structure model' chem_comp_atom                
9  6 'Structure model' chem_comp_bond                
10 7 'Structure model' pdbx_entry_details            
11 7 'Structure model' pdbx_modification_feature     
# 
loop_
_pdbx_audit_revision_item.ordinal 
_pdbx_audit_revision_item.revision_ordinal 
_pdbx_audit_revision_item.data_content_type 
_pdbx_audit_revision_item.item 
1 5 'Structure model' '_database_2.pdbx_DOI'                
2 5 'Structure model' '_database_2.pdbx_database_accession' 
3 5 'Structure model' '_struct_conn.pdbx_leaving_atom_flag' 
4 5 'Structure model' '_struct_site.pdbx_auth_asym_id'      
5 5 'Structure model' '_struct_site.pdbx_auth_comp_id'      
6 5 'Structure model' '_struct_site.pdbx_auth_seq_id'       
7 6 'Structure model' '_chem_comp_atom.atom_id'             
8 6 'Structure model' '_chem_comp_bond.atom_id_2'           
# 
_pdbx_database_status.status_code                     REL 
_pdbx_database_status.entry_id                        3F0A 
_pdbx_database_status.recvd_initial_deposition_date   2008-10-24 
_pdbx_database_status.deposit_site                    RCSB 
_pdbx_database_status.process_site                    RCSB 
_pdbx_database_status.status_code_sf                  REL 
_pdbx_database_status.status_code_mr                  ? 
_pdbx_database_status.SG_entry                        Y 
_pdbx_database_status.status_code_cs                  ? 
_pdbx_database_status.pdb_format_compatible           Y 
_pdbx_database_status.methods_development_category    ? 
_pdbx_database_status.status_code_nmr_data            ? 
# 
_pdbx_database_related.db_name        TargetDB 
_pdbx_database_related.db_id          APC61169.1 
_pdbx_database_related.details        . 
_pdbx_database_related.content_type   unspecified 
# 
loop_
_audit_author.name 
_audit_author.pdbx_ordinal 
'Filippova, E.V.'                               1 
'Minasov, G.'                                   2 
'Shuvalova, L.'                                 3 
'Kiryukhina, O.'                                4 
'Clancy, S.'                                    5 
'Joachimiak, A.'                                6 
'Anderson, W.F.'                                7 
'Midwest Center for Structural Genomics (MCSG)' 8 
# 
_citation.id                        primary 
_citation.title                     
;Crystal structure of the novel PaiA N-acetyltransferase from Thermoplasma acidophilum involved in the negative control of sporulation and degradative enzyme production.
;
_citation.journal_abbrev            Proteins 
_citation.journal_volume            79 
_citation.page_first                2566 
_citation.page_last                 2577 
_citation.year                      2011 
_citation.journal_id_ASTM           PSFGEY 
_citation.country                   US 
_citation.journal_id_ISSN           0887-3585 
_citation.journal_id_CSD            0867 
_citation.book_publisher            ? 
_citation.pdbx_database_id_PubMed   21633970 
_citation.pdbx_database_id_DOI      10.1002/prot.23062 
# 
loop_
_citation_author.citation_id 
_citation_author.name 
_citation_author.ordinal 
_citation_author.identifier_ORCID 
primary 'Filippova, E.V.'   1 ? 
primary 'Shuvalova, L.'     2 ? 
primary 'Minasov, G.'       3 ? 
primary 'Kiryukhina, O.'    4 ? 
primary 'Zhang, Y.'         5 ? 
primary 'Clancy, S.'        6 ? 
primary 'Radhakrishnan, I.' 7 ? 
primary 'Joachimiak, A.'    8 ? 
primary 'Anderson, W.F.'    9 ? 
# 
loop_
_entity.id 
_entity.type 
_entity.src_method 
_entity.pdbx_description 
_entity.formula_weight 
_entity.pdbx_number_of_molecules 
_entity.pdbx_ec 
_entity.pdbx_mutation 
_entity.pdbx_fragment 
_entity.details 
1 polymer     man N-ACETYLTRANSFERASE  19221.773 1  ? ? ? ? 
2 non-polymer syn 'NICKEL (II) ION'    58.693    1  ? ? ? ? 
3 non-polymer syn 'CHLORIDE ION'       35.453    1  ? ? ? ? 
4 non-polymer syn 'ACETYL COENZYME *A' 809.571   1  ? ? ? ? 
5 water       nat water                18.015    67 ? ? ? ? 
# 
_entity_poly.entity_id                      1 
_entity_poly.type                           'polypeptide(L)' 
_entity_poly.nstd_linkage                   no 
_entity_poly.nstd_monomer                   yes 
_entity_poly.pdbx_seq_one_letter_code       
;SNA(MSE)SIEIRKLSIEDLETLIEVARESWKWTYAGIYSEEYIESWIREKYSKEKLLNEIVRSQSNLDILFLGAFADST
LIGFIELKIIANKAELLRLYLKPEYTHKKIGKTLLLEAEKI(MSE)KKKGILECRLYVHRQNSVGFSFYYKNGFKVEDTD
GSDFI(MSE)EKKY
;
_entity_poly.pdbx_seq_one_letter_code_can   
;SNAMSIEIRKLSIEDLETLIEVARESWKWTYAGIYSEEYIESWIREKYSKEKLLNEIVRSQSNLDILFLGAFADSTLIGF
IELKIIANKAELLRLYLKPEYTHKKIGKTLLLEAEKIMKKKGILECRLYVHRQNSVGFSFYYKNGFKVEDTDGSDFIMEK
KY
;
_entity_poly.pdbx_strand_id                 A 
_entity_poly.pdbx_target_identifier         APC61169.1 
# 
loop_
_pdbx_entity_nonpoly.entity_id 
_pdbx_entity_nonpoly.name 
_pdbx_entity_nonpoly.comp_id 
2 'NICKEL (II) ION'    NI  
3 'CHLORIDE ION'       CL  
4 'ACETYL COENZYME *A' ACO 
5 water                HOH 
# 
loop_
_entity_poly_seq.entity_id 
_entity_poly_seq.num 
_entity_poly_seq.mon_id 
_entity_poly_seq.hetero 
1 1   SER n 
1 2   ASN n 
1 3   ALA n 
1 4   MSE n 
1 5   SER n 
1 6   ILE n 
1 7   GLU n 
1 8   ILE n 
1 9   ARG n 
1 10  LYS n 
1 11  LEU n 
1 12  SER n 
1 13  ILE n 
1 14  GLU n 
1 15  ASP n 
1 16  LEU n 
1 17  GLU n 
1 18  THR n 
1 19  LEU n 
1 20  ILE n 
1 21  GLU n 
1 22  VAL n 
1 23  ALA n 
1 24  ARG n 
1 25  GLU n 
1 26  SER n 
1 27  TRP n 
1 28  LYS n 
1 29  TRP n 
1 30  THR n 
1 31  TYR n 
1 32  ALA n 
1 33  GLY n 
1 34  ILE n 
1 35  TYR n 
1 36  SER n 
1 37  GLU n 
1 38  GLU n 
1 39  TYR n 
1 40  ILE n 
1 41  GLU n 
1 42  SER n 
1 43  TRP n 
1 44  ILE n 
1 45  ARG n 
1 46  GLU n 
1 47  LYS n 
1 48  TYR n 
1 49  SER n 
1 50  LYS n 
1 51  GLU n 
1 52  LYS n 
1 53  LEU n 
1 54  LEU n 
1 55  ASN n 
1 56  GLU n 
1 57  ILE n 
1 58  VAL n 
1 59  ARG n 
1 60  SER n 
1 61  GLN n 
1 62  SER n 
1 63  ASN n 
1 64  LEU n 
1 65  ASP n 
1 66  ILE n 
1 67  LEU n 
1 68  PHE n 
1 69  LEU n 
1 70  GLY n 
1 71  ALA n 
1 72  PHE n 
1 73  ALA n 
1 74  ASP n 
1 75  SER n 
1 76  THR n 
1 77  LEU n 
1 78  ILE n 
1 79  GLY n 
1 80  PHE n 
1 81  ILE n 
1 82  GLU n 
1 83  LEU n 
1 84  LYS n 
1 85  ILE n 
1 86  ILE n 
1 87  ALA n 
1 88  ASN n 
1 89  LYS n 
1 90  ALA n 
1 91  GLU n 
1 92  LEU n 
1 93  LEU n 
1 94  ARG n 
1 95  LEU n 
1 96  TYR n 
1 97  LEU n 
1 98  LYS n 
1 99  PRO n 
1 100 GLU n 
1 101 TYR n 
1 102 THR n 
1 103 HIS n 
1 104 LYS n 
1 105 LYS n 
1 106 ILE n 
1 107 GLY n 
1 108 LYS n 
1 109 THR n 
1 110 LEU n 
1 111 LEU n 
1 112 LEU n 
1 113 GLU n 
1 114 ALA n 
1 115 GLU n 
1 116 LYS n 
1 117 ILE n 
1 118 MSE n 
1 119 LYS n 
1 120 LYS n 
1 121 LYS n 
1 122 GLY n 
1 123 ILE n 
1 124 LEU n 
1 125 GLU n 
1 126 CYS n 
1 127 ARG n 
1 128 LEU n 
1 129 TYR n 
1 130 VAL n 
1 131 HIS n 
1 132 ARG n 
1 133 GLN n 
1 134 ASN n 
1 135 SER n 
1 136 VAL n 
1 137 GLY n 
1 138 PHE n 
1 139 SER n 
1 140 PHE n 
1 141 TYR n 
1 142 TYR n 
1 143 LYS n 
1 144 ASN n 
1 145 GLY n 
1 146 PHE n 
1 147 LYS n 
1 148 VAL n 
1 149 GLU n 
1 150 ASP n 
1 151 THR n 
1 152 ASP n 
1 153 GLY n 
1 154 SER n 
1 155 ASP n 
1 156 PHE n 
1 157 ILE n 
1 158 MSE n 
1 159 GLU n 
1 160 LYS n 
1 161 LYS n 
1 162 TYR n 
# 
_entity_src_gen.entity_id                          1 
_entity_src_gen.pdbx_src_id                        1 
_entity_src_gen.pdbx_alt_source_flag               sample 
_entity_src_gen.pdbx_seq_type                      ? 
_entity_src_gen.pdbx_beg_seq_num                   ? 
_entity_src_gen.pdbx_end_seq_num                   ? 
_entity_src_gen.gene_src_common_name               ? 
_entity_src_gen.gene_src_genus                     ? 
_entity_src_gen.pdbx_gene_src_gene                 Ta0374 
_entity_src_gen.gene_src_species                   ? 
_entity_src_gen.gene_src_strain                    ? 
_entity_src_gen.gene_src_tissue                    ? 
_entity_src_gen.gene_src_tissue_fraction           ? 
_entity_src_gen.gene_src_details                   ? 
_entity_src_gen.pdbx_gene_src_fragment             ? 
_entity_src_gen.pdbx_gene_src_scientific_name      'Thermoplasma acidophilum' 
_entity_src_gen.pdbx_gene_src_ncbi_taxonomy_id     2303 
_entity_src_gen.pdbx_gene_src_variant              ? 
_entity_src_gen.pdbx_gene_src_cell_line            ? 
_entity_src_gen.pdbx_gene_src_atcc                 ? 
_entity_src_gen.pdbx_gene_src_organ                ? 
_entity_src_gen.pdbx_gene_src_organelle            ? 
_entity_src_gen.pdbx_gene_src_cell                 ? 
_entity_src_gen.pdbx_gene_src_cellular_location    ? 
_entity_src_gen.host_org_common_name               ? 
_entity_src_gen.pdbx_host_org_scientific_name      'Escherichia coli' 
_entity_src_gen.pdbx_host_org_ncbi_taxonomy_id     562 
_entity_src_gen.host_org_genus                     ? 
_entity_src_gen.pdbx_host_org_gene                 ? 
_entity_src_gen.pdbx_host_org_organ                ? 
_entity_src_gen.host_org_species                   ? 
_entity_src_gen.pdbx_host_org_tissue               ? 
_entity_src_gen.pdbx_host_org_tissue_fraction      ? 
_entity_src_gen.pdbx_host_org_strain               BL21magic 
_entity_src_gen.pdbx_host_org_variant              ? 
_entity_src_gen.pdbx_host_org_cell_line            ? 
_entity_src_gen.pdbx_host_org_atcc                 ? 
_entity_src_gen.pdbx_host_org_culture_collection   ? 
_entity_src_gen.pdbx_host_org_cell                 ? 
_entity_src_gen.pdbx_host_org_organelle            ? 
_entity_src_gen.pdbx_host_org_cellular_location    ? 
_entity_src_gen.pdbx_host_org_vector_type          PLASMID 
_entity_src_gen.pdbx_host_org_vector               ? 
_entity_src_gen.host_org_details                   ? 
_entity_src_gen.expression_system_id               ? 
_entity_src_gen.plasmid_name                       pMCSG7 
_entity_src_gen.plasmid_details                    ? 
_entity_src_gen.pdbx_description                   ? 
# 
loop_
_chem_comp.id 
_chem_comp.type 
_chem_comp.mon_nstd_flag 
_chem_comp.name 
_chem_comp.pdbx_synonyms 
_chem_comp.formula 
_chem_comp.formula_weight 
ACO non-polymer         . 'ACETYL COENZYME *A' ? 'C23 H38 N7 O17 P3 S' 809.571 
ALA 'L-peptide linking' y ALANINE              ? 'C3 H7 N O2'          89.093  
ARG 'L-peptide linking' y ARGININE             ? 'C6 H15 N4 O2 1'      175.209 
ASN 'L-peptide linking' y ASPARAGINE           ? 'C4 H8 N2 O3'         132.118 
ASP 'L-peptide linking' y 'ASPARTIC ACID'      ? 'C4 H7 N O4'          133.103 
CL  non-polymer         . 'CHLORIDE ION'       ? 'Cl -1'               35.453  
CYS 'L-peptide linking' y CYSTEINE             ? 'C3 H7 N O2 S'        121.158 
GLN 'L-peptide linking' y GLUTAMINE            ? 'C5 H10 N2 O3'        146.144 
GLU 'L-peptide linking' y 'GLUTAMIC ACID'      ? 'C5 H9 N O4'          147.129 
GLY 'peptide linking'   y GLYCINE              ? 'C2 H5 N O2'          75.067  
HIS 'L-peptide linking' y HISTIDINE            ? 'C6 H10 N3 O2 1'      156.162 
HOH non-polymer         . WATER                ? 'H2 O'                18.015  
ILE 'L-peptide linking' y ISOLEUCINE           ? 'C6 H13 N O2'         131.173 
LEU 'L-peptide linking' y LEUCINE              ? 'C6 H13 N O2'         131.173 
LYS 'L-peptide linking' y LYSINE               ? 'C6 H15 N2 O2 1'      147.195 
MSE 'L-peptide linking' n SELENOMETHIONINE     ? 'C5 H11 N O2 Se'      196.106 
NI  non-polymer         . 'NICKEL (II) ION'    ? 'Ni 2'                58.693  
PHE 'L-peptide linking' y PHENYLALANINE        ? 'C9 H11 N O2'         165.189 
PRO 'L-peptide linking' y PROLINE              ? 'C5 H9 N O2'          115.130 
SER 'L-peptide linking' y SERINE               ? 'C3 H7 N O3'          105.093 
THR 'L-peptide linking' y THREONINE            ? 'C4 H9 N O3'          119.119 
TRP 'L-peptide linking' y TRYPTOPHAN           ? 'C11 H12 N2 O2'       204.225 
TYR 'L-peptide linking' y TYROSINE             ? 'C9 H11 N O3'         181.189 
VAL 'L-peptide linking' y VALINE               ? 'C5 H11 N O2'         117.146 
# 
loop_
_pdbx_poly_seq_scheme.asym_id 
_pdbx_poly_seq_scheme.entity_id 
_pdbx_poly_seq_scheme.seq_id 
_pdbx_poly_seq_scheme.mon_id 
_pdbx_poly_seq_scheme.ndb_seq_num 
_pdbx_poly_seq_scheme.pdb_seq_num 
_pdbx_poly_seq_scheme.auth_seq_num 
_pdbx_poly_seq_scheme.pdb_mon_id 
_pdbx_poly_seq_scheme.auth_mon_id 
_pdbx_poly_seq_scheme.pdb_strand_id 
_pdbx_poly_seq_scheme.pdb_ins_code 
_pdbx_poly_seq_scheme.hetero 
A 1 1   SER 1   -2  ?   ?   ?   A . n 
A 1 2   ASN 2   -1  ?   ?   ?   A . n 
A 1 3   ALA 3   0   ?   ?   ?   A . n 
A 1 4   MSE 4   1   1   MSE MSE A . n 
A 1 5   SER 5   2   2   SER SER A . n 
A 1 6   ILE 6   3   3   ILE ILE A . n 
A 1 7   GLU 7   4   4   GLU GLU A . n 
A 1 8   ILE 8   5   5   ILE ILE A . n 
A 1 9   ARG 9   6   6   ARG ARG A . n 
A 1 10  LYS 10  7   7   LYS LYS A . n 
A 1 11  LEU 11  8   8   LEU LEU A . n 
A 1 12  SER 12  9   9   SER SER A . n 
A 1 13  ILE 13  10  10  ILE ILE A . n 
A 1 14  GLU 14  11  11  GLU GLU A . n 
A 1 15  ASP 15  12  12  ASP ASP A . n 
A 1 16  LEU 16  13  13  LEU LEU A . n 
A 1 17  GLU 17  14  14  GLU GLU A . n 
A 1 18  THR 18  15  15  THR THR A . n 
A 1 19  LEU 19  16  16  LEU LEU A . n 
A 1 20  ILE 20  17  17  ILE ILE A . n 
A 1 21  GLU 21  18  18  GLU GLU A . n 
A 1 22  VAL 22  19  19  VAL VAL A . n 
A 1 23  ALA 23  20  20  ALA ALA A . n 
A 1 24  ARG 24  21  21  ARG ARG A . n 
A 1 25  GLU 25  22  22  GLU GLU A . n 
A 1 26  SER 26  23  23  SER SER A . n 
A 1 27  TRP 27  24  24  TRP TRP A . n 
A 1 28  LYS 28  25  25  LYS LYS A . n 
A 1 29  TRP 29  26  26  TRP TRP A . n 
A 1 30  THR 30  27  27  THR THR A . n 
A 1 31  TYR 31  28  28  TYR TYR A . n 
A 1 32  ALA 32  29  29  ALA ALA A . n 
A 1 33  GLY 33  30  30  GLY GLY A . n 
A 1 34  ILE 34  31  31  ILE ILE A . n 
A 1 35  TYR 35  32  32  TYR TYR A . n 
A 1 36  SER 36  33  33  SER SER A . n 
A 1 37  GLU 37  34  34  GLU GLU A . n 
A 1 38  GLU 38  35  35  GLU GLU A . n 
A 1 39  TYR 39  36  36  TYR TYR A . n 
A 1 40  ILE 40  37  37  ILE ILE A . n 
A 1 41  GLU 41  38  38  GLU GLU A . n 
A 1 42  SER 42  39  39  SER SER A . n 
A 1 43  TRP 43  40  40  TRP TRP A . n 
A 1 44  ILE 44  41  41  ILE ILE A . n 
A 1 45  ARG 45  42  42  ARG ARG A . n 
A 1 46  GLU 46  43  43  GLU GLU A . n 
A 1 47  LYS 47  44  44  LYS LYS A . n 
A 1 48  TYR 48  45  45  TYR TYR A . n 
A 1 49  SER 49  46  46  SER SER A . n 
A 1 50  LYS 50  47  47  LYS LYS A . n 
A 1 51  GLU 51  48  48  GLU GLU A . n 
A 1 52  LYS 52  49  49  LYS LYS A . n 
A 1 53  LEU 53  50  50  LEU LEU A . n 
A 1 54  LEU 54  51  51  LEU LEU A . n 
A 1 55  ASN 55  52  52  ASN ASN A . n 
A 1 56  GLU 56  53  53  GLU GLU A . n 
A 1 57  ILE 57  54  54  ILE ILE A . n 
A 1 58  VAL 58  55  55  VAL VAL A . n 
A 1 59  ARG 59  56  56  ARG ARG A . n 
A 1 60  SER 60  57  57  SER SER A . n 
A 1 61  GLN 61  58  58  GLN GLN A . n 
A 1 62  SER 62  59  59  SER SER A . n 
A 1 63  ASN 63  60  60  ASN ASN A . n 
A 1 64  LEU 64  61  61  LEU LEU A . n 
A 1 65  ASP 65  62  62  ASP ASP A . n 
A 1 66  ILE 66  63  63  ILE ILE A . n 
A 1 67  LEU 67  64  64  LEU LEU A . n 
A 1 68  PHE 68  65  65  PHE PHE A . n 
A 1 69  LEU 69  66  66  LEU LEU A . n 
A 1 70  GLY 70  67  67  GLY GLY A . n 
A 1 71  ALA 71  68  68  ALA ALA A . n 
A 1 72  PHE 72  69  69  PHE PHE A . n 
A 1 73  ALA 73  70  70  ALA ALA A . n 
A 1 74  ASP 74  71  71  ASP ASP A . n 
A 1 75  SER 75  72  72  SER SER A . n 
A 1 76  THR 76  73  73  THR THR A . n 
A 1 77  LEU 77  74  74  LEU LEU A . n 
A 1 78  ILE 78  75  75  ILE ILE A . n 
A 1 79  GLY 79  76  76  GLY GLY A . n 
A 1 80  PHE 80  77  77  PHE PHE A . n 
A 1 81  ILE 81  78  78  ILE ILE A . n 
A 1 82  GLU 82  79  79  GLU GLU A . n 
A 1 83  LEU 83  80  80  LEU LEU A . n 
A 1 84  LYS 84  81  81  LYS LYS A . n 
A 1 85  ILE 85  82  82  ILE ILE A . n 
A 1 86  ILE 86  83  83  ILE ILE A . n 
A 1 87  ALA 87  84  84  ALA ALA A . n 
A 1 88  ASN 88  85  85  ASN ASN A . n 
A 1 89  LYS 89  86  86  LYS LYS A . n 
A 1 90  ALA 90  87  87  ALA ALA A . n 
A 1 91  GLU 91  88  88  GLU GLU A . n 
A 1 92  LEU 92  89  89  LEU LEU A . n 
A 1 93  LEU 93  90  90  LEU LEU A . n 
A 1 94  ARG 94  91  91  ARG ARG A . n 
A 1 95  LEU 95  92  92  LEU LEU A . n 
A 1 96  TYR 96  93  93  TYR TYR A . n 
A 1 97  LEU 97  94  94  LEU LEU A . n 
A 1 98  LYS 98  95  95  LYS LYS A . n 
A 1 99  PRO 99  96  96  PRO PRO A . n 
A 1 100 GLU 100 97  97  GLU GLU A . n 
A 1 101 TYR 101 98  98  TYR TYR A . n 
A 1 102 THR 102 99  99  THR THR A . n 
A 1 103 HIS 103 100 100 HIS HIS A . n 
A 1 104 LYS 104 101 101 LYS LYS A . n 
A 1 105 LYS 105 102 102 LYS LYS A . n 
A 1 106 ILE 106 103 103 ILE ILE A . n 
A 1 107 GLY 107 104 104 GLY GLY A . n 
A 1 108 LYS 108 105 105 LYS LYS A . n 
A 1 109 THR 109 106 106 THR THR A . n 
A 1 110 LEU 110 107 107 LEU LEU A . n 
A 1 111 LEU 111 108 108 LEU LEU A . n 
A 1 112 LEU 112 109 109 LEU LEU A . n 
A 1 113 GLU 113 110 110 GLU GLU A . n 
A 1 114 ALA 114 111 111 ALA ALA A . n 
A 1 115 GLU 115 112 112 GLU GLU A . n 
A 1 116 LYS 116 113 113 LYS LYS A . n 
A 1 117 ILE 117 114 114 ILE ILE A . n 
A 1 118 MSE 118 115 115 MSE MSE A . n 
A 1 119 LYS 119 116 116 LYS LYS A . n 
A 1 120 LYS 120 117 117 LYS LYS A . n 
A 1 121 LYS 121 118 118 LYS LYS A . n 
A 1 122 GLY 122 119 119 GLY GLY A . n 
A 1 123 ILE 123 120 120 ILE ILE A . n 
A 1 124 LEU 124 121 121 LEU LEU A . n 
A 1 125 GLU 125 122 122 GLU GLU A . n 
A 1 126 CYS 126 123 123 CYS CYS A . n 
A 1 127 ARG 127 124 124 ARG ARG A . n 
A 1 128 LEU 128 125 125 LEU LEU A . n 
A 1 129 TYR 129 126 126 TYR TYR A . n 
A 1 130 VAL 130 127 127 VAL VAL A . n 
A 1 131 HIS 131 128 128 HIS HIS A . n 
A 1 132 ARG 132 129 129 ARG ARG A . n 
A 1 133 GLN 133 130 130 GLN GLN A . n 
A 1 134 ASN 134 131 131 ASN ASN A . n 
A 1 135 SER 135 132 132 SER SER A . n 
A 1 136 VAL 136 133 133 VAL VAL A . n 
A 1 137 GLY 137 134 134 GLY GLY A . n 
A 1 138 PHE 138 135 135 PHE PHE A . n 
A 1 139 SER 139 136 136 SER SER A . n 
A 1 140 PHE 140 137 137 PHE PHE A . n 
A 1 141 TYR 141 138 138 TYR TYR A . n 
A 1 142 TYR 142 139 139 TYR TYR A . n 
A 1 143 LYS 143 140 140 LYS LYS A . n 
A 1 144 ASN 144 141 141 ASN ASN A . n 
A 1 145 GLY 145 142 142 GLY GLY A . n 
A 1 146 PHE 146 143 143 PHE PHE A . n 
A 1 147 LYS 147 144 144 LYS LYS A . n 
A 1 148 VAL 148 145 145 VAL VAL A . n 
A 1 149 GLU 149 146 146 GLU GLU A . n 
A 1 150 ASP 150 147 147 ASP ASP A . n 
A 1 151 THR 151 148 148 THR THR A . n 
A 1 152 ASP 152 149 149 ASP ASP A . n 
A 1 153 GLY 153 150 150 GLY GLY A . n 
A 1 154 SER 154 151 151 SER SER A . n 
A 1 155 ASP 155 152 152 ASP ASP A . n 
A 1 156 PHE 156 153 153 PHE PHE A . n 
A 1 157 ILE 157 154 154 ILE ILE A . n 
A 1 158 MSE 158 155 155 MSE MSE A . n 
A 1 159 GLU 159 156 156 GLU GLU A . n 
A 1 160 LYS 160 157 157 LYS LYS A . n 
A 1 161 LYS 161 158 158 LYS LYS A . n 
A 1 162 TYR 162 159 159 TYR TYR A . n 
# 
loop_
_pdbx_nonpoly_scheme.asym_id 
_pdbx_nonpoly_scheme.entity_id 
_pdbx_nonpoly_scheme.mon_id 
_pdbx_nonpoly_scheme.ndb_seq_num 
_pdbx_nonpoly_scheme.pdb_seq_num 
_pdbx_nonpoly_scheme.auth_seq_num 
_pdbx_nonpoly_scheme.pdb_mon_id 
_pdbx_nonpoly_scheme.auth_mon_id 
_pdbx_nonpoly_scheme.pdb_strand_id 
_pdbx_nonpoly_scheme.pdb_ins_code 
B 2 NI  1  160 1  NI  NI  A . 
C 3 CL  1  161 2  CL  CL  A . 
D 4 ACO 1  162 3  ACO ACO A . 
E 5 HOH 1  163 4  HOH HOH A . 
E 5 HOH 2  164 5  HOH HOH A . 
E 5 HOH 3  165 6  HOH HOH A . 
E 5 HOH 4  166 7  HOH HOH A . 
E 5 HOH 5  167 8  HOH HOH A . 
E 5 HOH 6  168 9  HOH HOH A . 
E 5 HOH 7  169 10 HOH HOH A . 
E 5 HOH 8  170 11 HOH HOH A . 
E 5 HOH 9  171 12 HOH HOH A . 
E 5 HOH 10 172 13 HOH HOH A . 
E 5 HOH 11 173 14 HOH HOH A . 
E 5 HOH 12 174 15 HOH HOH A . 
E 5 HOH 13 175 16 HOH HOH A . 
E 5 HOH 14 176 17 HOH HOH A . 
E 5 HOH 15 177 18 HOH HOH A . 
E 5 HOH 16 178 19 HOH HOH A . 
E 5 HOH 17 179 20 HOH HOH A . 
E 5 HOH 18 180 21 HOH HOH A . 
E 5 HOH 19 181 22 HOH HOH A . 
E 5 HOH 20 182 23 HOH HOH A . 
E 5 HOH 21 183 24 HOH HOH A . 
E 5 HOH 22 184 25 HOH HOH A . 
E 5 HOH 23 185 26 HOH HOH A . 
E 5 HOH 24 186 27 HOH HOH A . 
E 5 HOH 25 187 28 HOH HOH A . 
E 5 HOH 26 188 29 HOH HOH A . 
E 5 HOH 27 189 30 HOH HOH A . 
E 5 HOH 28 190 31 HOH HOH A . 
E 5 HOH 29 191 32 HOH HOH A . 
E 5 HOH 30 192 33 HOH HOH A . 
E 5 HOH 31 193 34 HOH HOH A . 
E 5 HOH 32 194 35 HOH HOH A . 
E 5 HOH 33 195 36 HOH HOH A . 
E 5 HOH 34 196 37 HOH HOH A . 
E 5 HOH 35 197 38 HOH HOH A . 
E 5 HOH 36 198 39 HOH HOH A . 
E 5 HOH 37 199 40 HOH HOH A . 
E 5 HOH 38 200 41 HOH HOH A . 
E 5 HOH 39 201 42 HOH HOH A . 
E 5 HOH 40 202 43 HOH HOH A . 
E 5 HOH 41 203 44 HOH HOH A . 
E 5 HOH 42 204 45 HOH HOH A . 
E 5 HOH 43 205 46 HOH HOH A . 
E 5 HOH 44 206 47 HOH HOH A . 
E 5 HOH 45 207 48 HOH HOH A . 
E 5 HOH 46 208 49 HOH HOH A . 
E 5 HOH 47 209 50 HOH HOH A . 
E 5 HOH 48 210 51 HOH HOH A . 
E 5 HOH 49 211 52 HOH HOH A . 
E 5 HOH 50 212 53 HOH HOH A . 
E 5 HOH 51 213 54 HOH HOH A . 
E 5 HOH 52 214 55 HOH HOH A . 
E 5 HOH 53 215 56 HOH HOH A . 
E 5 HOH 54 216 57 HOH HOH A . 
E 5 HOH 55 217 58 HOH HOH A . 
E 5 HOH 56 218 59 HOH HOH A . 
E 5 HOH 57 219 60 HOH HOH A . 
E 5 HOH 58 220 61 HOH HOH A . 
E 5 HOH 59 221 62 HOH HOH A . 
E 5 HOH 60 222 63 HOH HOH A . 
E 5 HOH 61 223 64 HOH HOH A . 
E 5 HOH 62 224 65 HOH HOH A . 
E 5 HOH 63 225 66 HOH HOH A . 
E 5 HOH 64 226 67 HOH HOH A . 
E 5 HOH 65 227 68 HOH HOH A . 
E 5 HOH 66 228 69 HOH HOH A . 
E 5 HOH 67 229 70 HOH HOH A . 
# 
loop_
_software.name 
_software.classification 
_software.version 
_software.citation_id 
_software.pdbx_ordinal 
Blu-Ice      'data collection' Max      ? 1  
BALBES       phasing           .        ? 2  
CCP4         'model building'  .        ? 3  
ARP/wARP     'model building'  .        ? 4  
Coot         'model building'  .        ? 5  
REFMAC       refinement        5.5.0051 ? 6  
CrystalClear 'data reduction'  .        ? 7  
HKL-2000     'data scaling'    .        ? 8  
SOLVE        phasing           .        ? 9  
RESOLVE      phasing           .        ? 10 
SHARP        phasing           .        ? 11 
# 
_cell.entry_id           3F0A 
_cell.length_a           69.038 
_cell.length_b           69.038 
_cell.length_c           89.193 
_cell.angle_alpha        90.00 
_cell.angle_beta         90.00 
_cell.angle_gamma        90.00 
_cell.Z_PDB              8 
_cell.pdbx_unique_axis   ? 
_cell.length_a_esd       ? 
_cell.length_b_esd       ? 
_cell.length_c_esd       ? 
_cell.angle_alpha_esd    ? 
_cell.angle_beta_esd     ? 
_cell.angle_gamma_esd    ? 
# 
_symmetry.entry_id                         3F0A 
_symmetry.space_group_name_H-M             'P 43 21 2' 
_symmetry.pdbx_full_space_group_name_H-M   ? 
_symmetry.cell_setting                     ? 
_symmetry.Int_Tables_number                96 
_symmetry.space_group_name_Hall            ? 
# 
_exptl.entry_id          3F0A 
_exptl.method            'X-RAY DIFFRACTION' 
_exptl.crystals_number   1 
# 
_exptl_crystal.id                    1 
_exptl_crystal.density_meas          ? 
_exptl_crystal.density_Matthews      2.83 
_exptl_crystal.density_percent_sol   56.54 
_exptl_crystal.description           ? 
_exptl_crystal.F_000                 ? 
_exptl_crystal.preparation           ? 
# 
_exptl_crystal_grow.crystal_id      1 
_exptl_crystal_grow.method          'VAPOR DIFFUSION, SITTING DROP' 
_exptl_crystal_grow.temp            295 
_exptl_crystal_grow.temp_details    ? 
_exptl_crystal_grow.pH              ? 
_exptl_crystal_grow.pdbx_pH_range   ? 
_exptl_crystal_grow.pdbx_details    '0.1M Na Acetate, 30% PEG6000, VAPOR DIFFUSION, SITTING DROP, temperature 295K' 
# 
_diffrn.id                     1 
_diffrn.ambient_temp           100.0 
_diffrn.ambient_temp_details   ? 
_diffrn.crystal_id             1 
# 
_diffrn_detector.diffrn_id              1 
_diffrn_detector.detector               CCD 
_diffrn_detector.type                   ? 
_diffrn_detector.pdbx_collection_date   2008-10-10 
_diffrn_detector.details                MIRROR 
# 
_diffrn_radiation.diffrn_id                        1 
_diffrn_radiation.wavelength_id                    1 
_diffrn_radiation.pdbx_monochromatic_or_laue_m_l   M 
_diffrn_radiation.monochromator                    'SI-111 CHANNEL' 
_diffrn_radiation.pdbx_diffrn_protocol             SAD 
_diffrn_radiation.pdbx_scattering_type             x-ray 
# 
_diffrn_radiation_wavelength.id           1 
_diffrn_radiation_wavelength.wavelength   0.9184 
_diffrn_radiation_wavelength.wt           1.0 
# 
_diffrn_source.diffrn_id                   1 
_diffrn_source.source                      SYNCHROTRON 
_diffrn_source.type                        'APS BEAMLINE 21-ID-D' 
_diffrn_source.pdbx_synchrotron_site       APS 
_diffrn_source.pdbx_synchrotron_beamline   21-ID-D 
_diffrn_source.pdbx_wavelength             0.9184 
_diffrn_source.pdbx_wavelength_list        ? 
# 
_reflns.entry_id                     3F0A 
_reflns.observed_criterion_sigma_I   -3.000 
_reflns.observed_criterion_sigma_F   ? 
_reflns.d_resolution_low             54.550 
_reflns.d_resolution_high            1.900 
_reflns.number_obs                   7926 
_reflns.number_all                   ? 
_reflns.percent_possible_obs         20.8 
_reflns.pdbx_Rmerge_I_obs            0.49000 
_reflns.pdbx_Rsym_value              0.49000 
_reflns.pdbx_netI_over_sigmaI        3.7940 
_reflns.B_iso_Wilson_estimate        ? 
_reflns.pdbx_redundancy              1.200 
_reflns.R_free_details               ? 
_reflns.limit_h_max                  ? 
_reflns.limit_h_min                  ? 
_reflns.limit_k_max                  ? 
_reflns.limit_k_min                  ? 
_reflns.limit_l_max                  ? 
_reflns.limit_l_min                  ? 
_reflns.observed_criterion_F_max     ? 
_reflns.observed_criterion_F_min     ? 
_reflns.pdbx_chi_squared             ? 
_reflns.pdbx_scaling_rejects         ? 
_reflns.pdbx_ordinal                 1 
_reflns.pdbx_diffrn_id               1 
# 
_reflns_shell.d_res_high             1.90 
_reflns_shell.d_res_low              1.93 
_reflns_shell.percent_possible_all   99.7 
_reflns_shell.Rmerge_I_obs           ? 
_reflns_shell.pdbx_Rsym_value        ? 
_reflns_shell.meanI_over_sigI_obs    0.200 
_reflns_shell.pdbx_redundancy        1.00 
_reflns_shell.percent_possible_obs   ? 
_reflns_shell.number_unique_all      ? 
_reflns_shell.number_measured_all    ? 
_reflns_shell.number_measured_obs    ? 
_reflns_shell.number_unique_obs      ? 
_reflns_shell.pdbx_chi_squared       ? 
_reflns_shell.pdbx_ordinal           1 
_reflns_shell.pdbx_diffrn_id         1 
# 
_refine.entry_id                                 3F0A 
_refine.ls_number_reflns_obs                     7926 
_refine.ls_number_reflns_all                     7926 
_refine.pdbx_ls_sigma_I                          ? 
_refine.pdbx_ls_sigma_F                          0.000 
_refine.pdbx_data_cutoff_high_absF               ? 
_refine.pdbx_data_cutoff_low_absF                ? 
_refine.pdbx_data_cutoff_high_rms_absF           ? 
_refine.ls_d_res_low                             54.55 
_refine.ls_d_res_high                            2.50 
_refine.ls_percent_reflns_obs                    99.870 
_refine.ls_R_factor_obs                          0.180 
_refine.ls_R_factor_all                          ? 
_refine.ls_R_factor_R_work                       0.177 
_refine.ls_R_factor_R_free                       0.229 
_refine.ls_R_factor_R_free_error                 ? 
_refine.ls_R_factor_R_free_error_details         ? 
_refine.ls_percent_reflns_R_free                 4.600 
_refine.ls_number_reflns_R_free                  365 
_refine.ls_number_parameters                     ? 
_refine.ls_number_restraints                     ? 
_refine.occupancy_min                            ? 
_refine.occupancy_max                            ? 
_refine.correlation_coeff_Fo_to_Fc               0.958 
_refine.correlation_coeff_Fo_to_Fc_free          0.925 
_refine.B_iso_mean                               26.18 
_refine.aniso_B[1][1]                            1.26000 
_refine.aniso_B[2][2]                            1.26000 
_refine.aniso_B[3][3]                            -2.53000 
_refine.aniso_B[1][2]                            0.00000 
_refine.aniso_B[1][3]                            0.00000 
_refine.aniso_B[2][3]                            0.00000 
_refine.solvent_model_details                    'BABINET MODEL WITH MASK' 
_refine.solvent_model_param_ksol                 ? 
_refine.solvent_model_param_bsol                 ? 
_refine.pdbx_solvent_vdw_probe_radii             1.20 
_refine.pdbx_solvent_ion_probe_radii             0.80 
_refine.pdbx_solvent_shrinkage_radii             0.80 
_refine.pdbx_ls_cross_valid_method               THROUGHOUT 
_refine.details                                  'HYDROGENS HAVE BEEN ADDED IN THE' 
_refine.pdbx_starting_model                      'PDB ENTRY 1TIQ' 
_refine.pdbx_method_to_determine_struct          SAD 
_refine.pdbx_isotropic_thermal_model             ? 
_refine.pdbx_stereochemistry_target_values       'MAXIMUM LIKELIHOOD' 
_refine.pdbx_stereochem_target_val_spec_case     ? 
_refine.pdbx_R_Free_selection_details            RANDOM 
_refine.pdbx_overall_ESU_R                       0.411 
_refine.pdbx_overall_ESU_R_Free                  0.255 
_refine.overall_SU_ML                            0.193 
_refine.pdbx_overall_phase_error                 ? 
_refine.overall_SU_B                             16.391 
_refine.pdbx_refine_id                           'X-RAY DIFFRACTION' 
_refine.ls_redundancy_reflns_obs                 ? 
_refine.B_iso_min                                ? 
_refine.B_iso_max                                ? 
_refine.overall_SU_R_Cruickshank_DPI             ? 
_refine.overall_SU_R_free                        ? 
_refine.ls_wR_factor_R_free                      ? 
_refine.ls_wR_factor_R_work                      ? 
_refine.overall_FOM_free_R_set                   ? 
_refine.overall_FOM_work_R_set                   ? 
_refine.pdbx_TLS_residual_ADP_flag               'LIKELY RESIDUAL' 
_refine.pdbx_diffrn_id                           1 
_refine.pdbx_overall_SU_R_free_Cruickshank_DPI   ? 
_refine.pdbx_overall_SU_R_Blow_DPI               ? 
_refine.pdbx_overall_SU_R_free_Blow_DPI          ? 
# 
_refine_hist.pdbx_refine_id                   'X-RAY DIFFRACTION' 
_refine_hist.cycle_id                         LAST 
_refine_hist.pdbx_number_atoms_protein        1326 
_refine_hist.pdbx_number_atoms_nucleic_acid   0 
_refine_hist.pdbx_number_atoms_ligand         53 
_refine_hist.number_atoms_solvent             67 
_refine_hist.number_atoms_total               1446 
_refine_hist.d_res_high                       2.50 
_refine_hist.d_res_low                        54.55 
# 
loop_
_refine_ls_restr.type 
_refine_ls_restr.dev_ideal 
_refine_ls_restr.dev_ideal_target 
_refine_ls_restr.weight 
_refine_ls_restr.number 
_refine_ls_restr.pdbx_refine_id 
_refine_ls_restr.pdbx_restraint_function 
r_bond_refined_d             0.012  0.022  ? 1411 'X-RAY DIFFRACTION' ? 
r_bond_other_d               ?      ?      ? ?    'X-RAY DIFFRACTION' ? 
r_angle_refined_deg          1.582  2.024  ? 1901 'X-RAY DIFFRACTION' ? 
r_angle_other_deg            ?      ?      ? ?    'X-RAY DIFFRACTION' ? 
r_dihedral_angle_1_deg       3.822  5.000  ? 160  'X-RAY DIFFRACTION' ? 
r_dihedral_angle_2_deg       31.909 24.194 ? 62   'X-RAY DIFFRACTION' ? 
r_dihedral_angle_3_deg       14.042 15.000 ? 279  'X-RAY DIFFRACTION' ? 
r_dihedral_angle_4_deg       17.867 15.000 ? 7    'X-RAY DIFFRACTION' ? 
r_chiral_restr               0.088  0.200  ? 205  'X-RAY DIFFRACTION' ? 
r_gen_planes_refined         0.003  0.020  ? 1005 'X-RAY DIFFRACTION' ? 
r_gen_planes_other           ?      ?      ? ?    'X-RAY DIFFRACTION' ? 
r_nbd_refined                ?      ?      ? ?    'X-RAY DIFFRACTION' ? 
r_nbd_other                  ?      ?      ? ?    'X-RAY DIFFRACTION' ? 
r_nbtor_refined              ?      ?      ? ?    'X-RAY DIFFRACTION' ? 
r_nbtor_other                ?      ?      ? ?    'X-RAY DIFFRACTION' ? 
r_xyhbond_nbd_refined        ?      ?      ? ?    'X-RAY DIFFRACTION' ? 
r_xyhbond_nbd_other          ?      ?      ? ?    'X-RAY DIFFRACTION' ? 
r_metal_ion_refined          ?      ?      ? ?    'X-RAY DIFFRACTION' ? 
r_metal_ion_other            ?      ?      ? ?    'X-RAY DIFFRACTION' ? 
r_symmetry_vdw_refined       ?      ?      ? ?    'X-RAY DIFFRACTION' ? 
r_symmetry_vdw_other         ?      ?      ? ?    'X-RAY DIFFRACTION' ? 
r_symmetry_hbond_refined     ?      ?      ? ?    'X-RAY DIFFRACTION' ? 
r_symmetry_hbond_other       ?      ?      ? ?    'X-RAY DIFFRACTION' ? 
r_symmetry_metal_ion_refined ?      ?      ? ?    'X-RAY DIFFRACTION' ? 
r_symmetry_metal_ion_other   ?      ?      ? ?    'X-RAY DIFFRACTION' ? 
r_mcbond_it                  0.932  1.500  ? 794  'X-RAY DIFFRACTION' ? 
r_mcbond_other               ?      ?      ? ?    'X-RAY DIFFRACTION' ? 
r_mcangle_it                 1.707  2.000  ? 1280 'X-RAY DIFFRACTION' ? 
r_scbond_it                  3.330  3.000  ? 617  'X-RAY DIFFRACTION' ? 
r_scangle_it                 5.062  4.500  ? 620  'X-RAY DIFFRACTION' ? 
r_rigid_bond_restr           ?      ?      ? ?    'X-RAY DIFFRACTION' ? 
r_sphericity_free            ?      ?      ? ?    'X-RAY DIFFRACTION' ? 
r_sphericity_bonded          ?      ?      ? ?    'X-RAY DIFFRACTION' ? 
# 
_refine_ls_shell.pdbx_total_number_of_bins_used   20 
_refine_ls_shell.d_res_high                       2.50 
_refine_ls_shell.d_res_low                        2.56 
_refine_ls_shell.number_reflns_R_work             557 
_refine_ls_shell.R_factor_R_work                  0.2100 
_refine_ls_shell.percent_reflns_obs               99.66 
_refine_ls_shell.R_factor_R_free                  0.3040 
_refine_ls_shell.R_factor_R_free_error            ? 
_refine_ls_shell.percent_reflns_R_free            ? 
_refine_ls_shell.number_reflns_R_free             23 
_refine_ls_shell.number_reflns_all                ? 
_refine_ls_shell.R_factor_all                     ? 
_refine_ls_shell.pdbx_refine_id                   'X-RAY DIFFRACTION' 
_refine_ls_shell.redundancy_reflns_obs            ? 
_refine_ls_shell.number_reflns_obs                ? 
# 
_struct.entry_id                  3F0A 
_struct.title                     
'Structure of a putative n-acetyltransferase (ta0374) in complex with acetyl-coa from thermoplasma acidophilum' 
_struct.pdbx_model_details        ? 
_struct.pdbx_CASP_flag            ? 
_struct.pdbx_model_type_details   ? 
# 
_struct_keywords.entry_id        3F0A 
_struct_keywords.pdbx_keywords   TRANSFERASE 
_struct_keywords.text            
;N-ACETYLTRANSFERASE, THERMOPLASMA ACIDOPHILUM, ACETYL-COA, STRUCTURAL GENOMICS, PSI-2, Protein Structure Initiative, Midwest Center for Structural Genomics, MCSG, TRANSFERASE
;
# 
loop_
_struct_asym.id 
_struct_asym.pdbx_blank_PDB_chainid_flag 
_struct_asym.pdbx_modified 
_struct_asym.entity_id 
_struct_asym.details 
A N N 1 ? 
B N N 2 ? 
C N N 3 ? 
D N N 4 ? 
E N N 5 ? 
# 
_struct_ref.id                         1 
_struct_ref.db_name                    UNP 
_struct_ref.db_code                    Q9HL57_THEAC 
_struct_ref.pdbx_db_accession          Q9HL57 
_struct_ref.entity_id                  1 
_struct_ref.pdbx_seq_one_letter_code   
;MSIEIRKLSIEDLETLIEVARESWKWTYAGIYSEEYIESWIREKYSKEKLLNEIVRSQSNLDILFLGAFADSTLIGFIEL
KIIANKAELLRLYLKPEYTHKKIGKTLLLEAEKIMKKKGILECRLYVHRQNSVGFSFYYKNGFKVEDTDGSDFIMEKKY
;
_struct_ref.pdbx_align_begin           1 
_struct_ref.pdbx_db_isoform            ? 
# 
_struct_ref_seq.align_id                      1 
_struct_ref_seq.ref_id                        1 
_struct_ref_seq.pdbx_PDB_id_code              3F0A 
_struct_ref_seq.pdbx_strand_id                A 
_struct_ref_seq.seq_align_beg                 4 
_struct_ref_seq.pdbx_seq_align_beg_ins_code   ? 
_struct_ref_seq.seq_align_end                 162 
_struct_ref_seq.pdbx_seq_align_end_ins_code   ? 
_struct_ref_seq.pdbx_db_accession             Q9HL57 
_struct_ref_seq.db_align_beg                  1 
_struct_ref_seq.pdbx_db_align_beg_ins_code    ? 
_struct_ref_seq.db_align_end                  159 
_struct_ref_seq.pdbx_db_align_end_ins_code    ? 
_struct_ref_seq.pdbx_auth_seq_align_beg       1 
_struct_ref_seq.pdbx_auth_seq_align_end       159 
# 
loop_
_struct_ref_seq_dif.align_id 
_struct_ref_seq_dif.pdbx_pdb_id_code 
_struct_ref_seq_dif.mon_id 
_struct_ref_seq_dif.pdbx_pdb_strand_id 
_struct_ref_seq_dif.seq_num 
_struct_ref_seq_dif.pdbx_pdb_ins_code 
_struct_ref_seq_dif.pdbx_seq_db_name 
_struct_ref_seq_dif.pdbx_seq_db_accession_code 
_struct_ref_seq_dif.db_mon_id 
_struct_ref_seq_dif.pdbx_seq_db_seq_num 
_struct_ref_seq_dif.details 
_struct_ref_seq_dif.pdbx_auth_seq_num 
_struct_ref_seq_dif.pdbx_ordinal 
1 3F0A SER A 1 ? UNP Q9HL57 ? ? 'expression tag' -2 1 
1 3F0A ASN A 2 ? UNP Q9HL57 ? ? 'expression tag' -1 2 
1 3F0A ALA A 3 ? UNP Q9HL57 ? ? 'expression tag' 0  3 
# 
_pdbx_struct_assembly.id                   1 
_pdbx_struct_assembly.details              software_defined_assembly 
_pdbx_struct_assembly.method_details       PISA 
_pdbx_struct_assembly.oligomeric_details   dimeric 
_pdbx_struct_assembly.oligomeric_count     2 
# 
loop_
_pdbx_struct_assembly_prop.biol_id 
_pdbx_struct_assembly_prop.type 
_pdbx_struct_assembly_prop.value 
_pdbx_struct_assembly_prop.details 
1 'ABSA (A^2)' 4080  ? 
1 MORE         -56   ? 
1 'SSA (A^2)'  16040 ? 
# 
_pdbx_struct_assembly_gen.assembly_id       1 
_pdbx_struct_assembly_gen.oper_expression   1,2 
_pdbx_struct_assembly_gen.asym_id_list      A,B,C,D,E 
# 
loop_
_pdbx_struct_oper_list.id 
_pdbx_struct_oper_list.type 
_pdbx_struct_oper_list.name 
_pdbx_struct_oper_list.symmetry_operation 
_pdbx_struct_oper_list.matrix[1][1] 
_pdbx_struct_oper_list.matrix[1][2] 
_pdbx_struct_oper_list.matrix[1][3] 
_pdbx_struct_oper_list.vector[1] 
_pdbx_struct_oper_list.matrix[2][1] 
_pdbx_struct_oper_list.matrix[2][2] 
_pdbx_struct_oper_list.matrix[2][3] 
_pdbx_struct_oper_list.vector[2] 
_pdbx_struct_oper_list.matrix[3][1] 
_pdbx_struct_oper_list.matrix[3][2] 
_pdbx_struct_oper_list.matrix[3][3] 
_pdbx_struct_oper_list.vector[3] 
1 'identity operation'         1_555 x,y,z        1.0000000000  0.0000000000  0.0000000000 0.0000000000  0.0000000000  1.0000000000  0.0000000000  0.0000000000 0.0000000000 0.0000000000  1.0000000000  0.0000000000   
2 'crystal symmetry operation' 8_554 -y,-x,-z-1/2 -0.3534098227 -0.5595529509 0.7496679214 27.9921649032 -0.5595529509 -0.5157682317 -0.6487554441 6.9148982095 0.7496679214 -0.6487554441 -0.1308219456 -18.9820142553 
# 
_struct_biol.id        1 
_struct_biol.details   ? 
# 
loop_
_struct_conf.conf_type_id 
_struct_conf.id 
_struct_conf.pdbx_PDB_helix_id 
_struct_conf.beg_label_comp_id 
_struct_conf.beg_label_asym_id 
_struct_conf.beg_label_seq_id 
_struct_conf.pdbx_beg_PDB_ins_code 
_struct_conf.end_label_comp_id 
_struct_conf.end_label_asym_id 
_struct_conf.end_label_seq_id 
_struct_conf.pdbx_end_PDB_ins_code 
_struct_conf.beg_auth_comp_id 
_struct_conf.beg_auth_asym_id 
_struct_conf.beg_auth_seq_id 
_struct_conf.end_auth_comp_id 
_struct_conf.end_auth_asym_id 
_struct_conf.end_auth_seq_id 
_struct_conf.pdbx_PDB_helix_class 
_struct_conf.details 
_struct_conf.pdbx_PDB_helix_length 
HELX_P HELX_P1 1 SER A 12  ? GLU A 14  ? SER A 9   GLU A 11  5 ? 3  
HELX_P HELX_P2 2 ASP A 15  ? TYR A 31  ? ASP A 12  TYR A 28  1 ? 17 
HELX_P HELX_P3 3 SER A 36  ? TYR A 48  ? SER A 33  TYR A 45  1 ? 13 
HELX_P HELX_P4 4 SER A 49  ? SER A 62  ? SER A 46  SER A 59  1 ? 14 
HELX_P HELX_P5 5 PRO A 99  ? THR A 102 ? PRO A 96  THR A 99  5 ? 4  
HELX_P HELX_P6 6 LYS A 105 ? GLY A 122 ? LYS A 102 GLY A 119 1 ? 18 
HELX_P HELX_P7 7 ASN A 134 ? ASN A 144 ? ASN A 131 ASN A 141 1 ? 11 
# 
_struct_conf_type.id          HELX_P 
_struct_conf_type.criteria    ? 
_struct_conf_type.reference   ? 
# 
loop_
_struct_conn.id 
_struct_conn.conn_type_id 
_struct_conn.pdbx_leaving_atom_flag 
_struct_conn.pdbx_PDB_id 
_struct_conn.ptnr1_label_asym_id 
_struct_conn.ptnr1_label_comp_id 
_struct_conn.ptnr1_label_seq_id 
_struct_conn.ptnr1_label_atom_id 
_struct_conn.pdbx_ptnr1_label_alt_id 
_struct_conn.pdbx_ptnr1_PDB_ins_code 
_struct_conn.pdbx_ptnr1_standard_comp_id 
_struct_conn.ptnr1_symmetry 
_struct_conn.ptnr2_label_asym_id 
_struct_conn.ptnr2_label_comp_id 
_struct_conn.ptnr2_label_seq_id 
_struct_conn.ptnr2_label_atom_id 
_struct_conn.pdbx_ptnr2_label_alt_id 
_struct_conn.pdbx_ptnr2_PDB_ins_code 
_struct_conn.ptnr1_auth_asym_id 
_struct_conn.ptnr1_auth_comp_id 
_struct_conn.ptnr1_auth_seq_id 
_struct_conn.ptnr2_auth_asym_id 
_struct_conn.ptnr2_auth_comp_id 
_struct_conn.ptnr2_auth_seq_id 
_struct_conn.ptnr2_symmetry 
_struct_conn.pdbx_ptnr3_label_atom_id 
_struct_conn.pdbx_ptnr3_label_seq_id 
_struct_conn.pdbx_ptnr3_label_comp_id 
_struct_conn.pdbx_ptnr3_label_asym_id 
_struct_conn.pdbx_ptnr3_label_alt_id 
_struct_conn.pdbx_ptnr3_PDB_ins_code 
_struct_conn.details 
_struct_conn.pdbx_dist_value 
_struct_conn.pdbx_value_order 
_struct_conn.pdbx_role 
covale1 covale both ? A MSE 4   C   ? ? ? 1_555 A SER 5   N   ? ? A MSE 1   A SER 2   1_555 ? ? ? ? ? ? ? 1.329 ? ? 
covale2 covale both ? A ILE 117 C   ? ? ? 1_555 A MSE 118 N   ? ? A ILE 114 A MSE 115 1_555 ? ? ? ? ? ? ? 1.334 ? ? 
covale3 covale both ? A MSE 118 C   ? ? ? 1_555 A LYS 119 N   ? ? A MSE 115 A LYS 116 1_555 ? ? ? ? ? ? ? 1.329 ? ? 
covale4 covale both ? A ILE 157 C   ? ? ? 1_555 A MSE 158 N   ? ? A ILE 154 A MSE 155 1_555 ? ? ? ? ? ? ? 1.330 ? ? 
covale5 covale both ? A MSE 158 C   ? ? ? 1_555 A GLU 159 N   ? ? A MSE 155 A GLU 156 1_555 ? ? ? ? ? ? ? 1.322 ? ? 
metalc1 metalc ?    ? A HIS 103 NE2 ? ? ? 1_555 B NI  .   NI  ? ? A HIS 100 A NI  160 1_555 ? ? ? ? ? ? ? 2.081 ? ? 
metalc2 metalc ?    ? B NI  .   NI  ? ? ? 1_555 D ACO .   O8A ? ? A NI  160 A ACO 162 1_555 ? ? ? ? ? ? ? 1.947 ? ? 
# 
loop_
_struct_conn_type.id 
_struct_conn_type.criteria 
_struct_conn_type.reference 
covale ? ? 
metalc ? ? 
# 
_pdbx_struct_conn_angle.id                    1 
_pdbx_struct_conn_angle.ptnr1_label_atom_id   NE2 
_pdbx_struct_conn_angle.ptnr1_label_alt_id    ? 
_pdbx_struct_conn_angle.ptnr1_label_asym_id   A 
_pdbx_struct_conn_angle.ptnr1_label_comp_id   HIS 
_pdbx_struct_conn_angle.ptnr1_label_seq_id    103 
_pdbx_struct_conn_angle.ptnr1_auth_atom_id    ? 
_pdbx_struct_conn_angle.ptnr1_auth_asym_id    A 
_pdbx_struct_conn_angle.ptnr1_auth_comp_id    HIS 
_pdbx_struct_conn_angle.ptnr1_auth_seq_id     100 
_pdbx_struct_conn_angle.ptnr1_PDB_ins_code    ? 
_pdbx_struct_conn_angle.ptnr1_symmetry        1_555 
_pdbx_struct_conn_angle.ptnr2_label_atom_id   NI 
_pdbx_struct_conn_angle.ptnr2_label_alt_id    ? 
_pdbx_struct_conn_angle.ptnr2_label_asym_id   B 
_pdbx_struct_conn_angle.ptnr2_label_comp_id   NI 
_pdbx_struct_conn_angle.ptnr2_label_seq_id    . 
_pdbx_struct_conn_angle.ptnr2_auth_atom_id    ? 
_pdbx_struct_conn_angle.ptnr2_auth_asym_id    A 
_pdbx_struct_conn_angle.ptnr2_auth_comp_id    NI 
_pdbx_struct_conn_angle.ptnr2_auth_seq_id     160 
_pdbx_struct_conn_angle.ptnr2_PDB_ins_code    ? 
_pdbx_struct_conn_angle.ptnr2_symmetry        1_555 
_pdbx_struct_conn_angle.ptnr3_label_atom_id   O8A 
_pdbx_struct_conn_angle.ptnr3_label_alt_id    ? 
_pdbx_struct_conn_angle.ptnr3_label_asym_id   D 
_pdbx_struct_conn_angle.ptnr3_label_comp_id   ACO 
_pdbx_struct_conn_angle.ptnr3_label_seq_id    . 
_pdbx_struct_conn_angle.ptnr3_auth_atom_id    ? 
_pdbx_struct_conn_angle.ptnr3_auth_asym_id    A 
_pdbx_struct_conn_angle.ptnr3_auth_comp_id    ACO 
_pdbx_struct_conn_angle.ptnr3_auth_seq_id     162 
_pdbx_struct_conn_angle.ptnr3_PDB_ins_code    ? 
_pdbx_struct_conn_angle.ptnr3_symmetry        1_555 
_pdbx_struct_conn_angle.value                 109.3 
_pdbx_struct_conn_angle.value_esd             ? 
# 
loop_
_pdbx_modification_feature.ordinal 
_pdbx_modification_feature.label_comp_id 
_pdbx_modification_feature.label_asym_id 
_pdbx_modification_feature.label_seq_id 
_pdbx_modification_feature.label_alt_id 
_pdbx_modification_feature.modified_residue_label_comp_id 
_pdbx_modification_feature.modified_residue_label_asym_id 
_pdbx_modification_feature.modified_residue_label_seq_id 
_pdbx_modification_feature.modified_residue_label_alt_id 
_pdbx_modification_feature.auth_comp_id 
_pdbx_modification_feature.auth_asym_id 
_pdbx_modification_feature.auth_seq_id 
_pdbx_modification_feature.PDB_ins_code 
_pdbx_modification_feature.symmetry 
_pdbx_modification_feature.modified_residue_auth_comp_id 
_pdbx_modification_feature.modified_residue_auth_asym_id 
_pdbx_modification_feature.modified_residue_auth_seq_id 
_pdbx_modification_feature.modified_residue_PDB_ins_code 
_pdbx_modification_feature.modified_residue_symmetry 
_pdbx_modification_feature.comp_id_linking_atom 
_pdbx_modification_feature.modified_residue_id_linking_atom 
_pdbx_modification_feature.modified_residue_id 
_pdbx_modification_feature.ref_pcm_id 
_pdbx_modification_feature.ref_comp_id 
_pdbx_modification_feature.type 
_pdbx_modification_feature.category 
1 MSE A 4   ? . . . . MSE A 1   ? 1_555 . . . . . . . MET 1 MSE Selenomethionine 'Named protein modification' 
2 MSE A 118 ? . . . . MSE A 115 ? 1_555 . . . . . . . MET 1 MSE Selenomethionine 'Named protein modification' 
3 MSE A 158 ? . . . . MSE A 155 ? 1_555 . . . . . . . MET 1 MSE Selenomethionine 'Named protein modification' 
# 
_struct_sheet.id               A 
_struct_sheet.type             ? 
_struct_sheet.number_strands   7 
_struct_sheet.details          ? 
# 
loop_
_struct_sheet_order.sheet_id 
_struct_sheet_order.range_id_1 
_struct_sheet_order.range_id_2 
_struct_sheet_order.offset 
_struct_sheet_order.sense 
A 1 2 ? anti-parallel 
A 2 3 ? anti-parallel 
A 3 4 ? anti-parallel 
A 4 5 ? parallel      
A 5 6 ? anti-parallel 
A 6 7 ? anti-parallel 
# 
loop_
_struct_sheet_range.sheet_id 
_struct_sheet_range.id 
_struct_sheet_range.beg_label_comp_id 
_struct_sheet_range.beg_label_asym_id 
_struct_sheet_range.beg_label_seq_id 
_struct_sheet_range.pdbx_beg_PDB_ins_code 
_struct_sheet_range.end_label_comp_id 
_struct_sheet_range.end_label_asym_id 
_struct_sheet_range.end_label_seq_id 
_struct_sheet_range.pdbx_end_PDB_ins_code 
_struct_sheet_range.beg_auth_comp_id 
_struct_sheet_range.beg_auth_asym_id 
_struct_sheet_range.beg_auth_seq_id 
_struct_sheet_range.end_auth_comp_id 
_struct_sheet_range.end_auth_asym_id 
_struct_sheet_range.end_auth_seq_id 
A 1 ILE A 6   ? LYS A 10  ? ILE A 3   LYS A 7   
A 2 ILE A 66  ? ALA A 73  ? ILE A 63  ALA A 70  
A 3 THR A 76  ? ILE A 86  ? THR A 73  ILE A 83  
A 4 LYS A 89  ? LEU A 97  ? LYS A 86  LEU A 94  
A 5 GLU A 125 ? HIS A 131 ? GLU A 122 HIS A 128 
A 6 ASP A 155 ? LYS A 161 ? ASP A 152 LYS A 158 
A 7 LYS A 147 ? ASP A 152 ? LYS A 144 ASP A 149 
# 
loop_
_pdbx_struct_sheet_hbond.sheet_id 
_pdbx_struct_sheet_hbond.range_id_1 
_pdbx_struct_sheet_hbond.range_id_2 
_pdbx_struct_sheet_hbond.range_1_label_atom_id 
_pdbx_struct_sheet_hbond.range_1_label_comp_id 
_pdbx_struct_sheet_hbond.range_1_label_asym_id 
_pdbx_struct_sheet_hbond.range_1_label_seq_id 
_pdbx_struct_sheet_hbond.range_1_PDB_ins_code 
_pdbx_struct_sheet_hbond.range_1_auth_atom_id 
_pdbx_struct_sheet_hbond.range_1_auth_comp_id 
_pdbx_struct_sheet_hbond.range_1_auth_asym_id 
_pdbx_struct_sheet_hbond.range_1_auth_seq_id 
_pdbx_struct_sheet_hbond.range_2_label_atom_id 
_pdbx_struct_sheet_hbond.range_2_label_comp_id 
_pdbx_struct_sheet_hbond.range_2_label_asym_id 
_pdbx_struct_sheet_hbond.range_2_label_seq_id 
_pdbx_struct_sheet_hbond.range_2_PDB_ins_code 
_pdbx_struct_sheet_hbond.range_2_auth_atom_id 
_pdbx_struct_sheet_hbond.range_2_auth_comp_id 
_pdbx_struct_sheet_hbond.range_2_auth_asym_id 
_pdbx_struct_sheet_hbond.range_2_auth_seq_id 
A 1 2 N GLU A 7   ? N GLU A 4   O PHE A 72  ? O PHE A 69  
A 2 3 N LEU A 67  ? N LEU A 64  O LEU A 83  ? O LEU A 80  
A 3 4 N GLU A 82  ? N GLU A 79  O ARG A 94  ? O ARG A 91  
A 4 5 N LEU A 92  ? N LEU A 89  O ARG A 127 ? O ARG A 124 
A 5 6 N CYS A 126 ? N CYS A 123 O LYS A 160 ? O LYS A 157 
A 6 7 O ILE A 157 ? O ILE A 154 N ASP A 150 ? N ASP A 147 
# 
loop_
_struct_site.id 
_struct_site.pdbx_evidence_code 
_struct_site.pdbx_auth_asym_id 
_struct_site.pdbx_auth_comp_id 
_struct_site.pdbx_auth_seq_id 
_struct_site.pdbx_auth_ins_code 
_struct_site.pdbx_num_residues 
_struct_site.details 
AC1 Software A NI  160 ? 2  'BINDING SITE FOR RESIDUE NI A 160'  
AC2 Software A CL  161 ? 4  'BINDING SITE FOR RESIDUE CL A 161'  
AC3 Software A ACO 162 ? 33 'BINDING SITE FOR RESIDUE ACO A 162' 
# 
loop_
_struct_site_gen.id 
_struct_site_gen.site_id 
_struct_site_gen.pdbx_num_res 
_struct_site_gen.label_comp_id 
_struct_site_gen.label_asym_id 
_struct_site_gen.label_seq_id 
_struct_site_gen.pdbx_auth_ins_code 
_struct_site_gen.auth_comp_id 
_struct_site_gen.auth_asym_id 
_struct_site_gen.auth_seq_id 
_struct_site_gen.label_atom_id 
_struct_site_gen.label_alt_id 
_struct_site_gen.symmetry 
_struct_site_gen.details 
1  AC1 2  HIS A 103 ? HIS A 100 . ? 1_555 ? 
2  AC1 2  ACO D .   ? ACO A 162 . ? 1_555 ? 
3  AC2 4  TYR A 31  ? TYR A 28  . ? 1_555 ? 
4  AC2 4  HIS A 131 ? HIS A 128 . ? 1_555 ? 
5  AC2 4  ASN A 134 ? ASN A 131 . ? 1_555 ? 
6  AC2 4  ACO D .   ? ACO A 162 . ? 1_555 ? 
7  AC3 33 TRP A 29  ? TRP A 26  . ? 1_555 ? 
8  AC3 33 THR A 30  ? THR A 27  . ? 1_555 ? 
9  AC3 33 LEU A 92  ? LEU A 89  . ? 1_555 ? 
10 AC3 33 ARG A 94  ? ARG A 91  . ? 1_555 ? 
11 AC3 33 LEU A 95  ? LEU A 92  . ? 1_555 ? 
12 AC3 33 TYR A 96  ? TYR A 93  . ? 1_555 ? 
13 AC3 33 LEU A 97  ? LEU A 94  . ? 1_555 ? 
14 AC3 33 THR A 102 ? THR A 99  . ? 1_555 ? 
15 AC3 33 HIS A 103 ? HIS A 100 . ? 1_555 ? 
16 AC3 33 LYS A 104 ? LYS A 101 . ? 1_555 ? 
17 AC3 33 LYS A 105 ? LYS A 102 . ? 1_555 ? 
18 AC3 33 ILE A 106 ? ILE A 103 . ? 1_555 ? 
19 AC3 33 GLY A 107 ? GLY A 104 . ? 1_555 ? 
20 AC3 33 LYS A 108 ? LYS A 105 . ? 1_555 ? 
21 AC3 33 TYR A 129 ? TYR A 126 . ? 1_555 ? 
22 AC3 33 ASN A 134 ? ASN A 131 . ? 1_555 ? 
23 AC3 33 VAL A 136 ? VAL A 133 . ? 1_555 ? 
24 AC3 33 GLY A 137 ? GLY A 134 . ? 1_555 ? 
25 AC3 33 SER A 139 ? SER A 136 . ? 1_555 ? 
26 AC3 33 PHE A 140 ? PHE A 137 . ? 1_555 ? 
27 AC3 33 TYR A 141 ? TYR A 138 . ? 1_555 ? 
28 AC3 33 LYS A 143 ? LYS A 140 . ? 1_555 ? 
29 AC3 33 NI  B .   ? NI  A 160 . ? 1_555 ? 
30 AC3 33 CL  C .   ? CL  A 161 . ? 1_555 ? 
31 AC3 33 HOH E .   ? HOH A 168 . ? 1_555 ? 
32 AC3 33 HOH E .   ? HOH A 171 . ? 1_555 ? 
33 AC3 33 HOH E .   ? HOH A 174 . ? 1_555 ? 
34 AC3 33 HOH E .   ? HOH A 175 . ? 1_555 ? 
35 AC3 33 HOH E .   ? HOH A 176 . ? 1_555 ? 
36 AC3 33 HOH E .   ? HOH A 184 . ? 1_555 ? 
37 AC3 33 HOH E .   ? HOH A 185 . ? 1_555 ? 
38 AC3 33 HOH E .   ? HOH A 226 . ? 1_555 ? 
39 AC3 33 HOH E .   ? HOH A 227 . ? 1_555 ? 
# 
_pdbx_entry_details.entry_id                   3F0A 
_pdbx_entry_details.compound_details           ? 
_pdbx_entry_details.source_details             ? 
_pdbx_entry_details.nonpolymer_details         ? 
_pdbx_entry_details.sequence_details           ? 
_pdbx_entry_details.has_ligand_of_interest     ? 
_pdbx_entry_details.has_protein_modification   Y 
# 
loop_
_pdbx_validate_torsion.id 
_pdbx_validate_torsion.PDB_model_num 
_pdbx_validate_torsion.auth_comp_id 
_pdbx_validate_torsion.auth_asym_id 
_pdbx_validate_torsion.auth_seq_id 
_pdbx_validate_torsion.PDB_ins_code 
_pdbx_validate_torsion.label_alt_id 
_pdbx_validate_torsion.phi 
_pdbx_validate_torsion.psi 
1 1 LEU A 61 ? ? -100.43 -117.85 
2 1 SER A 72 ? ? 87.57   -5.59   
3 1 ALA A 84 ? ? 54.05   -132.42 
# 
_pdbx_SG_project.id                    1 
_pdbx_SG_project.project_name          'PSI, Protein Structure Initiative' 
_pdbx_SG_project.full_name_of_center   'Midwest Center for Structural Genomics' 
_pdbx_SG_project.initial_of_center     MCSG 
# 
loop_
_pdbx_struct_mod_residue.id 
_pdbx_struct_mod_residue.label_asym_id 
_pdbx_struct_mod_residue.label_comp_id 
_pdbx_struct_mod_residue.label_seq_id 
_pdbx_struct_mod_residue.auth_asym_id 
_pdbx_struct_mod_residue.auth_comp_id 
_pdbx_struct_mod_residue.auth_seq_id 
_pdbx_struct_mod_residue.PDB_ins_code 
_pdbx_struct_mod_residue.parent_comp_id 
_pdbx_struct_mod_residue.details 
1 A MSE 4   A MSE 1   ? MET SELENOMETHIONINE 
2 A MSE 118 A MSE 115 ? MET SELENOMETHIONINE 
3 A MSE 158 A MSE 155 ? MET SELENOMETHIONINE 
# 
_pdbx_struct_special_symmetry.id              1 
_pdbx_struct_special_symmetry.PDB_model_num   1 
_pdbx_struct_special_symmetry.auth_asym_id    A 
_pdbx_struct_special_symmetry.auth_comp_id    NI 
_pdbx_struct_special_symmetry.auth_seq_id     160 
_pdbx_struct_special_symmetry.PDB_ins_code    ? 
_pdbx_struct_special_symmetry.label_asym_id   B 
_pdbx_struct_special_symmetry.label_comp_id   NI 
_pdbx_struct_special_symmetry.label_seq_id    . 
# 
_pdbx_refine_tls.id               1 
_pdbx_refine_tls.details          ? 
_pdbx_refine_tls.method           refined 
_pdbx_refine_tls.origin_x         0.0008 
_pdbx_refine_tls.origin_y         -0.3436 
_pdbx_refine_tls.origin_z         -0.2701 
_pdbx_refine_tls.T[1][1]          0.0396 
_pdbx_refine_tls.T[2][2]          0.0711 
_pdbx_refine_tls.T[3][3]          0.1721 
_pdbx_refine_tls.T[1][2]          -0.0342 
_pdbx_refine_tls.T[1][3]          -0.0077 
_pdbx_refine_tls.T[2][3]          0.0027 
_pdbx_refine_tls.L[1][1]          5.6300 
_pdbx_refine_tls.L[2][2]          3.0438 
_pdbx_refine_tls.L[3][3]          1.9990 
_pdbx_refine_tls.L[1][2]          -1.0442 
_pdbx_refine_tls.L[1][3]          -0.0183 
_pdbx_refine_tls.L[2][3]          0.4930 
_pdbx_refine_tls.S[1][1]          -0.1528 
_pdbx_refine_tls.S[1][2]          -0.0359 
_pdbx_refine_tls.S[1][3]          0.0492 
_pdbx_refine_tls.S[2][1]          0.0861 
_pdbx_refine_tls.S[2][2]          -0.0159 
_pdbx_refine_tls.S[2][3]          0.2397 
_pdbx_refine_tls.S[3][1]          -0.0743 
_pdbx_refine_tls.S[3][2]          -0.1633 
_pdbx_refine_tls.S[3][3]          0.1688 
_pdbx_refine_tls.pdbx_refine_id   'X-RAY DIFFRACTION' 
# 
_pdbx_refine_tls_group.id                  1 
_pdbx_refine_tls_group.refine_tls_id       1 
_pdbx_refine_tls_group.beg_auth_asym_id    A 
_pdbx_refine_tls_group.beg_auth_seq_id     1 
_pdbx_refine_tls_group.beg_label_asym_id   ? 
_pdbx_refine_tls_group.beg_label_seq_id    ? 
_pdbx_refine_tls_group.end_auth_asym_id    A 
_pdbx_refine_tls_group.end_auth_seq_id     159 
_pdbx_refine_tls_group.end_label_asym_id   ? 
_pdbx_refine_tls_group.end_label_seq_id    ? 
_pdbx_refine_tls_group.selection           ? 
_pdbx_refine_tls_group.selection_details   ? 
_pdbx_refine_tls_group.pdbx_refine_id      'X-RAY DIFFRACTION' 
# 
loop_
_pdbx_unobs_or_zero_occ_residues.id 
_pdbx_unobs_or_zero_occ_residues.PDB_model_num 
_pdbx_unobs_or_zero_occ_residues.polymer_flag 
_pdbx_unobs_or_zero_occ_residues.occupancy_flag 
_pdbx_unobs_or_zero_occ_residues.auth_asym_id 
_pdbx_unobs_or_zero_occ_residues.auth_comp_id 
_pdbx_unobs_or_zero_occ_residues.auth_seq_id 
_pdbx_unobs_or_zero_occ_residues.PDB_ins_code 
_pdbx_unobs_or_zero_occ_residues.label_asym_id 
_pdbx_unobs_or_zero_occ_residues.label_comp_id 
_pdbx_unobs_or_zero_occ_residues.label_seq_id 
1 1 Y 1 A SER -2 ? A SER 1 
2 1 Y 1 A ASN -1 ? A ASN 2 
3 1 Y 1 A ALA 0  ? A ALA 3 
# 
loop_
_chem_comp_atom.comp_id 
_chem_comp_atom.atom_id 
_chem_comp_atom.type_symbol 
_chem_comp_atom.pdbx_aromatic_flag 
_chem_comp_atom.pdbx_stereo_config 
_chem_comp_atom.pdbx_ordinal 
ACO N1A  N  Y N 1   
ACO C2A  C  Y N 2   
ACO N3A  N  Y N 3   
ACO C4A  C  Y N 4   
ACO C5A  C  Y N 5   
ACO C6A  C  Y N 6   
ACO N6A  N  N N 7   
ACO N7A  N  Y N 8   
ACO C8A  C  Y N 9   
ACO N9A  N  Y N 10  
ACO C1B  C  N R 11  
ACO C2B  C  N R 12  
ACO O2B  O  N N 13  
ACO C3B  C  N S 14  
ACO O3B  O  N N 15  
ACO P3B  P  N N 16  
ACO O7A  O  N N 17  
ACO O8A  O  N N 18  
ACO O9A  O  N N 19  
ACO C4B  C  N R 20  
ACO O4B  O  N N 21  
ACO C5B  C  N N 22  
ACO O5B  O  N N 23  
ACO P1A  P  N S 24  
ACO O1A  O  N N 25  
ACO O2A  O  N N 26  
ACO O3A  O  N N 27  
ACO P2A  P  N S 28  
ACO O4A  O  N N 29  
ACO O5A  O  N N 30  
ACO O6A  O  N N 31  
ACO CBP  C  N N 32  
ACO CCP  C  N N 33  
ACO CDP  C  N N 34  
ACO CEP  C  N N 35  
ACO CAP  C  N R 36  
ACO OAP  O  N N 37  
ACO C9P  C  N N 38  
ACO O9P  O  N N 39  
ACO N8P  N  N N 40  
ACO C7P  C  N N 41  
ACO C6P  C  N N 42  
ACO C5P  C  N N 43  
ACO O5P  O  N N 44  
ACO N4P  N  N N 45  
ACO C3P  C  N N 46  
ACO C2P  C  N N 47  
ACO S1P  S  N N 48  
ACO C    C  N N 49  
ACO O    O  N N 50  
ACO CH3  C  N N 51  
ACO H2A  H  N N 52  
ACO H61A H  N N 53  
ACO H62A H  N N 54  
ACO H8A  H  N N 55  
ACO H1B  H  N N 56  
ACO H2B  H  N N 57  
ACO HO2A H  N N 58  
ACO H3B  H  N N 59  
ACO HOA8 H  N N 60  
ACO HOA9 H  N N 61  
ACO H4B  H  N N 62  
ACO H51A H  N N 63  
ACO H52A H  N N 64  
ACO HOA2 H  N N 65  
ACO HOA5 H  N N 66  
ACO H121 H  N N 67  
ACO H122 H  N N 68  
ACO H131 H  N N 69  
ACO H132 H  N N 70  
ACO H133 H  N N 71  
ACO H141 H  N N 72  
ACO H142 H  N N 73  
ACO H143 H  N N 74  
ACO H10  H  N N 75  
ACO HO1  H  N N 76  
ACO HN8  H  N N 77  
ACO H71  H  N N 78  
ACO H72  H  N N 79  
ACO H61  H  N N 80  
ACO H62  H  N N 81  
ACO HN4  H  N N 82  
ACO H31  H  N N 83  
ACO H32  H  N N 84  
ACO H21  H  N N 85  
ACO H22  H  N N 86  
ACO HH31 H  N N 87  
ACO HH32 H  N N 88  
ACO HH33 H  N N 89  
ALA N    N  N N 90  
ALA CA   C  N S 91  
ALA C    C  N N 92  
ALA O    O  N N 93  
ALA CB   C  N N 94  
ALA OXT  O  N N 95  
ALA H    H  N N 96  
ALA H2   H  N N 97  
ALA HA   H  N N 98  
ALA HB1  H  N N 99  
ALA HB2  H  N N 100 
ALA HB3  H  N N 101 
ALA HXT  H  N N 102 
ARG N    N  N N 103 
ARG CA   C  N S 104 
ARG C    C  N N 105 
ARG O    O  N N 106 
ARG CB   C  N N 107 
ARG CG   C  N N 108 
ARG CD   C  N N 109 
ARG NE   N  N N 110 
ARG CZ   C  N N 111 
ARG NH1  N  N N 112 
ARG NH2  N  N N 113 
ARG OXT  O  N N 114 
ARG H    H  N N 115 
ARG H2   H  N N 116 
ARG HA   H  N N 117 
ARG HB2  H  N N 118 
ARG HB3  H  N N 119 
ARG HG2  H  N N 120 
ARG HG3  H  N N 121 
ARG HD2  H  N N 122 
ARG HD3  H  N N 123 
ARG HE   H  N N 124 
ARG HH11 H  N N 125 
ARG HH12 H  N N 126 
ARG HH21 H  N N 127 
ARG HH22 H  N N 128 
ARG HXT  H  N N 129 
ASN N    N  N N 130 
ASN CA   C  N S 131 
ASN C    C  N N 132 
ASN O    O  N N 133 
ASN CB   C  N N 134 
ASN CG   C  N N 135 
ASN OD1  O  N N 136 
ASN ND2  N  N N 137 
ASN OXT  O  N N 138 
ASN H    H  N N 139 
ASN H2   H  N N 140 
ASN HA   H  N N 141 
ASN HB2  H  N N 142 
ASN HB3  H  N N 143 
ASN HD21 H  N N 144 
ASN HD22 H  N N 145 
ASN HXT  H  N N 146 
ASP N    N  N N 147 
ASP CA   C  N S 148 
ASP C    C  N N 149 
ASP O    O  N N 150 
ASP CB   C  N N 151 
ASP CG   C  N N 152 
ASP OD1  O  N N 153 
ASP OD2  O  N N 154 
ASP OXT  O  N N 155 
ASP H    H  N N 156 
ASP H2   H  N N 157 
ASP HA   H  N N 158 
ASP HB2  H  N N 159 
ASP HB3  H  N N 160 
ASP HD2  H  N N 161 
ASP HXT  H  N N 162 
CL  CL   CL N N 163 
CYS N    N  N N 164 
CYS CA   C  N R 165 
CYS C    C  N N 166 
CYS O    O  N N 167 
CYS CB   C  N N 168 
CYS SG   S  N N 169 
CYS OXT  O  N N 170 
CYS H    H  N N 171 
CYS H2   H  N N 172 
CYS HA   H  N N 173 
CYS HB2  H  N N 174 
CYS HB3  H  N N 175 
CYS HG   H  N N 176 
CYS HXT  H  N N 177 
GLN N    N  N N 178 
GLN CA   C  N S 179 
GLN C    C  N N 180 
GLN O    O  N N 181 
GLN CB   C  N N 182 
GLN CG   C  N N 183 
GLN CD   C  N N 184 
GLN OE1  O  N N 185 
GLN NE2  N  N N 186 
GLN OXT  O  N N 187 
GLN H    H  N N 188 
GLN H2   H  N N 189 
GLN HA   H  N N 190 
GLN HB2  H  N N 191 
GLN HB3  H  N N 192 
GLN HG2  H  N N 193 
GLN HG3  H  N N 194 
GLN HE21 H  N N 195 
GLN HE22 H  N N 196 
GLN HXT  H  N N 197 
GLU N    N  N N 198 
GLU CA   C  N S 199 
GLU C    C  N N 200 
GLU O    O  N N 201 
GLU CB   C  N N 202 
GLU CG   C  N N 203 
GLU CD   C  N N 204 
GLU OE1  O  N N 205 
GLU OE2  O  N N 206 
GLU OXT  O  N N 207 
GLU H    H  N N 208 
GLU H2   H  N N 209 
GLU HA   H  N N 210 
GLU HB2  H  N N 211 
GLU HB3  H  N N 212 
GLU HG2  H  N N 213 
GLU HG3  H  N N 214 
GLU HE2  H  N N 215 
GLU HXT  H  N N 216 
GLY N    N  N N 217 
GLY CA   C  N N 218 
GLY C    C  N N 219 
GLY O    O  N N 220 
GLY OXT  O  N N 221 
GLY H    H  N N 222 
GLY H2   H  N N 223 
GLY HA2  H  N N 224 
GLY HA3  H  N N 225 
GLY HXT  H  N N 226 
HIS N    N  N N 227 
HIS CA   C  N S 228 
HIS C    C  N N 229 
HIS O    O  N N 230 
HIS CB   C  N N 231 
HIS CG   C  Y N 232 
HIS ND1  N  Y N 233 
HIS CD2  C  Y N 234 
HIS CE1  C  Y N 235 
HIS NE2  N  Y N 236 
HIS OXT  O  N N 237 
HIS H    H  N N 238 
HIS H2   H  N N 239 
HIS HA   H  N N 240 
HIS HB2  H  N N 241 
HIS HB3  H  N N 242 
HIS HD1  H  N N 243 
HIS HD2  H  N N 244 
HIS HE1  H  N N 245 
HIS HE2  H  N N 246 
HIS HXT  H  N N 247 
HOH O    O  N N 248 
HOH H1   H  N N 249 
HOH H2   H  N N 250 
ILE N    N  N N 251 
ILE CA   C  N S 252 
ILE C    C  N N 253 
ILE O    O  N N 254 
ILE CB   C  N S 255 
ILE CG1  C  N N 256 
ILE CG2  C  N N 257 
ILE CD1  C  N N 258 
ILE OXT  O  N N 259 
ILE H    H  N N 260 
ILE H2   H  N N 261 
ILE HA   H  N N 262 
ILE HB   H  N N 263 
ILE HG12 H  N N 264 
ILE HG13 H  N N 265 
ILE HG21 H  N N 266 
ILE HG22 H  N N 267 
ILE HG23 H  N N 268 
ILE HD11 H  N N 269 
ILE HD12 H  N N 270 
ILE HD13 H  N N 271 
ILE HXT  H  N N 272 
LEU N    N  N N 273 
LEU CA   C  N S 274 
LEU C    C  N N 275 
LEU O    O  N N 276 
LEU CB   C  N N 277 
LEU CG   C  N N 278 
LEU CD1  C  N N 279 
LEU CD2  C  N N 280 
LEU OXT  O  N N 281 
LEU H    H  N N 282 
LEU H2   H  N N 283 
LEU HA   H  N N 284 
LEU HB2  H  N N 285 
LEU HB3  H  N N 286 
LEU HG   H  N N 287 
LEU HD11 H  N N 288 
LEU HD12 H  N N 289 
LEU HD13 H  N N 290 
LEU HD21 H  N N 291 
LEU HD22 H  N N 292 
LEU HD23 H  N N 293 
LEU HXT  H  N N 294 
LYS N    N  N N 295 
LYS CA   C  N S 296 
LYS C    C  N N 297 
LYS O    O  N N 298 
LYS CB   C  N N 299 
LYS CG   C  N N 300 
LYS CD   C  N N 301 
LYS CE   C  N N 302 
LYS NZ   N  N N 303 
LYS OXT  O  N N 304 
LYS H    H  N N 305 
LYS H2   H  N N 306 
LYS HA   H  N N 307 
LYS HB2  H  N N 308 
LYS HB3  H  N N 309 
LYS HG2  H  N N 310 
LYS HG3  H  N N 311 
LYS HD2  H  N N 312 
LYS HD3  H  N N 313 
LYS HE2  H  N N 314 
LYS HE3  H  N N 315 
LYS HZ1  H  N N 316 
LYS HZ2  H  N N 317 
LYS HZ3  H  N N 318 
LYS HXT  H  N N 319 
MSE N    N  N N 320 
MSE CA   C  N S 321 
MSE C    C  N N 322 
MSE O    O  N N 323 
MSE OXT  O  N N 324 
MSE CB   C  N N 325 
MSE CG   C  N N 326 
MSE SE   SE N N 327 
MSE CE   C  N N 328 
MSE H    H  N N 329 
MSE H2   H  N N 330 
MSE HA   H  N N 331 
MSE HXT  H  N N 332 
MSE HB2  H  N N 333 
MSE HB3  H  N N 334 
MSE HG2  H  N N 335 
MSE HG3  H  N N 336 
MSE HE1  H  N N 337 
MSE HE2  H  N N 338 
MSE HE3  H  N N 339 
NI  NI   NI N N 340 
PHE N    N  N N 341 
PHE CA   C  N S 342 
PHE C    C  N N 343 
PHE O    O  N N 344 
PHE CB   C  N N 345 
PHE CG   C  Y N 346 
PHE CD1  C  Y N 347 
PHE CD2  C  Y N 348 
PHE CE1  C  Y N 349 
PHE CE2  C  Y N 350 
PHE CZ   C  Y N 351 
PHE OXT  O  N N 352 
PHE H    H  N N 353 
PHE H2   H  N N 354 
PHE HA   H  N N 355 
PHE HB2  H  N N 356 
PHE HB3  H  N N 357 
PHE HD1  H  N N 358 
PHE HD2  H  N N 359 
PHE HE1  H  N N 360 
PHE HE2  H  N N 361 
PHE HZ   H  N N 362 
PHE HXT  H  N N 363 
PRO N    N  N N 364 
PRO CA   C  N S 365 
PRO C    C  N N 366 
PRO O    O  N N 367 
PRO CB   C  N N 368 
PRO CG   C  N N 369 
PRO CD   C  N N 370 
PRO OXT  O  N N 371 
PRO H    H  N N 372 
PRO HA   H  N N 373 
PRO HB2  H  N N 374 
PRO HB3  H  N N 375 
PRO HG2  H  N N 376 
PRO HG3  H  N N 377 
PRO HD2  H  N N 378 
PRO HD3  H  N N 379 
PRO HXT  H  N N 380 
SER N    N  N N 381 
SER CA   C  N S 382 
SER C    C  N N 383 
SER O    O  N N 384 
SER CB   C  N N 385 
SER OG   O  N N 386 
SER OXT  O  N N 387 
SER H    H  N N 388 
SER H2   H  N N 389 
SER HA   H  N N 390 
SER HB2  H  N N 391 
SER HB3  H  N N 392 
SER HG   H  N N 393 
SER HXT  H  N N 394 
THR N    N  N N 395 
THR CA   C  N S 396 
THR C    C  N N 397 
THR O    O  N N 398 
THR CB   C  N R 399 
THR OG1  O  N N 400 
THR CG2  C  N N 401 
THR OXT  O  N N 402 
THR H    H  N N 403 
THR H2   H  N N 404 
THR HA   H  N N 405 
THR HB   H  N N 406 
THR HG1  H  N N 407 
THR HG21 H  N N 408 
THR HG22 H  N N 409 
THR HG23 H  N N 410 
THR HXT  H  N N 411 
TRP N    N  N N 412 
TRP CA   C  N S 413 
TRP C    C  N N 414 
TRP O    O  N N 415 
TRP CB   C  N N 416 
TRP CG   C  Y N 417 
TRP CD1  C  Y N 418 
TRP CD2  C  Y N 419 
TRP NE1  N  Y N 420 
TRP CE2  C  Y N 421 
TRP CE3  C  Y N 422 
TRP CZ2  C  Y N 423 
TRP CZ3  C  Y N 424 
TRP CH2  C  Y N 425 
TRP OXT  O  N N 426 
TRP H    H  N N 427 
TRP H2   H  N N 428 
TRP HA   H  N N 429 
TRP HB2  H  N N 430 
TRP HB3  H  N N 431 
TRP HD1  H  N N 432 
TRP HE1  H  N N 433 
TRP HE3  H  N N 434 
TRP HZ2  H  N N 435 
TRP HZ3  H  N N 436 
TRP HH2  H  N N 437 
TRP HXT  H  N N 438 
TYR N    N  N N 439 
TYR CA   C  N S 440 
TYR C    C  N N 441 
TYR O    O  N N 442 
TYR CB   C  N N 443 
TYR CG   C  Y N 444 
TYR CD1  C  Y N 445 
TYR CD2  C  Y N 446 
TYR CE1  C  Y N 447 
TYR CE2  C  Y N 448 
TYR CZ   C  Y N 449 
TYR OH   O  N N 450 
TYR OXT  O  N N 451 
TYR H    H  N N 452 
TYR H2   H  N N 453 
TYR HA   H  N N 454 
TYR HB2  H  N N 455 
TYR HB3  H  N N 456 
TYR HD1  H  N N 457 
TYR HD2  H  N N 458 
TYR HE1  H  N N 459 
TYR HE2  H  N N 460 
TYR HH   H  N N 461 
TYR HXT  H  N N 462 
VAL N    N  N N 463 
VAL CA   C  N S 464 
VAL C    C  N N 465 
VAL O    O  N N 466 
VAL CB   C  N N 467 
VAL CG1  C  N N 468 
VAL CG2  C  N N 469 
VAL OXT  O  N N 470 
VAL H    H  N N 471 
VAL H2   H  N N 472 
VAL HA   H  N N 473 
VAL HB   H  N N 474 
VAL HG11 H  N N 475 
VAL HG12 H  N N 476 
VAL HG13 H  N N 477 
VAL HG21 H  N N 478 
VAL HG22 H  N N 479 
VAL HG23 H  N N 480 
VAL HXT  H  N N 481 
# 
loop_
_chem_comp_bond.comp_id 
_chem_comp_bond.atom_id_1 
_chem_comp_bond.atom_id_2 
_chem_comp_bond.value_order 
_chem_comp_bond.pdbx_aromatic_flag 
_chem_comp_bond.pdbx_stereo_config 
_chem_comp_bond.pdbx_ordinal 
ACO N1A C2A  sing Y N 1   
ACO N1A C6A  doub Y N 2   
ACO C2A N3A  doub Y N 3   
ACO C2A H2A  sing N N 4   
ACO N3A C4A  sing Y N 5   
ACO C4A C5A  doub Y N 6   
ACO C4A N9A  sing Y N 7   
ACO C5A C6A  sing Y N 8   
ACO C5A N7A  sing Y N 9   
ACO C6A N6A  sing N N 10  
ACO N6A H61A sing N N 11  
ACO N6A H62A sing N N 12  
ACO N7A C8A  doub Y N 13  
ACO C8A N9A  sing Y N 14  
ACO C8A H8A  sing N N 15  
ACO N9A C1B  sing N N 16  
ACO C1B C2B  sing N N 17  
ACO C1B O4B  sing N N 18  
ACO C1B H1B  sing N N 19  
ACO C2B O2B  sing N N 20  
ACO C2B C3B  sing N N 21  
ACO C2B H2B  sing N N 22  
ACO O2B HO2A sing N N 23  
ACO C3B O3B  sing N N 24  
ACO C3B C4B  sing N N 25  
ACO C3B H3B  sing N N 26  
ACO O3B P3B  sing N N 27  
ACO P3B O7A  doub N N 28  
ACO P3B O8A  sing N N 29  
ACO P3B O9A  sing N N 30  
ACO O8A HOA8 sing N N 31  
ACO O9A HOA9 sing N N 32  
ACO C4B O4B  sing N N 33  
ACO C4B C5B  sing N N 34  
ACO C4B H4B  sing N N 35  
ACO C5B O5B  sing N N 36  
ACO C5B H51A sing N N 37  
ACO C5B H52A sing N N 38  
ACO O5B P1A  sing N N 39  
ACO P1A O1A  doub N N 40  
ACO P1A O2A  sing N N 41  
ACO P1A O3A  sing N N 42  
ACO O2A HOA2 sing N N 43  
ACO O3A P2A  sing N N 44  
ACO P2A O4A  doub N N 45  
ACO P2A O5A  sing N N 46  
ACO P2A O6A  sing N N 47  
ACO O5A HOA5 sing N N 48  
ACO O6A CCP  sing N N 49  
ACO CBP CCP  sing N N 50  
ACO CBP CDP  sing N N 51  
ACO CBP CEP  sing N N 52  
ACO CBP CAP  sing N N 53  
ACO CCP H121 sing N N 54  
ACO CCP H122 sing N N 55  
ACO CDP H131 sing N N 56  
ACO CDP H132 sing N N 57  
ACO CDP H133 sing N N 58  
ACO CEP H141 sing N N 59  
ACO CEP H142 sing N N 60  
ACO CEP H143 sing N N 61  
ACO CAP OAP  sing N N 62  
ACO CAP C9P  sing N N 63  
ACO CAP H10  sing N N 64  
ACO OAP HO1  sing N N 65  
ACO C9P O9P  doub N N 66  
ACO C9P N8P  sing N N 67  
ACO N8P C7P  sing N N 68  
ACO N8P HN8  sing N N 69  
ACO C7P C6P  sing N N 70  
ACO C7P H71  sing N N 71  
ACO C7P H72  sing N N 72  
ACO C6P C5P  sing N N 73  
ACO C6P H61  sing N N 74  
ACO C6P H62  sing N N 75  
ACO C5P O5P  doub N N 76  
ACO C5P N4P  sing N N 77  
ACO N4P C3P  sing N N 78  
ACO N4P HN4  sing N N 79  
ACO C3P C2P  sing N N 80  
ACO C3P H31  sing N N 81  
ACO C3P H32  sing N N 82  
ACO C2P S1P  sing N N 83  
ACO C2P H21  sing N N 84  
ACO C2P H22  sing N N 85  
ACO S1P C    sing N N 86  
ACO C   O    doub N N 87  
ACO C   CH3  sing N N 88  
ACO CH3 HH31 sing N N 89  
ACO CH3 HH32 sing N N 90  
ACO CH3 HH33 sing N N 91  
ALA N   CA   sing N N 92  
ALA N   H    sing N N 93  
ALA N   H2   sing N N 94  
ALA CA  C    sing N N 95  
ALA CA  CB   sing N N 96  
ALA CA  HA   sing N N 97  
ALA C   O    doub N N 98  
ALA C   OXT  sing N N 99  
ALA CB  HB1  sing N N 100 
ALA CB  HB2  sing N N 101 
ALA CB  HB3  sing N N 102 
ALA OXT HXT  sing N N 103 
ARG N   CA   sing N N 104 
ARG N   H    sing N N 105 
ARG N   H2   sing N N 106 
ARG CA  C    sing N N 107 
ARG CA  CB   sing N N 108 
ARG CA  HA   sing N N 109 
ARG C   O    doub N N 110 
ARG C   OXT  sing N N 111 
ARG CB  CG   sing N N 112 
ARG CB  HB2  sing N N 113 
ARG CB  HB3  sing N N 114 
ARG CG  CD   sing N N 115 
ARG CG  HG2  sing N N 116 
ARG CG  HG3  sing N N 117 
ARG CD  NE   sing N N 118 
ARG CD  HD2  sing N N 119 
ARG CD  HD3  sing N N 120 
ARG NE  CZ   sing N N 121 
ARG NE  HE   sing N N 122 
ARG CZ  NH1  sing N N 123 
ARG CZ  NH2  doub N N 124 
ARG NH1 HH11 sing N N 125 
ARG NH1 HH12 sing N N 126 
ARG NH2 HH21 sing N N 127 
ARG NH2 HH22 sing N N 128 
ARG OXT HXT  sing N N 129 
ASN N   CA   sing N N 130 
ASN N   H    sing N N 131 
ASN N   H2   sing N N 132 
ASN CA  C    sing N N 133 
ASN CA  CB   sing N N 134 
ASN CA  HA   sing N N 135 
ASN C   O    doub N N 136 
ASN C   OXT  sing N N 137 
ASN CB  CG   sing N N 138 
ASN CB  HB2  sing N N 139 
ASN CB  HB3  sing N N 140 
ASN CG  OD1  doub N N 141 
ASN CG  ND2  sing N N 142 
ASN ND2 HD21 sing N N 143 
ASN ND2 HD22 sing N N 144 
ASN OXT HXT  sing N N 145 
ASP N   CA   sing N N 146 
ASP N   H    sing N N 147 
ASP N   H2   sing N N 148 
ASP CA  C    sing N N 149 
ASP CA  CB   sing N N 150 
ASP CA  HA   sing N N 151 
ASP C   O    doub N N 152 
ASP C   OXT  sing N N 153 
ASP CB  CG   sing N N 154 
ASP CB  HB2  sing N N 155 
ASP CB  HB3  sing N N 156 
ASP CG  OD1  doub N N 157 
ASP CG  OD2  sing N N 158 
ASP OD2 HD2  sing N N 159 
ASP OXT HXT  sing N N 160 
CYS N   CA   sing N N 161 
CYS N   H    sing N N 162 
CYS N   H2   sing N N 163 
CYS CA  C    sing N N 164 
CYS CA  CB   sing N N 165 
CYS CA  HA   sing N N 166 
CYS C   O    doub N N 167 
CYS C   OXT  sing N N 168 
CYS CB  SG   sing N N 169 
CYS CB  HB2  sing N N 170 
CYS CB  HB3  sing N N 171 
CYS SG  HG   sing N N 172 
CYS OXT HXT  sing N N 173 
GLN N   CA   sing N N 174 
GLN N   H    sing N N 175 
GLN N   H2   sing N N 176 
GLN CA  C    sing N N 177 
GLN CA  CB   sing N N 178 
GLN CA  HA   sing N N 179 
GLN C   O    doub N N 180 
GLN C   OXT  sing N N 181 
GLN CB  CG   sing N N 182 
GLN CB  HB2  sing N N 183 
GLN CB  HB3  sing N N 184 
GLN CG  CD   sing N N 185 
GLN CG  HG2  sing N N 186 
GLN CG  HG3  sing N N 187 
GLN CD  OE1  doub N N 188 
GLN CD  NE2  sing N N 189 
GLN NE2 HE21 sing N N 190 
GLN NE2 HE22 sing N N 191 
GLN OXT HXT  sing N N 192 
GLU N   CA   sing N N 193 
GLU N   H    sing N N 194 
GLU N   H2   sing N N 195 
GLU CA  C    sing N N 196 
GLU CA  CB   sing N N 197 
GLU CA  HA   sing N N 198 
GLU C   O    doub N N 199 
GLU C   OXT  sing N N 200 
GLU CB  CG   sing N N 201 
GLU CB  HB2  sing N N 202 
GLU CB  HB3  sing N N 203 
GLU CG  CD   sing N N 204 
GLU CG  HG2  sing N N 205 
GLU CG  HG3  sing N N 206 
GLU CD  OE1  doub N N 207 
GLU CD  OE2  sing N N 208 
GLU OE2 HE2  sing N N 209 
GLU OXT HXT  sing N N 210 
GLY N   CA   sing N N 211 
GLY N   H    sing N N 212 
GLY N   H2   sing N N 213 
GLY CA  C    sing N N 214 
GLY CA  HA2  sing N N 215 
GLY CA  HA3  sing N N 216 
GLY C   O    doub N N 217 
GLY C   OXT  sing N N 218 
GLY OXT HXT  sing N N 219 
HIS N   CA   sing N N 220 
HIS N   H    sing N N 221 
HIS N   H2   sing N N 222 
HIS CA  C    sing N N 223 
HIS CA  CB   sing N N 224 
HIS CA  HA   sing N N 225 
HIS C   O    doub N N 226 
HIS C   OXT  sing N N 227 
HIS CB  CG   sing N N 228 
HIS CB  HB2  sing N N 229 
HIS CB  HB3  sing N N 230 
HIS CG  ND1  sing Y N 231 
HIS CG  CD2  doub Y N 232 
HIS ND1 CE1  doub Y N 233 
HIS ND1 HD1  sing N N 234 
HIS CD2 NE2  sing Y N 235 
HIS CD2 HD2  sing N N 236 
HIS CE1 NE2  sing Y N 237 
HIS CE1 HE1  sing N N 238 
HIS NE2 HE2  sing N N 239 
HIS OXT HXT  sing N N 240 
HOH O   H1   sing N N 241 
HOH O   H2   sing N N 242 
ILE N   CA   sing N N 243 
ILE N   H    sing N N 244 
ILE N   H2   sing N N 245 
ILE CA  C    sing N N 246 
ILE CA  CB   sing N N 247 
ILE CA  HA   sing N N 248 
ILE C   O    doub N N 249 
ILE C   OXT  sing N N 250 
ILE CB  CG1  sing N N 251 
ILE CB  CG2  sing N N 252 
ILE CB  HB   sing N N 253 
ILE CG1 CD1  sing N N 254 
ILE CG1 HG12 sing N N 255 
ILE CG1 HG13 sing N N 256 
ILE CG2 HG21 sing N N 257 
ILE CG2 HG22 sing N N 258 
ILE CG2 HG23 sing N N 259 
ILE CD1 HD11 sing N N 260 
ILE CD1 HD12 sing N N 261 
ILE CD1 HD13 sing N N 262 
ILE OXT HXT  sing N N 263 
LEU N   CA   sing N N 264 
LEU N   H    sing N N 265 
LEU N   H2   sing N N 266 
LEU CA  C    sing N N 267 
LEU CA  CB   sing N N 268 
LEU CA  HA   sing N N 269 
LEU C   O    doub N N 270 
LEU C   OXT  sing N N 271 
LEU CB  CG   sing N N 272 
LEU CB  HB2  sing N N 273 
LEU CB  HB3  sing N N 274 
LEU CG  CD1  sing N N 275 
LEU CG  CD2  sing N N 276 
LEU CG  HG   sing N N 277 
LEU CD1 HD11 sing N N 278 
LEU CD1 HD12 sing N N 279 
LEU CD1 HD13 sing N N 280 
LEU CD2 HD21 sing N N 281 
LEU CD2 HD22 sing N N 282 
LEU CD2 HD23 sing N N 283 
LEU OXT HXT  sing N N 284 
LYS N   CA   sing N N 285 
LYS N   H    sing N N 286 
LYS N   H2   sing N N 287 
LYS CA  C    sing N N 288 
LYS CA  CB   sing N N 289 
LYS CA  HA   sing N N 290 
LYS C   O    doub N N 291 
LYS C   OXT  sing N N 292 
LYS CB  CG   sing N N 293 
LYS CB  HB2  sing N N 294 
LYS CB  HB3  sing N N 295 
LYS CG  CD   sing N N 296 
LYS CG  HG2  sing N N 297 
LYS CG  HG3  sing N N 298 
LYS CD  CE   sing N N 299 
LYS CD  HD2  sing N N 300 
LYS CD  HD3  sing N N 301 
LYS CE  NZ   sing N N 302 
LYS CE  HE2  sing N N 303 
LYS CE  HE3  sing N N 304 
LYS NZ  HZ1  sing N N 305 
LYS NZ  HZ2  sing N N 306 
LYS NZ  HZ3  sing N N 307 
LYS OXT HXT  sing N N 308 
MSE N   CA   sing N N 309 
MSE N   H    sing N N 310 
MSE N   H2   sing N N 311 
MSE CA  C    sing N N 312 
MSE CA  CB   sing N N 313 
MSE CA  HA   sing N N 314 
MSE C   O    doub N N 315 
MSE C   OXT  sing N N 316 
MSE OXT HXT  sing N N 317 
MSE CB  CG   sing N N 318 
MSE CB  HB2  sing N N 319 
MSE CB  HB3  sing N N 320 
MSE CG  SE   sing N N 321 
MSE CG  HG2  sing N N 322 
MSE CG  HG3  sing N N 323 
MSE SE  CE   sing N N 324 
MSE CE  HE1  sing N N 325 
MSE CE  HE2  sing N N 326 
MSE CE  HE3  sing N N 327 
PHE N   CA   sing N N 328 
PHE N   H    sing N N 329 
PHE N   H2   sing N N 330 
PHE CA  C    sing N N 331 
PHE CA  CB   sing N N 332 
PHE CA  HA   sing N N 333 
PHE C   O    doub N N 334 
PHE C   OXT  sing N N 335 
PHE CB  CG   sing N N 336 
PHE CB  HB2  sing N N 337 
PHE CB  HB3  sing N N 338 
PHE CG  CD1  doub Y N 339 
PHE CG  CD2  sing Y N 340 
PHE CD1 CE1  sing Y N 341 
PHE CD1 HD1  sing N N 342 
PHE CD2 CE2  doub Y N 343 
PHE CD2 HD2  sing N N 344 
PHE CE1 CZ   doub Y N 345 
PHE CE1 HE1  sing N N 346 
PHE CE2 CZ   sing Y N 347 
PHE CE2 HE2  sing N N 348 
PHE CZ  HZ   sing N N 349 
PHE OXT HXT  sing N N 350 
PRO N   CA   sing N N 351 
PRO N   CD   sing N N 352 
PRO N   H    sing N N 353 
PRO CA  C    sing N N 354 
PRO CA  CB   sing N N 355 
PRO CA  HA   sing N N 356 
PRO C   O    doub N N 357 
PRO C   OXT  sing N N 358 
PRO CB  CG   sing N N 359 
PRO CB  HB2  sing N N 360 
PRO CB  HB3  sing N N 361 
PRO CG  CD   sing N N 362 
PRO CG  HG2  sing N N 363 
PRO CG  HG3  sing N N 364 
PRO CD  HD2  sing N N 365 
PRO CD  HD3  sing N N 366 
PRO OXT HXT  sing N N 367 
SER N   CA   sing N N 368 
SER N   H    sing N N 369 
SER N   H2   sing N N 370 
SER CA  C    sing N N 371 
SER CA  CB   sing N N 372 
SER CA  HA   sing N N 373 
SER C   O    doub N N 374 
SER C   OXT  sing N N 375 
SER CB  OG   sing N N 376 
SER CB  HB2  sing N N 377 
SER CB  HB3  sing N N 378 
SER OG  HG   sing N N 379 
SER OXT HXT  sing N N 380 
THR N   CA   sing N N 381 
THR N   H    sing N N 382 
THR N   H2   sing N N 383 
THR CA  C    sing N N 384 
THR CA  CB   sing N N 385 
THR CA  HA   sing N N 386 
THR C   O    doub N N 387 
THR C   OXT  sing N N 388 
THR CB  OG1  sing N N 389 
THR CB  CG2  sing N N 390 
THR CB  HB   sing N N 391 
THR OG1 HG1  sing N N 392 
THR CG2 HG21 sing N N 393 
THR CG2 HG22 sing N N 394 
THR CG2 HG23 sing N N 395 
THR OXT HXT  sing N N 396 
TRP N   CA   sing N N 397 
TRP N   H    sing N N 398 
TRP N   H2   sing N N 399 
TRP CA  C    sing N N 400 
TRP CA  CB   sing N N 401 
TRP CA  HA   sing N N 402 
TRP C   O    doub N N 403 
TRP C   OXT  sing N N 404 
TRP CB  CG   sing N N 405 
TRP CB  HB2  sing N N 406 
TRP CB  HB3  sing N N 407 
TRP CG  CD1  doub Y N 408 
TRP CG  CD2  sing Y N 409 
TRP CD1 NE1  sing Y N 410 
TRP CD1 HD1  sing N N 411 
TRP CD2 CE2  doub Y N 412 
TRP CD2 CE3  sing Y N 413 
TRP NE1 CE2  sing Y N 414 
TRP NE1 HE1  sing N N 415 
TRP CE2 CZ2  sing Y N 416 
TRP CE3 CZ3  doub Y N 417 
TRP CE3 HE3  sing N N 418 
TRP CZ2 CH2  doub Y N 419 
TRP CZ2 HZ2  sing N N 420 
TRP CZ3 CH2  sing Y N 421 
TRP CZ3 HZ3  sing N N 422 
TRP CH2 HH2  sing N N 423 
TRP OXT HXT  sing N N 424 
TYR N   CA   sing N N 425 
TYR N   H    sing N N 426 
TYR N   H2   sing N N 427 
TYR CA  C    sing N N 428 
TYR CA  CB   sing N N 429 
TYR CA  HA   sing N N 430 
TYR C   O    doub N N 431 
TYR C   OXT  sing N N 432 
TYR CB  CG   sing N N 433 
TYR CB  HB2  sing N N 434 
TYR CB  HB3  sing N N 435 
TYR CG  CD1  doub Y N 436 
TYR CG  CD2  sing Y N 437 
TYR CD1 CE1  sing Y N 438 
TYR CD1 HD1  sing N N 439 
TYR CD2 CE2  doub Y N 440 
TYR CD2 HD2  sing N N 441 
TYR CE1 CZ   doub Y N 442 
TYR CE1 HE1  sing N N 443 
TYR CE2 CZ   sing Y N 444 
TYR CE2 HE2  sing N N 445 
TYR CZ  OH   sing N N 446 
TYR OH  HH   sing N N 447 
TYR OXT HXT  sing N N 448 
VAL N   CA   sing N N 449 
VAL N   H    sing N N 450 
VAL N   H2   sing N N 451 
VAL CA  C    sing N N 452 
VAL CA  CB   sing N N 453 
VAL CA  HA   sing N N 454 
VAL C   O    doub N N 455 
VAL C   OXT  sing N N 456 
VAL CB  CG1  sing N N 457 
VAL CB  CG2  sing N N 458 
VAL CB  HB   sing N N 459 
VAL CG1 HG11 sing N N 460 
VAL CG1 HG12 sing N N 461 
VAL CG1 HG13 sing N N 462 
VAL CG2 HG21 sing N N 463 
VAL CG2 HG22 sing N N 464 
VAL CG2 HG23 sing N N 465 
VAL OXT HXT  sing N N 466 
# 
_pdbx_initial_refinement_model.id               1 
_pdbx_initial_refinement_model.entity_id_list   ? 
_pdbx_initial_refinement_model.type             'experimental model' 
_pdbx_initial_refinement_model.source_name      PDB 
_pdbx_initial_refinement_model.accession_code   1TIQ 
_pdbx_initial_refinement_model.details          'PDB ENTRY 1TIQ' 
# 
_atom_sites.entry_id                    3F0A 
_atom_sites.fract_transf_matrix[1][1]   -0.00160102 
_atom_sites.fract_transf_matrix[1][2]   -0.00422937 
_atom_sites.fract_transf_matrix[1][3]   0.01376097 
_atom_sites.fract_transf_matrix[2][1]   -0.01324853 
_atom_sites.fract_transf_matrix[2][2]   0.00585027 
_atom_sites.fract_transf_matrix[2][3]   0.00025665 
_atom_sites.fract_transf_matrix[3][1]   -0.00436001 
_atom_sites.fract_transf_matrix[3][2]   -0.00972038 
_atom_sites.fract_transf_matrix[3][3]   -0.00349478 
_atom_sites.fract_transf_vector[1]      0.246451 
_atom_sites.fract_transf_vector[2]      0.088822 
_atom_sites.fract_transf_vector[3]      -0.188546 
# 
loop_
_atom_type.symbol 
C  
CL 
N  
NI 
O  
P  
S  
SE 
# 
loop_
_atom_site.group_PDB 
_atom_site.id 
_atom_site.type_symbol 
_atom_site.label_atom_id 
_atom_site.label_alt_id 
_atom_site.label_comp_id 
_atom_site.label_asym_id 
_atom_site.label_entity_id 
_atom_site.label_seq_id 
_atom_site.pdbx_PDB_ins_code 
_atom_site.Cartn_x 
_atom_site.Cartn_y 
_atom_site.Cartn_z 
_atom_site.occupancy 
_atom_site.B_iso_or_equiv 
_atom_site.pdbx_formal_charge 
_atom_site.auth_seq_id 
_atom_site.auth_comp_id 
_atom_site.auth_asym_id 
_atom_site.auth_atom_id 
_atom_site.pdbx_PDB_model_num 
HETATM 1    N  N   . MSE A 1 4   ? 13.520  18.051  -1.037  1.00 47.68 ? 1   MSE A N   1 
HETATM 2    C  CA  . MSE A 1 4   ? 12.352  17.108  -1.130  1.00 48.52 ? 1   MSE A CA  1 
HETATM 3    C  C   . MSE A 1 4   ? 11.666  16.880  0.224   1.00 47.18 ? 1   MSE A C   1 
HETATM 4    O  O   . MSE A 1 4   ? 12.099  16.026  1.002   1.00 48.23 ? 1   MSE A O   1 
HETATM 5    C  CB  . MSE A 1 4   ? 12.776  15.743  -1.720  1.00 49.30 ? 1   MSE A CB  1 
HETATM 6    C  CG  . MSE A 1 4   ? 11.606  14.726  -1.836  1.00 53.30 ? 1   MSE A CG  1 
HETATM 7    SE SE  . MSE A 1 4   ? 12.000  12.768  -2.095  1.00 64.24 ? 1   MSE A SE  1 
HETATM 8    C  CE  . MSE A 1 4   ? 13.216  12.401  -0.565  1.00 60.75 ? 1   MSE A CE  1 
ATOM   9    N  N   . SER A 1 5   ? 10.598  17.619  0.502   1.00 45.06 ? 2   SER A N   1 
ATOM   10   C  CA  . SER A 1 5   ? 9.885   17.473  1.767   1.00 43.23 ? 2   SER A CA  1 
ATOM   11   C  C   . SER A 1 5   ? 8.770   16.470  1.597   1.00 41.83 ? 2   SER A C   1 
ATOM   12   O  O   . SER A 1 5   ? 7.940   16.652  0.711   1.00 41.89 ? 2   SER A O   1 
ATOM   13   C  CB  . SER A 1 5   ? 9.264   18.800  2.181   1.00 43.43 ? 2   SER A CB  1 
ATOM   14   O  OG  . SER A 1 5   ? 10.239  19.826  2.239   1.00 45.07 ? 2   SER A OG  1 
ATOM   15   N  N   . ILE A 1 6   ? 8.746   15.418  2.424   1.00 39.87 ? 3   ILE A N   1 
ATOM   16   C  CA  . ILE A 1 6   ? 7.657   14.408  2.375   1.00 37.50 ? 3   ILE A CA  1 
ATOM   17   C  C   . ILE A 1 6   ? 6.724   14.451  3.590   1.00 36.16 ? 3   ILE A C   1 
ATOM   18   O  O   . ILE A 1 6   ? 7.178   14.370  4.739   1.00 35.82 ? 3   ILE A O   1 
ATOM   19   C  CB  . ILE A 1 6   ? 8.162   12.949  2.166   1.00 37.23 ? 3   ILE A CB  1 
ATOM   20   C  CG1 . ILE A 1 6   ? 8.729   12.788  0.768   1.00 35.86 ? 3   ILE A CG1 1 
ATOM   21   C  CG2 . ILE A 1 6   ? 7.027   11.937  2.351   1.00 36.12 ? 3   ILE A CG2 1 
ATOM   22   C  CD1 . ILE A 1 6   ? 10.012  13.507  0.618   1.00 38.41 ? 3   ILE A CD1 1 
ATOM   23   N  N   . GLU A 1 7   ? 5.426   14.570  3.307   1.00 34.10 ? 4   GLU A N   1 
ATOM   24   C  CA  . GLU A 1 7   ? 4.380   14.638  4.320   1.00 32.76 ? 4   GLU A CA  1 
ATOM   25   C  C   . GLU A 1 7   ? 3.578   13.374  4.262   1.00 30.69 ? 4   GLU A C   1 
ATOM   26   O  O   . GLU A 1 7   ? 3.234   12.934  3.170   1.00 30.72 ? 4   GLU A O   1 
ATOM   27   C  CB  . GLU A 1 7   ? 3.398   15.758  3.988   1.00 32.94 ? 4   GLU A CB  1 
ATOM   28   C  CG  . GLU A 1 7   ? 4.037   17.047  3.647   1.00 37.38 ? 4   GLU A CG  1 
ATOM   29   C  CD  . GLU A 1 7   ? 4.806   17.595  4.823   1.00 44.15 ? 4   GLU A CD  1 
ATOM   30   O  OE1 . GLU A 1 7   ? 4.365   17.327  5.966   1.00 46.64 ? 4   GLU A OE1 1 
ATOM   31   O  OE2 . GLU A 1 7   ? 5.839   18.281  4.610   1.00 46.60 ? 4   GLU A OE2 1 
ATOM   32   N  N   . ILE A 1 8   ? 3.268   12.787  5.414   1.00 28.32 ? 5   ILE A N   1 
ATOM   33   C  CA  . ILE A 1 8   ? 2.352   11.656  5.438   1.00 26.10 ? 5   ILE A CA  1 
ATOM   34   C  C   . ILE A 1 8   ? 1.025   12.074  6.083   1.00 25.70 ? 5   ILE A C   1 
ATOM   35   O  O   . ILE A 1 8   ? 1.013   12.538  7.227   1.00 25.99 ? 5   ILE A O   1 
ATOM   36   C  CB  . ILE A 1 8   ? 2.891   10.433  6.206   1.00 25.53 ? 5   ILE A CB  1 
ATOM   37   C  CG1 . ILE A 1 8   ? 4.371   10.159  5.907   1.00 25.22 ? 5   ILE A CG1 1 
ATOM   38   C  CG2 . ILE A 1 8   ? 2.053   9.210   5.847   1.00 24.92 ? 5   ILE A CG2 1 
ATOM   39   C  CD1 . ILE A 1 8   ? 4.649   9.817   4.482   1.00 25.11 ? 5   ILE A CD1 1 
ATOM   40   N  N   . ARG A 1 9   ? -0.089  11.918  5.370   1.00 24.47 ? 6   ARG A N   1 
ATOM   41   C  CA  . ARG A 1 9   ? -1.395  12.220  5.968   1.00 23.61 ? 6   ARG A CA  1 
ATOM   42   C  C   . ARG A 1 9   ? -2.480  11.303  5.420   1.00 23.35 ? 6   ARG A C   1 
ATOM   43   O  O   . ARG A 1 9   ? -2.291  10.655  4.376   1.00 23.26 ? 6   ARG A O   1 
ATOM   44   C  CB  . ARG A 1 9   ? -1.785  13.691  5.756   1.00 23.37 ? 6   ARG A CB  1 
ATOM   45   C  CG  . ARG A 1 9   ? -2.115  14.061  4.323   1.00 21.90 ? 6   ARG A CG  1 
ATOM   46   C  CD  . ARG A 1 9   ? -2.566  15.519  4.230   1.00 21.27 ? 6   ARG A CD  1 
ATOM   47   N  NE  . ARG A 1 9   ? -2.514  15.982  2.849   1.00 17.95 ? 6   ARG A NE  1 
ATOM   48   C  CZ  . ARG A 1 9   ? -1.473  16.608  2.298   1.00 20.44 ? 6   ARG A CZ  1 
ATOM   49   N  NH1 . ARG A 1 9   ? -1.536  16.968  1.024   1.00 21.54 ? 6   ARG A NH1 1 
ATOM   50   N  NH2 . ARG A 1 9   ? -0.370  16.877  3.003   1.00 18.78 ? 6   ARG A NH2 1 
ATOM   51   N  N   . LYS A 1 10  ? -3.613  11.216  6.116   1.00 23.02 ? 7   LYS A N   1 
ATOM   52   C  CA  . LYS A 1 10  ? -4.706  10.422  5.562   1.00 23.17 ? 7   LYS A CA  1 
ATOM   53   C  C   . LYS A 1 10  ? -5.133  11.056  4.244   1.00 22.73 ? 7   LYS A C   1 
ATOM   54   O  O   . LYS A 1 10  ? -5.158  12.298  4.124   1.00 21.55 ? 7   LYS A O   1 
ATOM   55   C  CB  . LYS A 1 10  ? -5.920  10.370  6.491   1.00 23.69 ? 7   LYS A CB  1 
ATOM   56   C  CG  . LYS A 1 10  ? -6.000  9.179   7.425   1.00 24.39 ? 7   LYS A CG  1 
ATOM   57   C  CD  . LYS A 1 10  ? -7.256  9.318   8.257   1.00 26.97 ? 7   LYS A CD  1 
ATOM   58   C  CE  . LYS A 1 10  ? -7.340  8.301   9.373   1.00 27.28 ? 7   LYS A CE  1 
ATOM   59   N  NZ  . LYS A 1 10  ? -8.564  8.601   10.169  1.00 28.52 ? 7   LYS A NZ  1 
ATOM   60   N  N   . LEU A 1 11  ? -5.450  10.205  3.264   1.00 22.19 ? 8   LEU A N   1 
ATOM   61   C  CA  . LEU A 1 11  ? -5.997  10.654  1.988   1.00 21.88 ? 8   LEU A CA  1 
ATOM   62   C  C   . LEU A 1 11  ? -7.405  11.175  2.224   1.00 21.81 ? 8   LEU A C   1 
ATOM   63   O  O   . LEU A 1 11  ? -8.064  10.803  3.206   1.00 20.40 ? 8   LEU A O   1 
ATOM   64   C  CB  . LEU A 1 11  ? -6.042  9.524   0.958   1.00 22.28 ? 8   LEU A CB  1 
ATOM   65   C  CG  . LEU A 1 11  ? -4.753  8.870   0.456   1.00 23.88 ? 8   LEU A CG  1 
ATOM   66   C  CD1 . LEU A 1 11  ? -5.116  7.800   -0.563  1.00 27.28 ? 8   LEU A CD1 1 
ATOM   67   C  CD2 . LEU A 1 11  ? -3.830  9.901   -0.163  1.00 22.12 ? 8   LEU A CD2 1 
ATOM   68   N  N   . SER A 1 12  ? -7.842  12.050  1.323   1.00 22.13 ? 9   SER A N   1 
ATOM   69   C  CA  . SER A 1 12  ? -9.157  12.650  1.370   1.00 22.60 ? 9   SER A CA  1 
ATOM   70   C  C   . SER A 1 12  ? -9.726  12.467  -0.025  1.00 23.25 ? 9   SER A C   1 
ATOM   71   O  O   . SER A 1 12  ? -8.986  12.107  -0.931  1.00 23.20 ? 9   SER A O   1 
ATOM   72   C  CB  . SER A 1 12  ? -9.039  14.124  1.733   1.00 22.66 ? 9   SER A CB  1 
ATOM   73   O  OG  . SER A 1 12  ? -8.399  14.861  0.703   1.00 23.81 ? 9   SER A OG  1 
ATOM   74   N  N   . ILE A 1 13  ? -11.022 12.704  -0.229  1.00 24.15 ? 10  ILE A N   1 
ATOM   75   C  CA  . ILE A 1 13  ? -11.596 12.426  -1.559  1.00 24.83 ? 10  ILE A CA  1 
ATOM   76   C  C   . ILE A 1 13  ? -10.924 13.177  -2.725  1.00 25.22 ? 10  ILE A C   1 
ATOM   77   O  O   . ILE A 1 13  ? -10.917 12.677  -3.864  1.00 24.06 ? 10  ILE A O   1 
ATOM   78   C  CB  . ILE A 1 13  ? -13.129 12.649  -1.623  1.00 25.37 ? 10  ILE A CB  1 
ATOM   79   C  CG1 . ILE A 1 13  ? -13.468 14.078  -1.214  1.00 24.97 ? 10  ILE A CG1 1 
ATOM   80   C  CG2 . ILE A 1 13  ? -13.859 11.615  -0.773  1.00 25.27 ? 10  ILE A CG2 1 
ATOM   81   C  CD1 . ILE A 1 13  ? -14.837 14.519  -1.643  1.00 27.24 ? 10  ILE A CD1 1 
ATOM   82   N  N   . GLU A 1 14  ? -10.369 14.362  -2.442  1.00 25.51 ? 11  GLU A N   1 
ATOM   83   C  CA  . GLU A 1 14  ? -9.694  15.166  -3.466  1.00 25.96 ? 11  GLU A CA  1 
ATOM   84   C  C   . GLU A 1 14  ? -8.427  14.489  -3.915  1.00 25.10 ? 11  GLU A C   1 
ATOM   85   O  O   . GLU A 1 14  ? -7.844  14.890  -4.907  1.00 25.92 ? 11  GLU A O   1 
ATOM   86   C  CB  . GLU A 1 14  ? -9.336  16.581  -2.979  1.00 26.41 ? 11  GLU A CB  1 
ATOM   87   C  CG  . GLU A 1 14  ? -10.522 17.478  -2.726  1.00 30.91 ? 11  GLU A CG  1 
ATOM   88   C  CD  . GLU A 1 14  ? -11.317 17.050  -1.491  1.00 36.80 ? 11  GLU A CD  1 
ATOM   89   O  OE1 . GLU A 1 14  ? -10.740 16.341  -0.612  1.00 37.51 ? 11  GLU A OE1 1 
ATOM   90   O  OE2 . GLU A 1 14  ? -12.514 17.428  -1.408  1.00 37.22 ? 11  GLU A OE2 1 
ATOM   91   N  N   . ASP A 1 15  ? -7.986  13.475  -3.193  1.00 23.96 ? 12  ASP A N   1 
ATOM   92   C  CA  . ASP A 1 15  ? -6.757  12.790  -3.598  1.00 24.61 ? 12  ASP A CA  1 
ATOM   93   C  C   . ASP A 1 15  ? -7.012  11.711  -4.629  1.00 24.40 ? 12  ASP A C   1 
ATOM   94   O  O   . ASP A 1 15  ? -6.072  11.134  -5.157  1.00 24.50 ? 12  ASP A O   1 
ATOM   95   C  CB  . ASP A 1 15  ? -6.032  12.178  -2.394  1.00 23.57 ? 12  ASP A CB  1 
ATOM   96   C  CG  . ASP A 1 15  ? -5.597  13.224  -1.395  1.00 24.27 ? 12  ASP A CG  1 
ATOM   97   O  OD1 . ASP A 1 15  ? -4.918  14.187  -1.806  1.00 23.46 ? 12  ASP A OD1 1 
ATOM   98   O  OD2 . ASP A 1 15  ? -5.947  13.090  -0.199  1.00 25.57 ? 12  ASP A OD2 1 
ATOM   99   N  N   . LEU A 1 16  ? -8.285  11.459  -4.921  1.00 24.98 ? 13  LEU A N   1 
ATOM   100  C  CA  . LEU A 1 16  ? -8.699  10.330  -5.779  1.00 24.84 ? 13  LEU A CA  1 
ATOM   101  C  C   . LEU A 1 16  ? -8.014  10.212  -7.145  1.00 25.04 ? 13  LEU A C   1 
ATOM   102  O  O   . LEU A 1 16  ? -7.414  9.192   -7.453  1.00 24.39 ? 13  LEU A O   1 
ATOM   103  C  CB  . LEU A 1 16  ? -10.210 10.351  -5.978  1.00 24.27 ? 13  LEU A CB  1 
ATOM   104  C  CG  . LEU A 1 16  ? -10.730 9.243   -6.878  1.00 24.00 ? 13  LEU A CG  1 
ATOM   105  C  CD1 . LEU A 1 16  ? -10.891 7.919   -6.127  1.00 22.38 ? 13  LEU A CD1 1 
ATOM   106  C  CD2 . LEU A 1 16  ? -12.034 9.703   -7.401  1.00 24.24 ? 13  LEU A CD2 1 
ATOM   107  N  N   . GLU A 1 17  ? -8.109  11.257  -7.954  1.00 25.77 ? 14  GLU A N   1 
ATOM   108  C  CA  . GLU A 1 17  ? -7.552  11.234  -9.293  1.00 26.80 ? 14  GLU A CA  1 
ATOM   109  C  C   . GLU A 1 17  ? -6.044  11.038  -9.374  1.00 26.70 ? 14  GLU A C   1 
ATOM   110  O  O   . GLU A 1 17  ? -5.562  10.324  -10.267 1.00 26.94 ? 14  GLU A O   1 
ATOM   111  C  CB  . GLU A 1 17  ? -7.977  12.477  -10.041 1.00 27.64 ? 14  GLU A CB  1 
ATOM   112  C  CG  . GLU A 1 17  ? -9.480  12.606  -10.038 1.00 32.78 ? 14  GLU A CG  1 
ATOM   113  C  CD  . GLU A 1 17  ? -9.957  13.526  -11.104 1.00 41.69 ? 14  GLU A CD  1 
ATOM   114  O  OE1 . GLU A 1 17  ? -9.151  13.800  -12.037 1.00 45.33 ? 14  GLU A OE1 1 
ATOM   115  O  OE2 . GLU A 1 17  ? -11.130 13.974  -11.016 1.00 46.38 ? 14  GLU A OE2 1 
ATOM   116  N  N   . THR A 1 18  ? -5.280  11.636  -8.465  1.00 25.79 ? 15  THR A N   1 
ATOM   117  C  CA  . THR A 1 18  ? -3.846  11.407  -8.542  1.00 25.70 ? 15  THR A CA  1 
ATOM   118  C  C   . THR A 1 18  ? -3.481  10.070  -7.885  1.00 25.13 ? 15  THR A C   1 
ATOM   119  O  O   . THR A 1 18  ? -2.431  9.496   -8.178  1.00 25.18 ? 15  THR A O   1 
ATOM   120  C  CB  . THR A 1 18  ? -3.009  12.580  -7.997  1.00 26.09 ? 15  THR A CB  1 
ATOM   121  O  OG1 . THR A 1 18  ? -3.461  12.903  -6.682  1.00 28.92 ? 15  THR A OG1 1 
ATOM   122  C  CG2 . THR A 1 18  ? -3.147  13.822  -8.902  1.00 24.81 ? 15  THR A CG2 1 
ATOM   123  N  N   . LEU A 1 19  ? -4.353  9.571   -7.011  1.00 24.24 ? 16  LEU A N   1 
ATOM   124  C  CA  . LEU A 1 19  ? -4.170  8.261   -6.380  1.00 23.11 ? 16  LEU A CA  1 
ATOM   125  C  C   . LEU A 1 19  ? -4.198  7.183   -7.446  1.00 23.03 ? 16  LEU A C   1 
ATOM   126  O  O   . LEU A 1 19  ? -3.338  6.303   -7.502  1.00 23.62 ? 16  LEU A O   1 
ATOM   127  C  CB  . LEU A 1 19  ? -5.296  7.998   -5.376  1.00 23.11 ? 16  LEU A CB  1 
ATOM   128  C  CG  . LEU A 1 19  ? -5.390  6.580   -4.799  1.00 22.76 ? 16  LEU A CG  1 
ATOM   129  C  CD1 . LEU A 1 19  ? -4.086  6.209   -4.079  1.00 17.78 ? 16  LEU A CD1 1 
ATOM   130  C  CD2 . LEU A 1 19  ? -6.602  6.430   -3.884  1.00 20.69 ? 16  LEU A CD2 1 
ATOM   131  N  N   . ILE A 1 20  ? -5.206  7.261   -8.301  1.00 22.87 ? 17  ILE A N   1 
ATOM   132  C  CA  . ILE A 1 20  ? -5.331  6.326   -9.404  1.00 22.97 ? 17  ILE A CA  1 
ATOM   133  C  C   . ILE A 1 20  ? -4.107  6.392   -10.329 1.00 23.65 ? 17  ILE A C   1 
ATOM   134  O  O   . ILE A 1 20  ? -3.597  5.350   -10.764 1.00 23.57 ? 17  ILE A O   1 
ATOM   135  C  CB  . ILE A 1 20  ? -6.644  6.544   -10.180 1.00 22.26 ? 17  ILE A CB  1 
ATOM   136  C  CG1 . ILE A 1 20  ? -7.841  6.266   -9.262  1.00 21.07 ? 17  ILE A CG1 1 
ATOM   137  C  CG2 . ILE A 1 20  ? -6.687  5.651   -11.391 1.00 20.45 ? 17  ILE A CG2 1 
ATOM   138  C  CD1 . ILE A 1 20  ? -9.185  6.742   -9.825  1.00 16.94 ? 17  ILE A CD1 1 
ATOM   139  N  N   . GLU A 1 21  ? -3.612  7.596   -10.616 1.00 24.39 ? 18  GLU A N   1 
ATOM   140  C  CA  . GLU A 1 21  ? -2.424  7.685   -11.474 1.00 25.56 ? 18  GLU A CA  1 
ATOM   141  C  C   . GLU A 1 21  ? -1.149  7.118   -10.829 1.00 25.03 ? 18  GLU A C   1 
ATOM   142  O  O   . GLU A 1 21  ? -0.344  6.480   -11.494 1.00 25.69 ? 18  GLU A O   1 
ATOM   143  C  CB  . GLU A 1 21  ? -2.228  9.083   -12.049 1.00 26.34 ? 18  GLU A CB  1 
ATOM   144  C  CG  . GLU A 1 21  ? -3.348  9.475   -13.074 1.00 31.21 ? 18  GLU A CG  1 
ATOM   145  C  CD  . GLU A 1 21  ? -3.785  8.319   -14.070 1.00 37.04 ? 18  GLU A CD  1 
ATOM   146  O  OE1 . GLU A 1 21  ? -2.918  7.685   -14.732 1.00 37.52 ? 18  GLU A OE1 1 
ATOM   147  O  OE2 . GLU A 1 21  ? -5.016  8.063   -14.207 1.00 37.50 ? 18  GLU A OE2 1 
ATOM   148  N  N   . VAL A 1 22  ? -0.976  7.317   -9.534  1.00 24.50 ? 19  VAL A N   1 
ATOM   149  C  CA  . VAL A 1 22  ? 0.166   6.721   -8.847  1.00 22.98 ? 19  VAL A CA  1 
ATOM   150  C  C   . VAL A 1 22  ? 0.052   5.192   -8.948  1.00 23.57 ? 19  VAL A C   1 
ATOM   151  O  O   . VAL A 1 22  ? 0.995   4.498   -9.391  1.00 22.61 ? 19  VAL A O   1 
ATOM   152  C  CB  . VAL A 1 22  ? 0.256   7.214   -7.380  1.00 22.47 ? 19  VAL A CB  1 
ATOM   153  C  CG1 . VAL A 1 22  ? 1.269   6.409   -6.588  1.00 21.84 ? 19  VAL A CG1 1 
ATOM   154  C  CG2 . VAL A 1 22  ? 0.601   8.700   -7.361  1.00 21.21 ? 19  VAL A CG2 1 
ATOM   155  N  N   . ALA A 1 23  ? -1.111  4.670   -8.551  1.00 23.03 ? 20  ALA A N   1 
ATOM   156  C  CA  . ALA A 1 23  ? -1.355  3.250   -8.638  1.00 23.06 ? 20  ALA A CA  1 
ATOM   157  C  C   . ALA A 1 23  ? -1.012  2.724   -10.043 1.00 24.17 ? 20  ALA A C   1 
ATOM   158  O  O   . ALA A 1 23  ? -0.268  1.745   -10.183 1.00 25.04 ? 20  ALA A O   1 
ATOM   159  C  CB  . ALA A 1 23  ? -2.793  2.974   -8.324  1.00 22.37 ? 20  ALA A CB  1 
ATOM   160  N  N   . ARG A 1 24  ? -1.552  3.361   -11.083 1.00 24.36 ? 21  ARG A N   1 
ATOM   161  C  CA  . ARG A 1 24  ? -1.307  2.889   -12.455 1.00 24.73 ? 21  ARG A CA  1 
ATOM   162  C  C   . ARG A 1 24  ? 0.193   2.818   -12.779 1.00 25.24 ? 21  ARG A C   1 
ATOM   163  O  O   . ARG A 1 24  ? 0.703   1.797   -13.248 1.00 25.09 ? 21  ARG A O   1 
ATOM   164  C  CB  . ARG A 1 24  ? -1.988  3.792   -13.475 1.00 23.82 ? 21  ARG A CB  1 
ATOM   165  C  CG  . ARG A 1 24  ? -1.752  3.346   -14.921 1.00 23.39 ? 21  ARG A CG  1 
ATOM   166  C  CD  . ARG A 1 24  ? -2.360  4.308   -15.927 1.00 20.47 ? 21  ARG A CD  1 
ATOM   167  N  NE  . ARG A 1 24  ? -3.676  4.745   -15.485 1.00 22.78 ? 21  ARG A NE  1 
ATOM   168  C  CZ  . ARG A 1 24  ? -4.801  4.040   -15.624 1.00 23.73 ? 21  ARG A CZ  1 
ATOM   169  N  NH1 . ARG A 1 24  ? -4.789  2.837   -16.207 1.00 23.90 ? 21  ARG A NH1 1 
ATOM   170  N  NH2 . ARG A 1 24  ? -5.943  4.546   -15.175 1.00 21.41 ? 21  ARG A NH2 1 
ATOM   171  N  N   . GLU A 1 25  ? 0.884   3.921   -12.508 1.00 25.60 ? 22  GLU A N   1 
ATOM   172  C  CA  . GLU A 1 25  ? 2.295   4.079   -12.815 1.00 25.88 ? 22  GLU A CA  1 
ATOM   173  C  C   . GLU A 1 25  ? 3.177   3.094   -12.028 1.00 25.95 ? 22  GLU A C   1 
ATOM   174  O  O   . GLU A 1 25  ? 4.143   2.541   -12.578 1.00 25.88 ? 22  GLU A O   1 
ATOM   175  C  CB  . GLU A 1 25  ? 2.689   5.536   -12.572 1.00 26.17 ? 22  GLU A CB  1 
ATOM   176  C  CG  . GLU A 1 25  ? 4.096   5.931   -12.969 1.00 28.83 ? 22  GLU A CG  1 
ATOM   177  C  CD  . GLU A 1 25  ? 4.307   7.443   -12.806 1.00 34.13 ? 22  GLU A CD  1 
ATOM   178  O  OE1 . GLU A 1 25  ? 3.298   8.198   -12.857 1.00 35.18 ? 22  GLU A OE1 1 
ATOM   179  O  OE2 . GLU A 1 25  ? 5.473   7.871   -12.642 1.00 34.77 ? 22  GLU A OE2 1 
ATOM   180  N  N   . SER A 1 26  ? 2.821   2.852   -10.761 1.00 24.96 ? 23  SER A N   1 
ATOM   181  C  CA  . SER A 1 26  ? 3.564   1.928   -9.917  1.00 23.67 ? 23  SER A CA  1 
ATOM   182  C  C   . SER A 1 26  ? 3.296   0.510   -10.384 1.00 24.02 ? 23  SER A C   1 
ATOM   183  O  O   . SER A 1 26  ? 4.231   -0.280  -10.512 1.00 23.26 ? 23  SER A O   1 
ATOM   184  C  CB  . SER A 1 26  ? 3.154   2.106   -8.455  1.00 23.81 ? 23  SER A CB  1 
ATOM   185  O  OG  . SER A 1 26  ? 4.002   1.402   -7.567  1.00 23.41 ? 23  SER A OG  1 
ATOM   186  N  N   . TRP A 1 27  ? 2.023   0.196   -10.649 1.00 24.31 ? 24  TRP A N   1 
ATOM   187  C  CA  . TRP A 1 27  ? 1.631   -1.127  -11.170 1.00 24.50 ? 24  TRP A CA  1 
ATOM   188  C  C   . TRP A 1 27  ? 2.335   -1.490  -12.500 1.00 24.33 ? 24  TRP A C   1 
ATOM   189  O  O   . TRP A 1 27  ? 2.979   -2.542  -12.587 1.00 24.33 ? 24  TRP A O   1 
ATOM   190  C  CB  . TRP A 1 27  ? 0.096   -1.278  -11.252 1.00 24.38 ? 24  TRP A CB  1 
ATOM   191  C  CG  . TRP A 1 27  ? -0.518  -2.023  -10.077 1.00 25.08 ? 24  TRP A CG  1 
ATOM   192  C  CD1 . TRP A 1 27  ? -0.686  -1.562  -8.798  1.00 26.53 ? 24  TRP A CD1 1 
ATOM   193  C  CD2 . TRP A 1 27  ? -1.047  -3.359  -10.090 1.00 25.60 ? 24  TRP A CD2 1 
ATOM   194  N  NE1 . TRP A 1 27  ? -1.269  -2.539  -8.007  1.00 25.48 ? 24  TRP A NE1 1 
ATOM   195  C  CE2 . TRP A 1 27  ? -1.496  -3.649  -8.779  1.00 25.44 ? 24  TRP A CE2 1 
ATOM   196  C  CE3 . TRP A 1 27  ? -1.164  -4.349  -11.082 1.00 27.73 ? 24  TRP A CE3 1 
ATOM   197  C  CZ2 . TRP A 1 27  ? -2.063  -4.881  -8.435  1.00 25.44 ? 24  TRP A CZ2 1 
ATOM   198  C  CZ3 . TRP A 1 27  ? -1.733  -5.574  -10.741 1.00 27.72 ? 24  TRP A CZ3 1 
ATOM   199  C  CH2 . TRP A 1 27  ? -2.180  -5.823  -9.423  1.00 27.34 ? 24  TRP A CH2 1 
ATOM   200  N  N   . LYS A 1 28  ? 2.252   -0.637  -13.520 1.00 24.42 ? 25  LYS A N   1 
ATOM   201  C  CA  . LYS A 1 28  ? 2.951   -0.936  -14.788 1.00 24.34 ? 25  LYS A CA  1 
ATOM   202  C  C   . LYS A 1 28  ? 4.413   -1.295  -14.529 1.00 24.99 ? 25  LYS A C   1 
ATOM   203  O  O   . LYS A 1 28  ? 4.913   -2.270  -15.071 1.00 25.14 ? 25  LYS A O   1 
ATOM   204  C  CB  . LYS A 1 28  ? 2.890   0.220   -15.778 1.00 24.09 ? 25  LYS A CB  1 
ATOM   205  C  CG  . LYS A 1 28  ? 1.528   0.521   -16.320 1.00 23.62 ? 25  LYS A CG  1 
ATOM   206  C  CD  . LYS A 1 28  ? 1.619   1.380   -17.585 1.00 25.47 ? 25  LYS A CD  1 
ATOM   207  C  CE  . LYS A 1 28  ? 0.263   2.031   -17.862 1.00 29.76 ? 25  LYS A CE  1 
ATOM   208  N  NZ  . LYS A 1 28  ? 0.123   2.727   -19.186 1.00 29.28 ? 25  LYS A NZ  1 
ATOM   209  N  N   . TRP A 1 29  ? 5.092   -0.518  -13.681 1.00 25.59 ? 26  TRP A N   1 
ATOM   210  C  CA  . TRP A 1 29  ? 6.484   -0.784  -13.348 1.00 25.66 ? 26  TRP A CA  1 
ATOM   211  C  C   . TRP A 1 29  ? 6.714   -2.072  -12.563 1.00 25.98 ? 26  TRP A C   1 
ATOM   212  O  O   . TRP A 1 29  ? 7.480   -2.938  -12.986 1.00 27.44 ? 26  TRP A O   1 
ATOM   213  C  CB  . TRP A 1 29  ? 7.047   0.365   -12.536 1.00 26.38 ? 26  TRP A CB  1 
ATOM   214  C  CG  . TRP A 1 29  ? 8.515   0.246   -12.264 1.00 26.03 ? 26  TRP A CG  1 
ATOM   215  C  CD1 . TRP A 1 29  ? 9.520   0.358   -13.176 1.00 25.24 ? 26  TRP A CD1 1 
ATOM   216  C  CD2 . TRP A 1 29  ? 9.142   0.028   -10.992 1.00 25.70 ? 26  TRP A CD2 1 
ATOM   217  N  NE1 . TRP A 1 29  ? 10.744  0.204   -12.553 1.00 27.66 ? 26  TRP A NE1 1 
ATOM   218  C  CE2 . TRP A 1 29  ? 10.538  0.003   -11.213 1.00 25.95 ? 26  TRP A CE2 1 
ATOM   219  C  CE3 . TRP A 1 29  ? 8.660   -0.155  -9.691  1.00 28.24 ? 26  TRP A CE3 1 
ATOM   220  C  CZ2 . TRP A 1 29  ? 11.461  -0.191  -10.177 1.00 26.75 ? 26  TRP A CZ2 1 
ATOM   221  C  CZ3 . TRP A 1 29  ? 9.586   -0.352  -8.654  1.00 28.24 ? 26  TRP A CZ3 1 
ATOM   222  C  CH2 . TRP A 1 29  ? 10.966  -0.368  -8.908  1.00 27.38 ? 26  TRP A CH2 1 
ATOM   223  N  N   . THR A 1 30  ? 6.055   -2.185  -11.421 1.00 24.87 ? 27  THR A N   1 
ATOM   224  C  CA  . THR A 1 30  ? 6.209   -3.304  -10.516 1.00 24.36 ? 27  THR A CA  1 
ATOM   225  C  C   . THR A 1 30  ? 6.004   -4.664  -11.160 1.00 24.79 ? 27  THR A C   1 
ATOM   226  O  O   . THR A 1 30  ? 6.750   -5.615  -10.887 1.00 25.07 ? 27  THR A O   1 
ATOM   227  C  CB  . THR A 1 30  ? 5.208   -3.151  -9.347  1.00 25.18 ? 27  THR A CB  1 
ATOM   228  O  OG1 . THR A 1 30  ? 5.463   -1.918  -8.662  1.00 24.18 ? 27  THR A OG1 1 
ATOM   229  C  CG2 . THR A 1 30  ? 5.322   -4.300  -8.352  1.00 26.34 ? 27  THR A CG2 1 
ATOM   230  N  N   . TYR A 1 31  ? 5.001   -4.771  -12.023 1.00 24.42 ? 28  TYR A N   1 
ATOM   231  C  CA  . TYR A 1 31  ? 4.675   -6.078  -12.598 1.00 24.59 ? 28  TYR A CA  1 
ATOM   232  C  C   . TYR A 1 31  ? 5.068   -6.226  -14.066 1.00 24.83 ? 28  TYR A C   1 
ATOM   233  O  O   . TYR A 1 31  ? 4.475   -7.023  -14.787 1.00 24.69 ? 28  TYR A O   1 
ATOM   234  C  CB  . TYR A 1 31  ? 3.178   -6.410  -12.377 1.00 24.31 ? 28  TYR A CB  1 
ATOM   235  C  CG  . TYR A 1 31  ? 2.763   -6.246  -10.923 1.00 23.51 ? 28  TYR A CG  1 
ATOM   236  C  CD1 . TYR A 1 31  ? 3.028   -7.247  -9.981  1.00 21.80 ? 28  TYR A CD1 1 
ATOM   237  C  CD2 . TYR A 1 31  ? 2.144   -5.067  -10.477 1.00 22.54 ? 28  TYR A CD2 1 
ATOM   238  C  CE1 . TYR A 1 31  ? 2.671   -7.087  -8.645  1.00 20.64 ? 28  TYR A CE1 1 
ATOM   239  C  CE2 . TYR A 1 31  ? 1.782   -4.905  -9.143  1.00 21.22 ? 28  TYR A CE2 1 
ATOM   240  C  CZ  . TYR A 1 31  ? 2.048   -5.919  -8.238  1.00 19.65 ? 28  TYR A CZ  1 
ATOM   241  O  OH  . TYR A 1 31  ? 1.689   -5.758  -6.923  1.00 18.52 ? 28  TYR A OH  1 
ATOM   242  N  N   . ALA A 1 32  ? 6.088   -5.489  -14.503 1.00 25.26 ? 29  ALA A N   1 
ATOM   243  C  CA  . ALA A 1 32  ? 6.502   -5.551  -15.920 1.00 25.32 ? 29  ALA A CA  1 
ATOM   244  C  C   . ALA A 1 32  ? 6.851   -6.957  -16.391 1.00 25.56 ? 29  ALA A C   1 
ATOM   245  O  O   . ALA A 1 32  ? 6.627   -7.296  -17.548 1.00 25.85 ? 29  ALA A O   1 
ATOM   246  C  CB  . ALA A 1 32  ? 7.644   -4.616  -16.190 1.00 24.83 ? 29  ALA A CB  1 
ATOM   247  N  N   . GLY A 1 33  ? 7.396   -7.783  -15.508 1.00 26.14 ? 30  GLY A N   1 
ATOM   248  C  CA  . GLY A 1 33  ? 7.728   -9.153  -15.909 1.00 26.81 ? 30  GLY A CA  1 
ATOM   249  C  C   . GLY A 1 33  ? 6.773   -10.177 -15.325 1.00 27.05 ? 30  GLY A C   1 
ATOM   250  O  O   . GLY A 1 33  ? 6.983   -11.381 -15.439 1.00 28.05 ? 30  GLY A O   1 
ATOM   251  N  N   . ILE A 1 34  ? 5.700   -9.703  -14.725 1.00 26.93 ? 31  ILE A N   1 
ATOM   252  C  CA  . ILE A 1 34  ? 4.792   -10.582 -14.014 1.00 27.03 ? 31  ILE A CA  1 
ATOM   253  C  C   . ILE A 1 34  ? 3.421   -10.701 -14.708 1.00 27.28 ? 31  ILE A C   1 
ATOM   254  O  O   . ILE A 1 34  ? 3.010   -11.797 -15.071 1.00 26.26 ? 31  ILE A O   1 
ATOM   255  C  CB  . ILE A 1 34  ? 4.744   -10.129 -12.536 1.00 27.69 ? 31  ILE A CB  1 
ATOM   256  C  CG1 . ILE A 1 34  ? 6.151   -10.291 -11.949 1.00 25.02 ? 31  ILE A CG1 1 
ATOM   257  C  CG2 . ILE A 1 34  ? 3.718   -10.896 -11.731 1.00 26.66 ? 31  ILE A CG2 1 
ATOM   258  C  CD1 . ILE A 1 34  ? 6.355   -9.509  -10.731 1.00 23.69 ? 31  ILE A CD1 1 
ATOM   259  N  N   . TYR A 1 35  ? 2.734   -9.583  -14.914 1.00 27.69 ? 32  TYR A N   1 
ATOM   260  C  CA  . TYR A 1 35  ? 1.460   -9.581  -15.628 1.00 28.27 ? 32  TYR A CA  1 
ATOM   261  C  C   . TYR A 1 35  ? 1.551   -8.858  -16.966 1.00 28.80 ? 32  TYR A C   1 
ATOM   262  O  O   . TYR A 1 35  ? 2.505   -8.118  -17.210 1.00 29.20 ? 32  TYR A O   1 
ATOM   263  C  CB  . TYR A 1 35  ? 0.387   -8.883  -14.815 1.00 28.79 ? 32  TYR A CB  1 
ATOM   264  C  CG  . TYR A 1 35  ? 0.177   -9.440  -13.451 1.00 29.54 ? 32  TYR A CG  1 
ATOM   265  C  CD1 . TYR A 1 35  ? -0.037  -10.805 -13.262 1.00 31.76 ? 32  TYR A CD1 1 
ATOM   266  C  CD2 . TYR A 1 35  ? 0.158   -8.603  -12.350 1.00 30.17 ? 32  TYR A CD2 1 
ATOM   267  C  CE1 . TYR A 1 35  ? -0.243  -11.328 -11.989 1.00 33.84 ? 32  TYR A CE1 1 
ATOM   268  C  CE2 . TYR A 1 35  ? -0.045  -9.105  -11.072 1.00 33.28 ? 32  TYR A CE2 1 
ATOM   269  C  CZ  . TYR A 1 35  ? -0.248  -10.471 -10.895 1.00 34.83 ? 32  TYR A CZ  1 
ATOM   270  O  OH  . TYR A 1 35  ? -0.452  -10.968 -9.622  1.00 35.93 ? 32  TYR A OH  1 
ATOM   271  N  N   . SER A 1 36  ? 0.541   -9.050  -17.815 1.00 28.93 ? 33  SER A N   1 
ATOM   272  C  CA  . SER A 1 36  ? 0.507   -8.404  -19.132 1.00 29.40 ? 33  SER A CA  1 
ATOM   273  C  C   . SER A 1 36  ? -0.054  -6.980  -19.036 1.00 30.29 ? 33  SER A C   1 
ATOM   274  O  O   . SER A 1 36  ? -0.789  -6.643  -18.088 1.00 30.01 ? 33  SER A O   1 
ATOM   275  C  CB  . SER A 1 36  ? -0.313  -9.230  -20.140 1.00 29.13 ? 33  SER A CB  1 
ATOM   276  O  OG  . SER A 1 36  ? -1.701  -9.224  -19.825 1.00 27.57 ? 33  SER A OG  1 
ATOM   277  N  N   . GLU A 1 37  ? 0.291   -6.148  -20.019 1.00 30.79 ? 34  GLU A N   1 
ATOM   278  C  CA  . GLU A 1 37  ? -0.183  -4.761  -20.041 1.00 31.64 ? 34  GLU A CA  1 
ATOM   279  C  C   . GLU A 1 37  ? -1.697  -4.632  -19.832 1.00 30.94 ? 34  GLU A C   1 
ATOM   280  O  O   . GLU A 1 37  ? -2.151  -3.755  -19.095 1.00 30.83 ? 34  GLU A O   1 
ATOM   281  C  CB  . GLU A 1 37  ? 0.255   -4.065  -21.332 1.00 31.95 ? 34  GLU A CB  1 
ATOM   282  C  CG  . GLU A 1 37  ? 1.723   -3.671  -21.324 1.00 35.90 ? 34  GLU A CG  1 
ATOM   283  C  CD  . GLU A 1 37  ? 2.170   -3.084  -22.649 1.00 41.80 ? 34  GLU A CD  1 
ATOM   284  O  OE1 . GLU A 1 37  ? 1.295   -2.742  -23.486 1.00 42.25 ? 34  GLU A OE1 1 
ATOM   285  O  OE2 . GLU A 1 37  ? 3.405   -2.972  -22.853 1.00 44.91 ? 34  GLU A OE2 1 
ATOM   286  N  N   . GLU A 1 38  ? -2.468  -5.513  -20.473 1.00 30.54 ? 35  GLU A N   1 
ATOM   287  C  CA  . GLU A 1 38  ? -3.922  -5.521  -20.328 1.00 30.01 ? 35  GLU A CA  1 
ATOM   288  C  C   . GLU A 1 38  ? -4.367  -5.996  -18.940 1.00 29.76 ? 35  GLU A C   1 
ATOM   289  O  O   . GLU A 1 38  ? -5.266  -5.399  -18.350 1.00 29.52 ? 35  GLU A O   1 
ATOM   290  C  CB  . GLU A 1 38  ? -4.601  -6.366  -21.416 1.00 30.18 ? 35  GLU A CB  1 
ATOM   291  C  CG  . GLU A 1 38  ? -4.419  -5.873  -22.852 1.00 31.20 ? 35  GLU A CG  1 
ATOM   292  C  CD  . GLU A 1 38  ? -3.102  -6.327  -23.514 1.00 34.01 ? 35  GLU A CD  1 
ATOM   293  O  OE1 . GLU A 1 38  ? -2.090  -6.612  -22.815 1.00 31.84 ? 35  GLU A OE1 1 
ATOM   294  O  OE2 . GLU A 1 38  ? -3.091  -6.389  -24.767 1.00 36.47 ? 35  GLU A OE2 1 
ATOM   295  N  N   . TYR A 1 39  ? -3.753  -7.061  -18.420 1.00 29.19 ? 36  TYR A N   1 
ATOM   296  C  CA  . TYR A 1 39  ? -4.118  -7.555  -17.102 1.00 28.98 ? 36  TYR A CA  1 
ATOM   297  C  C   . TYR A 1 39  ? -4.051  -6.382  -16.104 1.00 30.07 ? 36  TYR A C   1 
ATOM   298  O  O   . TYR A 1 39  ? -4.947  -6.180  -15.260 1.00 30.56 ? 36  TYR A O   1 
ATOM   299  C  CB  . TYR A 1 39  ? -3.203  -8.710  -16.687 1.00 28.41 ? 36  TYR A CB  1 
ATOM   300  C  CG  . TYR A 1 39  ? -3.414  -9.167  -15.262 1.00 27.63 ? 36  TYR A CG  1 
ATOM   301  C  CD1 . TYR A 1 39  ? -4.024  -10.389 -14.973 1.00 25.86 ? 36  TYR A CD1 1 
ATOM   302  C  CD2 . TYR A 1 39  ? -3.007  -8.363  -14.190 1.00 26.38 ? 36  TYR A CD2 1 
ATOM   303  C  CE1 . TYR A 1 39  ? -4.221  -10.802 -13.647 1.00 25.08 ? 36  TYR A CE1 1 
ATOM   304  C  CE2 . TYR A 1 39  ? -3.196  -8.758  -12.869 1.00 25.31 ? 36  TYR A CE2 1 
ATOM   305  C  CZ  . TYR A 1 39  ? -3.801  -9.972  -12.607 1.00 25.83 ? 36  TYR A CZ  1 
ATOM   306  O  OH  . TYR A 1 39  ? -3.969  -10.328 -11.301 1.00 26.67 ? 36  TYR A OH  1 
ATOM   307  N  N   . ILE A 1 40  ? -2.988  -5.591  -16.230 1.00 30.03 ? 37  ILE A N   1 
ATOM   308  C  CA  . ILE A 1 40  ? -2.755  -4.441  -15.354 1.00 29.61 ? 37  ILE A CA  1 
ATOM   309  C  C   . ILE A 1 40  ? -3.767  -3.308  -15.557 1.00 30.08 ? 37  ILE A C   1 
ATOM   310  O  O   . ILE A 1 40  ? -4.255  -2.743  -14.581 1.00 30.22 ? 37  ILE A O   1 
ATOM   311  C  CB  . ILE A 1 40  ? -1.326  -3.893  -15.547 1.00 29.22 ? 37  ILE A CB  1 
ATOM   312  C  CG1 . ILE A 1 40  ? -0.285  -4.914  -15.062 1.00 27.48 ? 37  ILE A CG1 1 
ATOM   313  C  CG2 . ILE A 1 40  ? -1.184  -2.578  -14.838 1.00 28.29 ? 37  ILE A CG2 1 
ATOM   314  C  CD1 . ILE A 1 40  ? 1.107   -4.688  -15.630 1.00 23.17 ? 37  ILE A CD1 1 
ATOM   315  N  N   . GLU A 1 41  ? -4.058  -2.983  -16.821 1.00 30.19 ? 38  GLU A N   1 
ATOM   316  C  CA  . GLU A 1 41  ? -5.033  -1.959  -17.190 1.00 30.54 ? 38  GLU A CA  1 
ATOM   317  C  C   . GLU A 1 41  ? -6.440  -2.363  -16.729 1.00 31.12 ? 38  GLU A C   1 
ATOM   318  O  O   . GLU A 1 41  ? -7.277  -1.503  -16.399 1.00 31.92 ? 38  GLU A O   1 
ATOM   319  C  CB  . GLU A 1 41  ? -5.017  -1.760  -18.703 1.00 30.54 ? 38  GLU A CB  1 
ATOM   320  C  CG  . GLU A 1 41  ? -6.095  -0.848  -19.269 1.00 31.12 ? 38  GLU A CG  1 
ATOM   321  C  CD  . GLU A 1 41  ? -6.183  -0.971  -20.788 1.00 36.11 ? 38  GLU A CD  1 
ATOM   322  O  OE1 . GLU A 1 41  ? -5.800  -2.041  -21.320 1.00 38.78 ? 38  GLU A OE1 1 
ATOM   323  O  OE2 . GLU A 1 41  ? -6.631  -0.015  -21.461 1.00 35.73 ? 38  GLU A OE2 1 
ATOM   324  N  N   . SER A 1 42  ? -6.713  -3.666  -16.701 1.00 30.70 ? 39  SER A N   1 
ATOM   325  C  CA  . SER A 1 42  ? -7.999  -4.124  -16.199 1.00 30.39 ? 39  SER A CA  1 
ATOM   326  C  C   . SER A 1 42  ? -7.989  -4.075  -14.689 1.00 30.26 ? 39  SER A C   1 
ATOM   327  O  O   . SER A 1 42  ? -8.942  -3.612  -14.077 1.00 30.50 ? 39  SER A O   1 
ATOM   328  C  CB  . SER A 1 42  ? -8.328  -5.520  -16.685 1.00 30.03 ? 39  SER A CB  1 
ATOM   329  O  OG  . SER A 1 42  ? -8.493  -5.495  -18.085 1.00 29.47 ? 39  SER A OG  1 
ATOM   330  N  N   . TRP A 1 43  ? -6.909  -4.541  -14.088 1.00 30.13 ? 40  TRP A N   1 
ATOM   331  C  CA  . TRP A 1 43  ? -6.798  -4.452  -12.639 1.00 31.29 ? 40  TRP A CA  1 
ATOM   332  C  C   . TRP A 1 43  ? -6.989  -3.013  -12.135 1.00 31.15 ? 40  TRP A C   1 
ATOM   333  O  O   . TRP A 1 43  ? -7.716  -2.765  -11.161 1.00 31.40 ? 40  TRP A O   1 
ATOM   334  C  CB  . TRP A 1 43  ? -5.447  -4.953  -12.155 1.00 31.74 ? 40  TRP A CB  1 
ATOM   335  C  CG  . TRP A 1 43  ? -5.442  -5.122  -10.666 1.00 33.65 ? 40  TRP A CG  1 
ATOM   336  C  CD1 . TRP A 1 43  ? -5.147  -4.180  -9.722  1.00 33.77 ? 40  TRP A CD1 1 
ATOM   337  C  CD2 . TRP A 1 43  ? -5.773  -6.310  -9.956  1.00 34.14 ? 40  TRP A CD2 1 
ATOM   338  N  NE1 . TRP A 1 43  ? -5.258  -4.718  -8.464  1.00 31.92 ? 40  TRP A NE1 1 
ATOM   339  C  CE2 . TRP A 1 43  ? -5.644  -6.024  -8.580  1.00 32.96 ? 40  TRP A CE2 1 
ATOM   340  C  CE3 . TRP A 1 43  ? -6.155  -7.595  -10.353 1.00 35.79 ? 40  TRP A CE3 1 
ATOM   341  C  CZ2 . TRP A 1 43  ? -5.880  -6.967  -7.599  1.00 32.85 ? 40  TRP A CZ2 1 
ATOM   342  C  CZ3 . TRP A 1 43  ? -6.393  -8.538  -9.376  1.00 38.31 ? 40  TRP A CZ3 1 
ATOM   343  C  CH2 . TRP A 1 43  ? -6.256  -8.215  -8.010  1.00 36.51 ? 40  TRP A CH2 1 
ATOM   344  N  N   . ILE A 1 44  ? -6.326  -2.070  -12.796 1.00 30.04 ? 41  ILE A N   1 
ATOM   345  C  CA  . ILE A 1 44  ? -6.458  -0.667  -12.434 1.00 28.75 ? 41  ILE A CA  1 
ATOM   346  C  C   . ILE A 1 44  ? -7.894  -0.218  -12.623 1.00 28.51 ? 41  ILE A C   1 
ATOM   347  O  O   . ILE A 1 44  ? -8.445  0.459   -11.758 1.00 29.13 ? 41  ILE A O   1 
ATOM   348  C  CB  . ILE A 1 44  ? -5.481  0.244   -13.233 1.00 28.15 ? 41  ILE A CB  1 
ATOM   349  C  CG1 . ILE A 1 44  ? -4.025  -0.056  -12.861 1.00 25.96 ? 41  ILE A CG1 1 
ATOM   350  C  CG2 . ILE A 1 44  ? -5.768  1.705   -12.970 1.00 28.57 ? 41  ILE A CG2 1 
ATOM   351  C  CD1 . ILE A 1 44  ? -3.627  0.348   -11.456 1.00 24.79 ? 41  ILE A CD1 1 
ATOM   352  N  N   . ARG A 1 45  ? -8.515  -0.606  -13.734 1.00 28.08 ? 42  ARG A N   1 
ATOM   353  C  CA  . ARG A 1 45  ? -9.879  -0.171  -14.000 1.00 27.71 ? 42  ARG A CA  1 
ATOM   354  C  C   . ARG A 1 45  ? -10.889 -0.725  -12.998 1.00 27.34 ? 42  ARG A C   1 
ATOM   355  O  O   . ARG A 1 45  ? -11.809 -0.016  -12.577 1.00 27.21 ? 42  ARG A O   1 
ATOM   356  C  CB  . ARG A 1 45  ? -10.313 -0.560  -15.410 1.00 28.45 ? 42  ARG A CB  1 
ATOM   357  C  CG  . ARG A 1 45  ? -11.605 0.138   -15.878 1.00 29.84 ? 42  ARG A CG  1 
ATOM   358  C  CD  . ARG A 1 45  ? -12.288 -0.600  -17.045 1.00 34.99 ? 42  ARG A CD  1 
ATOM   359  N  NE  . ARG A 1 45  ? -11.320 -1.078  -18.030 1.00 38.44 ? 42  ARG A NE  1 
ATOM   360  C  CZ  . ARG A 1 45  ? -10.929 -2.347  -18.155 1.00 39.96 ? 42  ARG A CZ  1 
ATOM   361  N  NH1 . ARG A 1 45  ? -11.443 -3.281  -17.364 1.00 41.10 ? 42  ARG A NH1 1 
ATOM   362  N  NH2 . ARG A 1 45  ? -10.031 -2.683  -19.076 1.00 39.54 ? 42  ARG A NH2 1 
ATOM   363  N  N   . GLU A 1 46  ? -10.704 -1.987  -12.614 1.00 27.35 ? 43  GLU A N   1 
ATOM   364  C  CA  . GLU A 1 46  ? -11.654 -2.698  -11.744 1.00 27.25 ? 43  GLU A CA  1 
ATOM   365  C  C   . GLU A 1 46  ? -11.429 -2.600  -10.241 1.00 26.50 ? 43  GLU A C   1 
ATOM   366  O  O   . GLU A 1 46  ? -12.387 -2.486  -9.498  1.00 26.64 ? 43  GLU A O   1 
ATOM   367  C  CB  . GLU A 1 46  ? -11.687 -4.171  -12.112 1.00 27.88 ? 43  GLU A CB  1 
ATOM   368  C  CG  . GLU A 1 46  ? -11.999 -4.421  -13.574 1.00 31.62 ? 43  GLU A CG  1 
ATOM   369  C  CD  . GLU A 1 46  ? -12.169 -5.898  -13.882 1.00 36.51 ? 43  GLU A CD  1 
ATOM   370  O  OE1 . GLU A 1 46  ? -11.798 -6.738  -13.025 1.00 39.58 ? 43  GLU A OE1 1 
ATOM   371  O  OE2 . GLU A 1 46  ? -12.683 -6.218  -14.977 1.00 38.00 ? 43  GLU A OE2 1 
ATOM   372  N  N   . LYS A 1 47  ? -10.186 -2.681  -9.783  1.00 25.64 ? 44  LYS A N   1 
ATOM   373  C  CA  . LYS A 1 47  ? -9.904  -2.596  -8.344  1.00 24.88 ? 44  LYS A CA  1 
ATOM   374  C  C   . LYS A 1 47  ? -9.649  -1.159  -7.867  1.00 24.58 ? 44  LYS A C   1 
ATOM   375  O  O   . LYS A 1 47  ? -10.008 -0.798  -6.742  1.00 24.40 ? 44  LYS A O   1 
ATOM   376  C  CB  . LYS A 1 47  ? -8.723  -3.494  -7.955  1.00 24.09 ? 44  LYS A CB  1 
ATOM   377  C  CG  . LYS A 1 47  ? -9.103  -4.921  -7.638  1.00 26.50 ? 44  LYS A CG  1 
ATOM   378  C  CD  . LYS A 1 47  ? -9.622  -5.641  -8.862  1.00 30.60 ? 44  LYS A CD  1 
ATOM   379  C  CE  . LYS A 1 47  ? -10.067 -7.055  -8.536  1.00 31.73 ? 44  LYS A CE  1 
ATOM   380  N  NZ  . LYS A 1 47  ? -10.146 -7.863  -9.781  1.00 31.09 ? 44  LYS A NZ  1 
ATOM   381  N  N   . TYR A 1 48  ? -9.015  -0.352  -8.714  1.00 23.10 ? 45  TYR A N   1 
ATOM   382  C  CA  . TYR A 1 48  ? -8.726  1.011   -8.333  1.00 23.36 ? 45  TYR A CA  1 
ATOM   383  C  C   . TYR A 1 48  ? -9.743  1.972   -8.954  1.00 23.19 ? 45  TYR A C   1 
ATOM   384  O  O   . TYR A 1 48  ? -9.374  3.062   -9.394  1.00 23.19 ? 45  TYR A O   1 
ATOM   385  C  CB  . TYR A 1 48  ? -7.295  1.410   -8.734  1.00 23.63 ? 45  TYR A CB  1 
ATOM   386  C  CG  . TYR A 1 48  ? -6.205  0.814   -7.860  1.00 24.16 ? 45  TYR A CG  1 
ATOM   387  C  CD1 . TYR A 1 48  ? -5.662  1.546   -6.821  1.00 24.33 ? 45  TYR A CD1 1 
ATOM   388  C  CD2 . TYR A 1 48  ? -5.727  -0.484  -8.080  1.00 25.29 ? 45  TYR A CD2 1 
ATOM   389  C  CE1 . TYR A 1 48  ? -4.660  1.017   -6.013  1.00 27.48 ? 45  TYR A CE1 1 
ATOM   390  C  CE2 . TYR A 1 48  ? -4.719  -1.029  -7.281  1.00 27.89 ? 45  TYR A CE2 1 
ATOM   391  C  CZ  . TYR A 1 48  ? -4.193  -0.267  -6.245  1.00 29.14 ? 45  TYR A CZ  1 
ATOM   392  O  OH  . TYR A 1 48  ? -3.209  -0.772  -5.426  1.00 28.10 ? 45  TYR A OH  1 
ATOM   393  N  N   . SER A 1 49  ? -11.014 1.580   -8.987  1.00 21.54 ? 46  SER A N   1 
ATOM   394  C  CA  . SER A 1 49  ? -11.988 2.429   -9.622  1.00 21.29 ? 46  SER A CA  1 
ATOM   395  C  C   . SER A 1 49  ? -12.270 3.597   -8.701  1.00 21.16 ? 46  SER A C   1 
ATOM   396  O  O   . SER A 1 49  ? -12.014 3.531   -7.493  1.00 21.92 ? 46  SER A O   1 
ATOM   397  C  CB  . SER A 1 49  ? -13.282 1.666   -9.978  1.00 21.01 ? 46  SER A CB  1 
ATOM   398  O  OG  . SER A 1 49  ? -14.046 1.372   -8.823  1.00 21.17 ? 46  SER A OG  1 
ATOM   399  N  N   . LYS A 1 50  ? -12.782 4.667   -9.289  1.00 20.52 ? 47  LYS A N   1 
ATOM   400  C  CA  . LYS A 1 50  ? -13.132 5.869   -8.565  1.00 20.01 ? 47  LYS A CA  1 
ATOM   401  C  C   . LYS A 1 50  ? -14.060 5.520   -7.399  1.00 19.17 ? 47  LYS A C   1 
ATOM   402  O  O   . LYS A 1 50  ? -13.837 5.940   -6.270  1.00 19.11 ? 47  LYS A O   1 
ATOM   403  C  CB  . LYS A 1 50  ? -13.795 6.858   -9.541  1.00 20.02 ? 47  LYS A CB  1 
ATOM   404  C  CG  . LYS A 1 50  ? -14.046 8.281   -9.022  1.00 23.01 ? 47  LYS A CG  1 
ATOM   405  C  CD  . LYS A 1 50  ? -14.516 9.213   -10.190 1.00 30.05 ? 47  LYS A CD  1 
ATOM   406  C  CE  . LYS A 1 50  ? -14.613 10.729  -9.829  1.00 31.67 ? 47  LYS A CE  1 
ATOM   407  N  NZ  . LYS A 1 50  ? -15.849 11.166  -9.113  1.00 30.69 ? 47  LYS A NZ  1 
ATOM   408  N  N   . GLU A 1 51  ? -15.100 4.735   -7.667  1.00 18.55 ? 48  GLU A N   1 
ATOM   409  C  CA  . GLU A 1 51  ? -16.071 4.412   -6.617  1.00 17.26 ? 48  GLU A CA  1 
ATOM   410  C  C   . GLU A 1 51  ? -15.486 3.624   -5.430  1.00 16.88 ? 48  GLU A C   1 
ATOM   411  O  O   . GLU A 1 51  ? -15.677 4.020   -4.271  1.00 15.90 ? 48  GLU A O   1 
ATOM   412  C  CB  . GLU A 1 51  ? -17.295 3.713   -7.202  1.00 16.69 ? 48  GLU A CB  1 
ATOM   413  C  CG  . GLU A 1 51  ? -18.265 4.647   -7.890  1.00 16.67 ? 48  GLU A CG  1 
ATOM   414  C  CD  . GLU A 1 51  ? -17.653 5.353   -9.098  1.00 17.61 ? 48  GLU A CD  1 
ATOM   415  O  OE1 . GLU A 1 51  ? -16.829 4.737   -9.804  1.00 15.54 ? 48  GLU A OE1 1 
ATOM   416  O  OE2 . GLU A 1 51  ? -18.004 6.527   -9.346  1.00 17.98 ? 48  GLU A OE2 1 
ATOM   417  N  N   . LYS A 1 52  ? -14.764 2.538   -5.723  1.00 16.35 ? 49  LYS A N   1 
ATOM   418  C  CA  . LYS A 1 52  ? -14.193 1.709   -4.675  1.00 16.17 ? 49  LYS A CA  1 
ATOM   419  C  C   . LYS A 1 52  ? -13.229 2.486   -3.820  1.00 16.63 ? 49  LYS A C   1 
ATOM   420  O  O   . LYS A 1 52  ? -13.337 2.472   -2.592  1.00 16.48 ? 49  LYS A O   1 
ATOM   421  C  CB  . LYS A 1 52  ? -13.510 0.463   -5.246  1.00 16.16 ? 49  LYS A CB  1 
ATOM   422  C  CG  . LYS A 1 52  ? -14.475 -0.539  -5.809  1.00 16.94 ? 49  LYS A CG  1 
ATOM   423  C  CD  . LYS A 1 52  ? -13.785 -1.760  -6.317  1.00 17.97 ? 49  LYS A CD  1 
ATOM   424  C  CE  . LYS A 1 52  ? -14.800 -2.616  -7.078  1.00 18.84 ? 49  LYS A CE  1 
ATOM   425  N  NZ  . LYS A 1 52  ? -14.105 -3.814  -7.655  1.00 24.22 ? 49  LYS A NZ  1 
ATOM   426  N  N   . LEU A 1 53  ? -12.282 3.170   -4.459  1.00 17.69 ? 50  LEU A N   1 
ATOM   427  C  CA  . LEU A 1 53  ? -11.310 3.955   -3.710  1.00 18.37 ? 50  LEU A CA  1 
ATOM   428  C  C   . LEU A 1 53  ? -12.007 5.020   -2.894  1.00 18.58 ? 50  LEU A C   1 
ATOM   429  O  O   . LEU A 1 53  ? -11.607 5.291   -1.767  1.00 18.77 ? 50  LEU A O   1 
ATOM   430  C  CB  . LEU A 1 53  ? -10.284 4.581   -4.639  1.00 18.87 ? 50  LEU A CB  1 
ATOM   431  C  CG  . LEU A 1 53  ? -9.482  3.513   -5.373  1.00 20.11 ? 50  LEU A CG  1 
ATOM   432  C  CD1 . LEU A 1 53  ? -8.570  4.142   -6.413  1.00 23.49 ? 50  LEU A CD1 1 
ATOM   433  C  CD2 . LEU A 1 53  ? -8.681  2.692   -4.381  1.00 18.42 ? 50  LEU A CD2 1 
ATOM   434  N  N   . LEU A 1 54  ? -13.060 5.622   -3.445  1.00 19.13 ? 51  LEU A N   1 
ATOM   435  C  CA  . LEU A 1 54  ? -13.738 6.679   -2.712  1.00 19.67 ? 51  LEU A CA  1 
ATOM   436  C  C   . LEU A 1 54  ? -14.290 6.106   -1.415  1.00 20.26 ? 51  LEU A C   1 
ATOM   437  O  O   . LEU A 1 54  ? -14.030 6.640   -0.328  1.00 20.36 ? 51  LEU A O   1 
ATOM   438  C  CB  . LEU A 1 54  ? -14.826 7.375   -3.548  1.00 20.00 ? 51  LEU A CB  1 
ATOM   439  C  CG  . LEU A 1 54  ? -14.349 8.456   -4.534  1.00 20.06 ? 51  LEU A CG  1 
ATOM   440  C  CD1 . LEU A 1 54  ? -15.554 9.077   -5.222  1.00 20.00 ? 51  LEU A CD1 1 
ATOM   441  C  CD2 . LEU A 1 54  ? -13.505 9.538   -3.851  1.00 17.29 ? 51  LEU A CD2 1 
ATOM   442  N  N   . ASN A 1 55  ? -15.045 5.017   -1.534  1.00 19.89 ? 52  ASN A N   1 
ATOM   443  C  CA  . ASN A 1 55  ? -15.579 4.322   -0.363  1.00 19.55 ? 52  ASN A CA  1 
ATOM   444  C  C   . ASN A 1 55  ? -14.485 3.947   0.648   1.00 19.50 ? 52  ASN A C   1 
ATOM   445  O  O   . ASN A 1 55  ? -14.687 4.075   1.861   1.00 19.51 ? 52  ASN A O   1 
ATOM   446  C  CB  . ASN A 1 55  ? -16.346 3.070   -0.790  1.00 19.54 ? 52  ASN A CB  1 
ATOM   447  C  CG  . ASN A 1 55  ? -16.839 2.266   0.374   1.00 17.46 ? 52  ASN A CG  1 
ATOM   448  O  OD1 . ASN A 1 55  ? -17.768 2.647   1.065   1.00 16.71 ? 52  ASN A OD1 1 
ATOM   449  N  ND2 . ASN A 1 55  ? -16.226 1.128   0.581   1.00 18.91 ? 52  ASN A ND2 1 
ATOM   450  N  N   . GLU A 1 56  ? -13.334 3.501   0.152   1.00 18.49 ? 53  GLU A N   1 
ATOM   451  C  CA  . GLU A 1 56  ? -12.219 3.153   1.033   1.00 18.97 ? 53  GLU A CA  1 
ATOM   452  C  C   . GLU A 1 56  ? -11.624 4.384   1.730   1.00 18.86 ? 53  GLU A C   1 
ATOM   453  O  O   . GLU A 1 56  ? -11.299 4.355   2.915   1.00 18.35 ? 53  GLU A O   1 
ATOM   454  C  CB  . GLU A 1 56  ? -11.157 2.395   0.247   1.00 18.53 ? 53  GLU A CB  1 
ATOM   455  C  CG  . GLU A 1 56  ? -11.609 0.991   -0.122  1.00 20.64 ? 53  GLU A CG  1 
ATOM   456  C  CD  . GLU A 1 56  ? -10.838 0.371   -1.289  1.00 22.34 ? 53  GLU A CD  1 
ATOM   457  O  OE1 . GLU A 1 56  ? -9.660  0.736   -1.521  1.00 22.87 ? 53  GLU A OE1 1 
ATOM   458  O  OE2 . GLU A 1 56  ? -11.429 -0.490  -1.974  1.00 20.72 ? 53  GLU A OE2 1 
ATOM   459  N  N   . ILE A 1 57  ? -11.498 5.463   0.976   1.00 19.67 ? 54  ILE A N   1 
ATOM   460  C  CA  . ILE A 1 57  ? -10.974 6.724   1.482   1.00 19.92 ? 54  ILE A CA  1 
ATOM   461  C  C   . ILE A 1 57  ? -11.934 7.241   2.535   1.00 20.20 ? 54  ILE A C   1 
ATOM   462  O  O   . ILE A 1 57  ? -11.527 7.749   3.573   1.00 21.04 ? 54  ILE A O   1 
ATOM   463  C  CB  . ILE A 1 57  ? -10.783 7.753   0.328   1.00 20.03 ? 54  ILE A CB  1 
ATOM   464  C  CG1 . ILE A 1 57  ? -9.477  7.451   -0.433  1.00 19.97 ? 54  ILE A CG1 1 
ATOM   465  C  CG2 . ILE A 1 57  ? -10.781 9.174   0.845   1.00 18.03 ? 54  ILE A CG2 1 
ATOM   466  C  CD1 . ILE A 1 57  ? -9.289  8.289   -1.718  1.00 21.28 ? 54  ILE A CD1 1 
ATOM   467  N  N   . VAL A 1 58  ? -13.221 7.077   2.285   1.00 20.21 ? 55  VAL A N   1 
ATOM   468  C  CA  . VAL A 1 58  ? -14.226 7.494   3.264   1.00 20.27 ? 55  VAL A CA  1 
ATOM   469  C  C   . VAL A 1 58  ? -14.188 6.635   4.541   1.00 20.83 ? 55  VAL A C   1 
ATOM   470  O  O   . VAL A 1 58  ? -14.250 7.166   5.648   1.00 21.42 ? 55  VAL A O   1 
ATOM   471  C  CB  . VAL A 1 58  ? -15.653 7.488   2.657   1.00 19.11 ? 55  VAL A CB  1 
ATOM   472  C  CG1 . VAL A 1 58  ? -16.670 7.859   3.709   1.00 19.08 ? 55  VAL A CG1 1 
ATOM   473  C  CG2 . VAL A 1 58  ? -15.722 8.430   1.474   1.00 18.43 ? 55  VAL A CG2 1 
ATOM   474  N  N   . ARG A 1 59  ? -14.100 5.319   4.393   1.00 20.88 ? 56  ARG A N   1 
ATOM   475  C  CA  . ARG A 1 59  ? -14.045 4.465   5.557   1.00 21.98 ? 56  ARG A CA  1 
ATOM   476  C  C   . ARG A 1 59  ? -12.799 4.772   6.389   1.00 22.78 ? 56  ARG A C   1 
ATOM   477  O  O   . ARG A 1 59  ? -12.859 4.707   7.618   1.00 23.11 ? 56  ARG A O   1 
ATOM   478  C  CB  . ARG A 1 59  ? -14.117 2.998   5.155   1.00 22.43 ? 56  ARG A CB  1 
ATOM   479  C  CG  . ARG A 1 59  ? -15.528 2.585   4.714   1.00 23.11 ? 56  ARG A CG  1 
ATOM   480  C  CD  . ARG A 1 59  ? -15.442 1.467   3.678   1.00 24.82 ? 56  ARG A CD  1 
ATOM   481  N  NE  . ARG A 1 59  ? -14.736 0.262   4.151   1.00 24.85 ? 56  ARG A NE  1 
ATOM   482  C  CZ  . ARG A 1 59  ? -14.252 -0.691  3.348   1.00 21.93 ? 56  ARG A CZ  1 
ATOM   483  N  NH1 . ARG A 1 59  ? -14.363 -0.569  2.034   1.00 19.88 ? 56  ARG A NH1 1 
ATOM   484  N  NH2 . ARG A 1 59  ? -13.644 -1.758  3.852   1.00 19.79 ? 56  ARG A NH2 1 
ATOM   485  N  N   . SER A 1 60  ? -11.689 5.126   5.730   1.00 22.36 ? 57  SER A N   1 
ATOM   486  C  CA  . SER A 1 60  ? -10.470 5.551   6.433   1.00 21.93 ? 57  SER A CA  1 
ATOM   487  C  C   . SER A 1 60  ? -10.606 6.894   7.169   1.00 22.59 ? 57  SER A C   1 
ATOM   488  O  O   . SER A 1 60  ? -10.164 7.050   8.310   1.00 22.84 ? 57  SER A O   1 
ATOM   489  C  CB  . SER A 1 60  ? -9.290  5.650   5.464   1.00 21.69 ? 57  SER A CB  1 
ATOM   490  O  OG  . SER A 1 60  ? -8.302  6.530   5.984   1.00 19.01 ? 57  SER A OG  1 
ATOM   491  N  N   . GLN A 1 61  ? -11.202 7.862   6.488   1.00 23.25 ? 58  GLN A N   1 
ATOM   492  C  CA  . GLN A 1 61  ? -11.441 9.202   7.019   1.00 23.33 ? 58  GLN A CA  1 
ATOM   493  C  C   . GLN A 1 61  ? -12.411 9.119   8.204   1.00 23.75 ? 58  GLN A C   1 
ATOM   494  O  O   . GLN A 1 61  ? -12.318 9.896   9.157   1.00 23.16 ? 58  GLN A O   1 
ATOM   495  C  CB  . GLN A 1 61  ? -12.033 10.087  5.909   1.00 23.04 ? 58  GLN A CB  1 
ATOM   496  C  CG  . GLN A 1 61  ? -11.841 11.576  6.086   1.00 24.02 ? 58  GLN A CG  1 
ATOM   497  C  CD  . GLN A 1 61  ? -10.399 11.988  5.958   1.00 23.56 ? 58  GLN A CD  1 
ATOM   498  O  OE1 . GLN A 1 61  ? -9.836  12.575  6.867   1.00 25.52 ? 58  GLN A OE1 1 
ATOM   499  N  NE2 . GLN A 1 61  ? -9.782  11.659  4.837   1.00 26.44 ? 58  GLN A NE2 1 
ATOM   500  N  N   . SER A 1 62  ? -13.332 8.155   8.145   1.00 24.40 ? 59  SER A N   1 
ATOM   501  C  CA  . SER A 1 62  ? -14.350 7.988   9.187   1.00 24.63 ? 59  SER A CA  1 
ATOM   502  C  C   . SER A 1 62  ? -13.828 7.169   10.343  1.00 25.45 ? 59  SER A C   1 
ATOM   503  O  O   . SER A 1 62  ? -14.557 6.925   11.309  1.00 25.21 ? 59  SER A O   1 
ATOM   504  C  CB  . SER A 1 62  ? -15.592 7.304   8.623   1.00 24.77 ? 59  SER A CB  1 
ATOM   505  O  OG  . SER A 1 62  ? -16.188 8.090   7.615   1.00 24.47 ? 59  SER A OG  1 
ATOM   506  N  N   . ASN A 1 63  ? -12.573 6.725   10.223  1.00 26.05 ? 60  ASN A N   1 
ATOM   507  C  CA  . ASN A 1 63  ? -11.900 5.952   11.268  1.00 26.96 ? 60  ASN A CA  1 
ATOM   508  C  C   . ASN A 1 63  ? -12.450 4.566   11.540  1.00 27.09 ? 60  ASN A C   1 
ATOM   509  O  O   . ASN A 1 63  ? -12.490 4.133   12.701  1.00 27.77 ? 60  ASN A O   1 
ATOM   510  C  CB  . ASN A 1 63  ? -11.892 6.736   12.575  1.00 27.56 ? 60  ASN A CB  1 
ATOM   511  C  CG  . ASN A 1 63  ? -10.625 7.523   12.757  1.00 29.91 ? 60  ASN A CG  1 
ATOM   512  O  OD1 . ASN A 1 63  ? -9.548  6.941   12.926  1.00 32.84 ? 60  ASN A OD1 1 
ATOM   513  N  ND2 . ASN A 1 63  ? -10.736 8.851   12.733  1.00 31.01 ? 60  ASN A ND2 1 
ATOM   514  N  N   . LEU A 1 64  ? -12.869 3.877   10.482  1.00 26.31 ? 61  LEU A N   1 
ATOM   515  C  CA  . LEU A 1 64  ? -13.460 2.550   10.608  1.00 26.17 ? 61  LEU A CA  1 
ATOM   516  C  C   . LEU A 1 64  ? -12.439 1.464   10.272  1.00 26.33 ? 61  LEU A C   1 
ATOM   517  O  O   . LEU A 1 64  ? -11.406 1.367   10.945  1.00 27.33 ? 61  LEU A O   1 
ATOM   518  C  CB  . LEU A 1 64  ? -14.742 2.436   9.767   1.00 25.41 ? 61  LEU A CB  1 
ATOM   519  C  CG  . LEU A 1 64  ? -15.866 3.359   10.243  1.00 25.72 ? 61  LEU A CG  1 
ATOM   520  C  CD1 . LEU A 1 64  ? -16.804 3.762   9.099   1.00 25.95 ? 61  LEU A CD1 1 
ATOM   521  C  CD2 . LEU A 1 64  ? -16.633 2.737   11.437  1.00 24.31 ? 61  LEU A CD2 1 
ATOM   522  N  N   . ASP A 1 65  ? -12.696 0.672   9.233   1.00 25.39 ? 62  ASP A N   1 
ATOM   523  C  CA  . ASP A 1 65  ? -11.854 -0.489  8.931   1.00 24.57 ? 62  ASP A CA  1 
ATOM   524  C  C   . ASP A 1 65  ? -10.793 -0.265  7.866   1.00 23.76 ? 62  ASP A C   1 
ATOM   525  O  O   . ASP A 1 65  ? -10.153 -1.205  7.409   1.00 23.42 ? 62  ASP A O   1 
ATOM   526  C  CB  . ASP A 1 65  ? -12.729 -1.671  8.536   1.00 24.69 ? 62  ASP A CB  1 
ATOM   527  C  CG  . ASP A 1 65  ? -13.608 -1.375  7.330   1.00 26.15 ? 62  ASP A CG  1 
ATOM   528  O  OD1 . ASP A 1 65  ? -14.069 -0.223  7.157   1.00 26.82 ? 62  ASP A OD1 1 
ATOM   529  O  OD2 . ASP A 1 65  ? -13.851 -2.315  6.546   1.00 28.91 ? 62  ASP A OD2 1 
ATOM   530  N  N   . ILE A 1 66  ? -10.608 0.975   7.451   1.00 23.06 ? 63  ILE A N   1 
ATOM   531  C  CA  . ILE A 1 66  ? -9.550  1.257   6.500   1.00 22.52 ? 63  ILE A CA  1 
ATOM   532  C  C   . ILE A 1 66  ? -8.592  2.326   7.048   1.00 22.21 ? 63  ILE A C   1 
ATOM   533  O  O   . ILE A 1 66  ? -8.990  3.233   7.764   1.00 22.24 ? 63  ILE A O   1 
ATOM   534  C  CB  . ILE A 1 66  ? -10.093 1.661   5.100   1.00 22.14 ? 63  ILE A CB  1 
ATOM   535  C  CG1 . ILE A 1 66  ? -11.076 0.622   4.543   1.00 21.67 ? 63  ILE A CG1 1 
ATOM   536  C  CG2 . ILE A 1 66  ? -8.932  1.780   4.105   1.00 23.58 ? 63  ILE A CG2 1 
ATOM   537  C  CD1 . ILE A 1 66  ? -10.395 -0.630  3.937   1.00 18.30 ? 63  ILE A CD1 1 
ATOM   538  N  N   . LEU A 1 67  ? -7.313  2.191   6.741   1.00 22.38 ? 64  LEU A N   1 
ATOM   539  C  CA  . LEU A 1 67  ? -6.355  3.242   7.051   1.00 22.20 ? 64  LEU A CA  1 
ATOM   540  C  C   . LEU A 1 67  ? -5.685  3.446   5.734   1.00 22.28 ? 64  LEU A C   1 
ATOM   541  O  O   . LEU A 1 67  ? -5.119  2.498   5.179   1.00 22.69 ? 64  LEU A O   1 
ATOM   542  C  CB  . LEU A 1 67  ? -5.333  2.834   8.104   1.00 22.06 ? 64  LEU A CB  1 
ATOM   543  C  CG  . LEU A 1 67  ? -4.339  3.938   8.497   1.00 21.05 ? 64  LEU A CG  1 
ATOM   544  C  CD1 . LEU A 1 67  ? -5.061  5.157   9.109   1.00 18.98 ? 64  LEU A CD1 1 
ATOM   545  C  CD2 . LEU A 1 67  ? -3.315  3.360   9.470   1.00 19.68 ? 64  LEU A CD2 1 
ATOM   546  N  N   . PHE A 1 68  ? -5.772  4.680   5.242   1.00 22.35 ? 65  PHE A N   1 
ATOM   547  C  CA  . PHE A 1 68  ? -5.360  5.036   3.904   1.00 23.34 ? 65  PHE A CA  1 
ATOM   548  C  C   . PHE A 1 68  ? -4.527  6.311   3.975   1.00 22.72 ? 65  PHE A C   1 
ATOM   549  O  O   . PHE A 1 68  ? -5.062  7.398   4.126   1.00 22.68 ? 65  PHE A O   1 
ATOM   550  C  CB  . PHE A 1 68  ? -6.611  5.291   3.050   1.00 24.51 ? 65  PHE A CB  1 
ATOM   551  C  CG  . PHE A 1 68  ? -6.512  4.765   1.629   1.00 28.11 ? 65  PHE A CG  1 
ATOM   552  C  CD1 . PHE A 1 68  ? -5.295  4.797   0.932   1.00 33.03 ? 65  PHE A CD1 1 
ATOM   553  C  CD2 . PHE A 1 68  ? -7.636  4.257   0.988   1.00 26.23 ? 65  PHE A CD2 1 
ATOM   554  C  CE1 . PHE A 1 68  ? -5.209  4.311   -0.375  1.00 34.55 ? 65  PHE A CE1 1 
ATOM   555  C  CE2 . PHE A 1 68  ? -7.563  3.775   -0.307  1.00 28.17 ? 65  PHE A CE2 1 
ATOM   556  C  CZ  . PHE A 1 68  ? -6.357  3.797   -0.997  1.00 32.10 ? 65  PHE A CZ  1 
ATOM   557  N  N   . LEU A 1 69  ? -3.213  6.172   3.865   1.00 22.75 ? 66  LEU A N   1 
ATOM   558  C  CA  . LEU A 1 69  ? -2.309  7.310   3.986   1.00 22.08 ? 66  LEU A CA  1 
ATOM   559  C  C   . LEU A 1 69  ? -1.544  7.520   2.688   1.00 22.20 ? 66  LEU A C   1 
ATOM   560  O  O   . LEU A 1 69  ? -1.214  6.561   1.995   1.00 21.17 ? 66  LEU A O   1 
ATOM   561  C  CB  . LEU A 1 69  ? -1.276  7.056   5.090   1.00 21.28 ? 66  LEU A CB  1 
ATOM   562  C  CG  . LEU A 1 69  ? -1.694  6.622   6.491   1.00 19.79 ? 66  LEU A CG  1 
ATOM   563  C  CD1 . LEU A 1 69  ? -0.498  6.014   7.235   1.00 15.94 ? 66  LEU A CD1 1 
ATOM   564  C  CD2 . LEU A 1 69  ? -2.329  7.769   7.280   1.00 14.32 ? 66  LEU A CD2 1 
ATOM   565  N  N   . GLY A 1 70  ? -1.266  8.782   2.367   1.00 22.93 ? 67  GLY A N   1 
ATOM   566  C  CA  . GLY A 1 70  ? -0.442  9.108   1.219   1.00 22.62 ? 67  GLY A CA  1 
ATOM   567  C  C   . GLY A 1 70  ? 0.832   9.800   1.658   1.00 23.40 ? 67  GLY A C   1 
ATOM   568  O  O   . GLY A 1 70  ? 0.886   10.408  2.750   1.00 22.92 ? 67  GLY A O   1 
ATOM   569  N  N   . ALA A 1 71  ? 1.860   9.698   0.810   1.00 23.70 ? 68  ALA A N   1 
ATOM   570  C  CA  . ALA A 1 71  ? 3.109   10.423  1.003   1.00 24.69 ? 68  ALA A CA  1 
ATOM   571  C  C   . ALA A 1 71  ? 3.097   11.533  -0.035  1.00 25.19 ? 68  ALA A C   1 
ATOM   572  O  O   . ALA A 1 71  ? 2.855   11.281  -1.209  1.00 26.19 ? 68  ALA A O   1 
ATOM   573  C  CB  . ALA A 1 71  ? 4.304   9.515   0.813   1.00 24.47 ? 68  ALA A CB  1 
ATOM   574  N  N   . PHE A 1 72  ? 3.336   12.761  0.395   1.00 25.29 ? 69  PHE A N   1 
ATOM   575  C  CA  . PHE A 1 72  ? 3.219   13.895  -0.492  1.00 24.98 ? 69  PHE A CA  1 
ATOM   576  C  C   . PHE A 1 72  ? 4.535   14.588  -0.563  1.00 25.55 ? 69  PHE A C   1 
ATOM   577  O  O   . PHE A 1 72  ? 5.079   14.977  0.466   1.00 25.38 ? 69  PHE A O   1 
ATOM   578  C  CB  . PHE A 1 72  ? 2.169   14.879  0.028   1.00 24.59 ? 69  PHE A CB  1 
ATOM   579  C  CG  . PHE A 1 72  ? 0.758   14.333  0.026   1.00 24.55 ? 69  PHE A CG  1 
ATOM   580  C  CD1 . PHE A 1 72  ? 0.317   13.488  1.045   1.00 22.52 ? 69  PHE A CD1 1 
ATOM   581  C  CD2 . PHE A 1 72  ? -0.133  14.676  -0.995  1.00 23.16 ? 69  PHE A CD2 1 
ATOM   582  C  CE1 . PHE A 1 72  ? -0.976  12.993  1.043   1.00 21.42 ? 69  PHE A CE1 1 
ATOM   583  C  CE2 . PHE A 1 72  ? -1.416  14.182  -1.004  1.00 21.58 ? 69  PHE A CE2 1 
ATOM   584  C  CZ  . PHE A 1 72  ? -1.845  13.339  0.015   1.00 21.07 ? 69  PHE A CZ  1 
ATOM   585  N  N   . ALA A 1 73  ? 5.039   14.751  -1.781  1.00 26.36 ? 70  ALA A N   1 
ATOM   586  C  CA  . ALA A 1 73  ? 6.305   15.411  -2.017  1.00 27.54 ? 70  ALA A CA  1 
ATOM   587  C  C   . ALA A 1 73  ? 6.026   16.771  -2.585  1.00 29.11 ? 70  ALA A C   1 
ATOM   588  O  O   . ALA A 1 73  ? 5.761   16.900  -3.786  1.00 30.46 ? 70  ALA A O   1 
ATOM   589  C  CB  . ALA A 1 73  ? 7.141   14.621  -2.978  1.00 26.81 ? 70  ALA A CB  1 
ATOM   590  N  N   . ASP A 1 74  ? 6.077   17.787  -1.722  1.00 30.32 ? 71  ASP A N   1 
ATOM   591  C  CA  . ASP A 1 74  ? 5.870   19.176  -2.132  1.00 31.13 ? 71  ASP A CA  1 
ATOM   592  C  C   . ASP A 1 74  ? 4.410   19.383  -2.515  1.00 31.43 ? 71  ASP A C   1 
ATOM   593  O  O   . ASP A 1 74  ? 4.095   20.168  -3.423  1.00 32.34 ? 71  ASP A O   1 
ATOM   594  C  CB  . ASP A 1 74  ? 6.794   19.566  -3.296  1.00 31.35 ? 71  ASP A CB  1 
ATOM   595  C  CG  . ASP A 1 74  ? 8.281   19.203  -3.050  1.00 35.02 ? 71  ASP A CG  1 
ATOM   596  O  OD1 . ASP A 1 74  ? 8.626   18.093  -2.553  1.00 39.77 ? 71  ASP A OD1 1 
ATOM   597  O  OD2 . ASP A 1 74  ? 9.130   20.039  -3.393  1.00 37.35 ? 71  ASP A OD2 1 
ATOM   598  N  N   . SER A 1 75  ? 3.526   18.681  -1.809  1.00 31.07 ? 72  SER A N   1 
ATOM   599  C  CA  . SER A 1 75  ? 2.081   18.756  -2.040  1.00 31.50 ? 72  SER A CA  1 
ATOM   600  C  C   . SER A 1 75  ? 1.527   17.797  -3.099  1.00 31.04 ? 72  SER A C   1 
ATOM   601  O  O   . SER A 1 75  ? 0.306   17.733  -3.293  1.00 31.72 ? 72  SER A O   1 
ATOM   602  C  CB  . SER A 1 75  ? 1.659   20.166  -2.438  1.00 31.99 ? 72  SER A CB  1 
ATOM   603  O  OG  . SER A 1 75  ? 0.434   20.084  -3.161  1.00 33.60 ? 72  SER A OG  1 
ATOM   604  N  N   . THR A 1 76  ? 2.424   17.082  -3.778  1.00 29.93 ? 73  THR A N   1 
ATOM   605  C  CA  . THR A 1 76  ? 2.089   16.166  -4.858  1.00 28.31 ? 73  THR A CA  1 
ATOM   606  C  C   . THR A 1 76  ? 2.076   14.751  -4.323  1.00 27.80 ? 73  THR A C   1 
ATOM   607  O  O   . THR A 1 76  ? 3.055   14.310  -3.753  1.00 28.12 ? 73  THR A O   1 
ATOM   608  C  CB  . THR A 1 76  ? 3.177   16.245  -5.952  1.00 28.30 ? 73  THR A CB  1 
ATOM   609  O  OG1 . THR A 1 76  ? 3.331   17.603  -6.392  1.00 28.59 ? 73  THR A OG1 1 
ATOM   610  C  CG2 . THR A 1 76  ? 2.825   15.374  -7.133  1.00 27.69 ? 73  THR A CG2 1 
ATOM   611  N  N   . LEU A 1 77  ? 0.989   14.019  -4.489  1.00 27.07 ? 74  LEU A N   1 
ATOM   612  C  CA  . LEU A 1 77  ? 0.959   12.635  -4.005  1.00 26.24 ? 74  LEU A CA  1 
ATOM   613  C  C   . LEU A 1 77  ? 1.905   11.732  -4.812  1.00 26.25 ? 74  LEU A C   1 
ATOM   614  O  O   . LEU A 1 77  ? 1.815   11.687  -6.044  1.00 26.42 ? 74  LEU A O   1 
ATOM   615  C  CB  . LEU A 1 77  ? -0.463  12.073  -4.080  1.00 26.29 ? 74  LEU A CB  1 
ATOM   616  C  CG  . LEU A 1 77  ? -0.712  10.648  -3.587  1.00 25.35 ? 74  LEU A CG  1 
ATOM   617  C  CD1 . LEU A 1 77  ? -0.482  10.556  -2.087  1.00 23.99 ? 74  LEU A CD1 1 
ATOM   618  C  CD2 . LEU A 1 77  ? -2.127  10.250  -3.945  1.00 22.94 ? 74  LEU A CD2 1 
ATOM   619  N  N   . ILE A 1 78  ? 2.796   11.004  -4.129  1.00 25.24 ? 75  ILE A N   1 
ATOM   620  C  CA  . ILE A 1 78  ? 3.743   10.153  -4.821  1.00 23.92 ? 75  ILE A CA  1 
ATOM   621  C  C   . ILE A 1 78  ? 3.774   8.687   -4.346  1.00 24.67 ? 75  ILE A C   1 
ATOM   622  O  O   . ILE A 1 78  ? 4.544   7.872   -4.874  1.00 25.31 ? 75  ILE A O   1 
ATOM   623  C  CB  . ILE A 1 78  ? 5.164   10.747  -4.786  1.00 24.46 ? 75  ILE A CB  1 
ATOM   624  C  CG1 . ILE A 1 78  ? 5.657   10.990  -3.346  1.00 24.64 ? 75  ILE A CG1 1 
ATOM   625  C  CG2 . ILE A 1 78  ? 5.237   12.027  -5.614  1.00 21.85 ? 75  ILE A CG2 1 
ATOM   626  C  CD1 . ILE A 1 78  ? 6.022   9.709   -2.540  1.00 23.06 ? 75  ILE A CD1 1 
ATOM   627  N  N   . GLY A 1 79  ? 2.946   8.355   -3.357  1.00 24.09 ? 76  GLY A N   1 
ATOM   628  C  CA  . GLY A 1 79  ? 2.922   7.016   -2.781  1.00 23.34 ? 76  GLY A CA  1 
ATOM   629  C  C   . GLY A 1 79  ? 1.735   6.835   -1.848  1.00 23.94 ? 76  GLY A C   1 
ATOM   630  O  O   . GLY A 1 79  ? 1.096   7.799   -1.466  1.00 24.07 ? 76  GLY A O   1 
ATOM   631  N  N   . PHE A 1 80  ? 1.414   5.604   -1.470  1.00 24.03 ? 77  PHE A N   1 
ATOM   632  C  CA  . PHE A 1 80  ? 0.313   5.434   -0.541  1.00 24.43 ? 77  PHE A CA  1 
ATOM   633  C  C   . PHE A 1 80  ? 0.391   4.085   0.135   1.00 24.67 ? 77  PHE A C   1 
ATOM   634  O  O   . PHE A 1 80  ? 1.012   3.168   -0.388  1.00 25.88 ? 77  PHE A O   1 
ATOM   635  C  CB  . PHE A 1 80  ? -1.045  5.598   -1.264  1.00 24.10 ? 77  PHE A CB  1 
ATOM   636  C  CG  . PHE A 1 80  ? -1.251  4.624   -2.389  1.00 23.41 ? 77  PHE A CG  1 
ATOM   637  C  CD1 . PHE A 1 80  ? -0.894  4.971   -3.696  1.00 23.45 ? 77  PHE A CD1 1 
ATOM   638  C  CD2 . PHE A 1 80  ? -1.787  3.356   -2.142  1.00 21.57 ? 77  PHE A CD2 1 
ATOM   639  C  CE1 . PHE A 1 80  ? -1.068  4.076   -4.742  1.00 21.78 ? 77  PHE A CE1 1 
ATOM   640  C  CE2 . PHE A 1 80  ? -1.963  2.465   -3.165  1.00 20.92 ? 77  PHE A CE2 1 
ATOM   641  C  CZ  . PHE A 1 80  ? -1.600  2.821   -4.479  1.00 20.95 ? 77  PHE A CZ  1 
ATOM   642  N  N   . ILE A 1 81  ? -0.226  3.974   1.310   1.00 24.54 ? 78  ILE A N   1 
ATOM   643  C  CA  . ILE A 1 81  ? -0.337  2.701   1.985   1.00 24.52 ? 78  ILE A CA  1 
ATOM   644  C  C   . ILE A 1 81  ? -1.790  2.578   2.376   1.00 24.84 ? 78  ILE A C   1 
ATOM   645  O  O   . ILE A 1 81  ? -2.437  3.578   2.673   1.00 25.34 ? 78  ILE A O   1 
ATOM   646  C  CB  . ILE A 1 81  ? 0.644   2.538   3.210   1.00 24.42 ? 78  ILE A CB  1 
ATOM   647  C  CG1 . ILE A 1 81  ? 0.608   1.098   3.767   1.00 23.05 ? 78  ILE A CG1 1 
ATOM   648  C  CG2 . ILE A 1 81  ? 0.381   3.576   4.304   1.00 23.85 ? 78  ILE A CG2 1 
ATOM   649  C  CD1 . ILE A 1 81  ? 1.631   0.804   4.890   1.00 17.69 ? 78  ILE A CD1 1 
ATOM   650  N  N   . GLU A 1 82  ? -2.306  1.361   2.349   1.00 24.84 ? 79  GLU A N   1 
ATOM   651  C  CA  . GLU A 1 82  ? -3.661  1.116   2.755   1.00 26.35 ? 79  GLU A CA  1 
ATOM   652  C  C   . GLU A 1 82  ? -3.711  -0.164  3.568   1.00 27.32 ? 79  GLU A C   1 
ATOM   653  O  O   . GLU A 1 82  ? -3.268  -1.223  3.109   1.00 27.85 ? 79  GLU A O   1 
ATOM   654  C  CB  . GLU A 1 82  ? -4.573  0.984   1.529   1.00 26.68 ? 79  GLU A CB  1 
ATOM   655  C  CG  . GLU A 1 82  ? -6.016  0.670   1.884   1.00 27.18 ? 79  GLU A CG  1 
ATOM   656  C  CD  . GLU A 1 82  ? -6.881  0.480   0.666   1.00 27.61 ? 79  GLU A CD  1 
ATOM   657  O  OE1 . GLU A 1 82  ? -6.319  0.248   -0.432  1.00 27.21 ? 79  GLU A OE1 1 
ATOM   658  O  OE2 . GLU A 1 82  ? -8.121  0.566   0.808   1.00 26.90 ? 79  GLU A OE2 1 
ATOM   659  N  N   . LEU A 1 83  ? -4.250  -0.066  4.774   1.00 28.20 ? 80  LEU A N   1 
ATOM   660  C  CA  . LEU A 1 83  ? -4.432  -1.234  5.634   1.00 29.19 ? 80  LEU A CA  1 
ATOM   661  C  C   . LEU A 1 83  ? -5.922  -1.491  5.863   1.00 29.50 ? 80  LEU A C   1 
ATOM   662  O  O   . LEU A 1 83  ? -6.750  -0.568  5.767   1.00 29.22 ? 80  LEU A O   1 
ATOM   663  C  CB  . LEU A 1 83  ? -3.782  -1.017  7.000   1.00 29.07 ? 80  LEU A CB  1 
ATOM   664  C  CG  . LEU A 1 83  ? -2.268  -1.000  7.200   1.00 30.90 ? 80  LEU A CG  1 
ATOM   665  C  CD1 . LEU A 1 83  ? -1.592  -0.192  6.172   1.00 31.40 ? 80  LEU A CD1 1 
ATOM   666  C  CD2 . LEU A 1 83  ? -2.008  -0.411  8.565   1.00 32.28 ? 80  LEU A CD2 1 
ATOM   667  N  N   . LYS A 1 84  ? -6.249  -2.744  6.187   1.00 29.60 ? 81  LYS A N   1 
ATOM   668  C  CA  . LYS A 1 84  ? -7.608  -3.140  6.517   1.00 29.21 ? 81  LYS A CA  1 
ATOM   669  C  C   . LYS A 1 84  ? -7.624  -3.758  7.922   1.00 28.64 ? 81  LYS A C   1 
ATOM   670  O  O   . LYS A 1 84  ? -6.906  -4.709  8.204   1.00 29.44 ? 81  LYS A O   1 
ATOM   671  C  CB  . LYS A 1 84  ? -8.142  -4.094  5.437   1.00 29.18 ? 81  LYS A CB  1 
ATOM   672  C  CG  . LYS A 1 84  ? -9.555  -4.595  5.676   1.00 30.81 ? 81  LYS A CG  1 
ATOM   673  C  CD  . LYS A 1 84  ? -10.152 -5.186  4.390   1.00 32.31 ? 81  LYS A CD  1 
ATOM   674  C  CE  . LYS A 1 84  ? -11.568 -5.678  4.624   1.00 32.42 ? 81  LYS A CE  1 
ATOM   675  N  NZ  . LYS A 1 84  ? -12.333 -5.826  3.356   1.00 34.55 ? 81  LYS A NZ  1 
ATOM   676  N  N   . ILE A 1 85  ? -8.442  -3.218  8.812   1.00 28.49 ? 82  ILE A N   1 
ATOM   677  C  CA  . ILE A 1 85  ? -8.509  -3.731  10.177  1.00 27.63 ? 82  ILE A CA  1 
ATOM   678  C  C   . ILE A 1 85  ? -9.767  -4.563  10.461  1.00 28.03 ? 82  ILE A C   1 
ATOM   679  O  O   . ILE A 1 85  ? -10.894 -4.159  10.162  1.00 27.71 ? 82  ILE A O   1 
ATOM   680  C  CB  . ILE A 1 85  ? -8.410  -2.590  11.230  1.00 27.25 ? 82  ILE A CB  1 
ATOM   681  C  CG1 . ILE A 1 85  ? -7.097  -1.829  11.106  1.00 27.83 ? 82  ILE A CG1 1 
ATOM   682  C  CG2 . ILE A 1 85  ? -8.495  -3.137  12.643  1.00 27.15 ? 82  ILE A CG2 1 
ATOM   683  C  CD1 . ILE A 1 85  ? -7.074  -0.781  10.015  1.00 29.03 ? 82  ILE A CD1 1 
ATOM   684  N  N   . ILE A 1 86  ? -9.554  -5.741  11.043  1.00 28.57 ? 83  ILE A N   1 
ATOM   685  C  CA  . ILE A 1 86  ? -10.633 -6.603  11.514  1.00 28.18 ? 83  ILE A CA  1 
ATOM   686  C  C   . ILE A 1 86  ? -10.172 -7.007  12.923  1.00 28.00 ? 83  ILE A C   1 
ATOM   687  O  O   . ILE A 1 86  ? -9.089  -7.558  13.084  1.00 27.31 ? 83  ILE A O   1 
ATOM   688  C  CB  . ILE A 1 86  ? -10.905 -7.819  10.549  1.00 28.72 ? 83  ILE A CB  1 
ATOM   689  C  CG1 . ILE A 1 86  ? -11.144 -7.319  9.102   1.00 30.18 ? 83  ILE A CG1 1 
ATOM   690  C  CG2 . ILE A 1 86  ? -12.109 -8.658  11.030  1.00 26.25 ? 83  ILE A CG2 1 
ATOM   691  C  CD1 . ILE A 1 86  ? -11.174 -8.425  7.956   1.00 31.48 ? 83  ILE A CD1 1 
ATOM   692  N  N   . ALA A 1 87  ? -10.983 -6.698  13.941  1.00 28.32 ? 84  ALA A N   1 
ATOM   693  C  CA  . ALA A 1 87  ? -10.618 -6.940  15.352  1.00 28.46 ? 84  ALA A CA  1 
ATOM   694  C  C   . ALA A 1 87  ? -9.274  -6.287  15.660  1.00 28.71 ? 84  ALA A C   1 
ATOM   695  O  O   . ALA A 1 87  ? -9.067  -5.128  15.296  1.00 28.94 ? 84  ALA A O   1 
ATOM   696  C  CB  . ALA A 1 87  ? -10.590 -8.437  15.689  1.00 28.18 ? 84  ALA A CB  1 
ATOM   697  N  N   . ASN A 1 88  ? -8.370  -7.032  16.308  1.00 28.75 ? 85  ASN A N   1 
ATOM   698  C  CA  . ASN A 1 88  ? -7.030  -6.533  16.667  1.00 28.48 ? 85  ASN A CA  1 
ATOM   699  C  C   . ASN A 1 88  ? -5.932  -6.866  15.668  1.00 28.25 ? 85  ASN A C   1 
ATOM   700  O  O   . ASN A 1 88  ? -4.759  -6.957  16.045  1.00 28.63 ? 85  ASN A O   1 
ATOM   701  C  CB  . ASN A 1 88  ? -6.616  -7.060  18.043  1.00 28.36 ? 85  ASN A CB  1 
ATOM   702  C  CG  . ASN A 1 88  ? -7.276  -6.299  19.173  1.00 30.26 ? 85  ASN A CG  1 
ATOM   703  O  OD1 . ASN A 1 88  ? -7.950  -6.883  20.025  1.00 32.01 ? 85  ASN A OD1 1 
ATOM   704  N  ND2 . ASN A 1 88  ? -7.102  -4.985  19.177  1.00 30.88 ? 85  ASN A ND2 1 
ATOM   705  N  N   . LYS A 1 89  ? -6.296  -7.042  14.398  1.00 27.38 ? 86  LYS A N   1 
ATOM   706  C  CA  . LYS A 1 89  ? -5.327  -7.462  13.383  1.00 25.92 ? 86  LYS A CA  1 
ATOM   707  C  C   . LYS A 1 89  ? -5.452  -6.690  12.086  1.00 25.19 ? 86  LYS A C   1 
ATOM   708  O  O   . LYS A 1 89  ? -6.538  -6.223  11.727  1.00 25.53 ? 86  LYS A O   1 
ATOM   709  C  CB  . LYS A 1 89  ? -5.440  -8.973  13.152  1.00 25.98 ? 86  LYS A CB  1 
ATOM   710  C  CG  . LYS A 1 89  ? -4.705  -9.748  14.229  1.00 27.18 ? 86  LYS A CG  1 
ATOM   711  C  CD  . LYS A 1 89  ? -5.235  -11.140 14.490  1.00 29.25 ? 86  LYS A CD  1 
ATOM   712  C  CE  . LYS A 1 89  ? -4.655  -11.653 15.827  1.00 30.23 ? 86  LYS A CE  1 
ATOM   713  N  NZ  . LYS A 1 89  ? -5.174  -12.981 16.245  1.00 30.39 ? 86  LYS A NZ  1 
ATOM   714  N  N   . ALA A 1 90  ? -4.335  -6.546  11.381  1.00 24.12 ? 87  ALA A N   1 
ATOM   715  C  CA  . ALA A 1 90  ? -4.348  -5.796  10.145  1.00 23.55 ? 87  ALA A CA  1 
ATOM   716  C  C   . ALA A 1 90  ? -3.776  -6.549  8.969   1.00 23.48 ? 87  ALA A C   1 
ATOM   717  O  O   . ALA A 1 90  ? -2.973  -7.469  9.110   1.00 24.18 ? 87  ALA A O   1 
ATOM   718  C  CB  . ALA A 1 90  ? -3.609  -4.484  10.312  1.00 23.32 ? 87  ALA A CB  1 
ATOM   719  N  N   . GLU A 1 91  ? -4.218  -6.140  7.799   1.00 22.67 ? 88  GLU A N   1 
ATOM   720  C  CA  . GLU A 1 91  ? -3.665  -6.648  6.594   1.00 23.33 ? 88  GLU A CA  1 
ATOM   721  C  C   . GLU A 1 91  ? -3.177  -5.429  5.813   1.00 24.04 ? 88  GLU A C   1 
ATOM   722  O  O   . GLU A 1 91  ? -3.890  -4.429  5.652   1.00 24.52 ? 88  GLU A O   1 
ATOM   723  C  CB  . GLU A 1 91  ? -4.684  -7.450  5.794   1.00 22.13 ? 88  GLU A CB  1 
ATOM   724  C  CG  . GLU A 1 91  ? -4.059  -8.039  4.557   1.00 23.45 ? 88  GLU A CG  1 
ATOM   725  C  CD  . GLU A 1 91  ? -5.058  -8.686  3.607   1.00 27.51 ? 88  GLU A CD  1 
ATOM   726  O  OE1 . GLU A 1 91  ? -6.161  -9.086  4.066   1.00 29.16 ? 88  GLU A OE1 1 
ATOM   727  O  OE2 . GLU A 1 91  ? -4.733  -8.806  2.395   1.00 25.88 ? 88  GLU A OE2 1 
ATOM   728  N  N   . LEU A 1 92  ? -1.941  -5.494  5.345   1.00 24.45 ? 89  LEU A N   1 
ATOM   729  C  CA  . LEU A 1 92  ? -1.408  -4.420  4.535   1.00 24.56 ? 89  LEU A CA  1 
ATOM   730  C  C   . LEU A 1 92  ? -1.902  -4.712  3.112   1.00 25.15 ? 89  LEU A C   1 
ATOM   731  O  O   . LEU A 1 92  ? -1.333  -5.531  2.393   1.00 24.97 ? 89  LEU A O   1 
ATOM   732  C  CB  . LEU A 1 92  ? 0.122   -4.395  4.648   1.00 23.62 ? 89  LEU A CB  1 
ATOM   733  C  CG  . LEU A 1 92  ? 0.857   -3.118  4.277   1.00 22.58 ? 89  LEU A CG  1 
ATOM   734  C  CD1 . LEU A 1 92  ? 2.317   -3.219  4.652   1.00 20.83 ? 89  LEU A CD1 1 
ATOM   735  C  CD2 . LEU A 1 92  ? 0.720   -2.796  2.778   1.00 25.07 ? 89  LEU A CD2 1 
ATOM   736  N  N   . LEU A 1 93  ? -3.011  -4.087  2.735   1.00 26.31 ? 90  LEU A N   1 
ATOM   737  C  CA  . LEU A 1 93  ? -3.582  -4.277  1.392   1.00 26.90 ? 90  LEU A CA  1 
ATOM   738  C  C   . LEU A 1 93  ? -2.655  -3.739  0.281   1.00 26.55 ? 90  LEU A C   1 
ATOM   739  O  O   . LEU A 1 93  ? -2.388  -4.414  -0.732  1.00 25.24 ? 90  LEU A O   1 
ATOM   740  C  CB  . LEU A 1 93  ? -4.945  -3.590  1.274   1.00 26.13 ? 90  LEU A CB  1 
ATOM   741  C  CG  . LEU A 1 93  ? -6.104  -4.286  1.964   1.00 29.30 ? 90  LEU A CG  1 
ATOM   742  C  CD1 . LEU A 1 93  ? -7.442  -3.666  1.530   1.00 31.08 ? 90  LEU A CD1 1 
ATOM   743  C  CD2 . LEU A 1 93  ? -6.083  -5.759  1.617   1.00 32.08 ? 90  LEU A CD2 1 
ATOM   744  N  N   . ARG A 1 94  ? -2.170  -2.516  0.476   1.00 26.27 ? 91  ARG A N   1 
ATOM   745  C  CA  . ARG A 1 94  ? -1.428  -1.844  -0.586  1.00 25.16 ? 91  ARG A CA  1 
ATOM   746  C  C   . ARG A 1 94  ? -0.348  -0.936  -0.080  1.00 24.75 ? 91  ARG A C   1 
ATOM   747  O  O   . ARG A 1 94  ? -0.527  -0.271  0.946   1.00 24.89 ? 91  ARG A O   1 
ATOM   748  C  CB  . ARG A 1 94  ? -2.395  -1.009  -1.401  1.00 24.76 ? 91  ARG A CB  1 
ATOM   749  C  CG  . ARG A 1 94  ? -3.403  -1.825  -2.172  1.00 23.66 ? 91  ARG A CG  1 
ATOM   750  C  CD  . ARG A 1 94  ? -4.455  -0.906  -2.711  1.00 24.54 ? 91  ARG A CD  1 
ATOM   751  N  NE  . ARG A 1 94  ? -5.417  -1.625  -3.524  1.00 25.88 ? 91  ARG A NE  1 
ATOM   752  C  CZ  . ARG A 1 94  ? -6.704  -1.297  -3.626  1.00 25.10 ? 91  ARG A CZ  1 
ATOM   753  N  NH1 . ARG A 1 94  ? -7.500  -2.025  -4.399  1.00 23.91 ? 91  ARG A NH1 1 
ATOM   754  N  NH2 . ARG A 1 94  ? -7.194  -0.256  -2.953  1.00 22.14 ? 91  ARG A NH2 1 
ATOM   755  N  N   . LEU A 1 95  ? 0.770   -0.931  -0.808  1.00 24.33 ? 92  LEU A N   1 
ATOM   756  C  CA  . LEU A 1 95  ? 1.864   -0.008  -0.595  1.00 24.06 ? 92  LEU A CA  1 
ATOM   757  C  C   . LEU A 1 95  ? 2.537   0.181   -1.942  1.00 25.25 ? 92  LEU A C   1 
ATOM   758  O  O   . LEU A 1 95  ? 3.144   -0.768  -2.458  1.00 25.99 ? 92  LEU A O   1 
ATOM   759  C  CB  . LEU A 1 95  ? 2.853   -0.563  0.414   1.00 23.24 ? 92  LEU A CB  1 
ATOM   760  C  CG  . LEU A 1 95  ? 4.117   0.221   0.821   1.00 23.17 ? 92  LEU A CG  1 
ATOM   761  C  CD1 . LEU A 1 95  ? 3.895   1.684   1.162   1.00 21.31 ? 92  LEU A CD1 1 
ATOM   762  C  CD2 . LEU A 1 95  ? 4.775   -0.483  2.013   1.00 23.68 ? 92  LEU A CD2 1 
ATOM   763  N  N   . TYR A 1 96  ? 2.446   1.389   -2.512  1.00 24.01 ? 93  TYR A N   1 
ATOM   764  C  CA  . TYR A 1 96  ? 2.975   1.643   -3.862  1.00 24.38 ? 93  TYR A CA  1 
ATOM   765  C  C   . TYR A 1 96  ? 3.544   3.058   -3.973  1.00 25.09 ? 93  TYR A C   1 
ATOM   766  O  O   . TYR A 1 96  ? 2.942   4.004   -3.432  1.00 25.66 ? 93  TYR A O   1 
ATOM   767  C  CB  . TYR A 1 96  ? 1.864   1.417   -4.930  1.00 24.52 ? 93  TYR A CB  1 
ATOM   768  C  CG  . TYR A 1 96  ? 1.422   -0.050  -5.070  1.00 26.63 ? 93  TYR A CG  1 
ATOM   769  C  CD1 . TYR A 1 96  ? 2.027   -0.891  -6.010  1.00 28.56 ? 93  TYR A CD1 1 
ATOM   770  C  CD2 . TYR A 1 96  ? 0.443   -0.605  -4.247  1.00 26.54 ? 93  TYR A CD2 1 
ATOM   771  C  CE1 . TYR A 1 96  ? 1.656   -2.224  -6.142  1.00 26.10 ? 93  TYR A CE1 1 
ATOM   772  C  CE2 . TYR A 1 96  ? 0.063   -1.960  -4.375  1.00 25.69 ? 93  TYR A CE2 1 
ATOM   773  C  CZ  . TYR A 1 96  ? 0.684   -2.752  -5.327  1.00 27.01 ? 93  TYR A CZ  1 
ATOM   774  O  OH  . TYR A 1 96  ? 0.354   -4.085  -5.491  1.00 28.15 ? 93  TYR A OH  1 
ATOM   775  N  N   . LEU A 1 97  ? 4.687   3.230   -4.647  1.00 24.08 ? 94  LEU A N   1 
ATOM   776  C  CA  . LEU A 1 97  ? 5.185   4.591   -4.906  1.00 25.27 ? 94  LEU A CA  1 
ATOM   777  C  C   . LEU A 1 97  ? 5.393   4.775   -6.399  1.00 25.38 ? 94  LEU A C   1 
ATOM   778  O  O   . LEU A 1 97  ? 5.480   3.789   -7.132  1.00 25.67 ? 94  LEU A O   1 
ATOM   779  C  CB  . LEU A 1 97  ? 6.528   4.860   -4.217  1.00 25.30 ? 94  LEU A CB  1 
ATOM   780  C  CG  . LEU A 1 97  ? 6.722   4.319   -2.804  1.00 26.64 ? 94  LEU A CG  1 
ATOM   781  C  CD1 . LEU A 1 97  ? 8.163   4.516   -2.411  1.00 23.85 ? 94  LEU A CD1 1 
ATOM   782  C  CD2 . LEU A 1 97  ? 5.745   4.956   -1.801  1.00 23.42 ? 94  LEU A CD2 1 
ATOM   783  N  N   . LYS A 1 98  ? 5.457   6.026   -6.856  1.00 24.25 ? 95  LYS A N   1 
ATOM   784  C  CA  . LYS A 1 98  ? 5.863   6.267   -8.224  1.00 23.88 ? 95  LYS A CA  1 
ATOM   785  C  C   . LYS A 1 98  ? 7.267   5.680   -8.303  1.00 23.36 ? 95  LYS A C   1 
ATOM   786  O  O   . LYS A 1 98  ? 8.100   5.957   -7.438  1.00 23.48 ? 95  LYS A O   1 
ATOM   787  C  CB  . LYS A 1 98  ? 5.855   7.774   -8.559  1.00 23.72 ? 95  LYS A CB  1 
ATOM   788  C  CG  . LYS A 1 98  ? 4.454   8.376   -8.595  1.00 26.14 ? 95  LYS A CG  1 
ATOM   789  C  CD  . LYS A 1 98  ? 4.410   9.890   -8.886  1.00 27.78 ? 95  LYS A CD  1 
ATOM   790  C  CE  . LYS A 1 98  ? 4.890   10.237  -10.275 1.00 30.65 ? 95  LYS A CE  1 
ATOM   791  N  NZ  . LYS A 1 98  ? 4.517   11.647  -10.601 1.00 36.51 ? 95  LYS A NZ  1 
ATOM   792  N  N   . PRO A 1 99  ? 7.543   4.867   -9.330  1.00 23.38 ? 96  PRO A N   1 
ATOM   793  C  CA  . PRO A 1 99  ? 8.871   4.239   -9.486  1.00 23.19 ? 96  PRO A CA  1 
ATOM   794  C  C   . PRO A 1 99  ? 10.075  5.184   -9.274  1.00 22.89 ? 96  PRO A C   1 
ATOM   795  O  O   . PRO A 1 99  ? 11.084  4.747   -8.715  1.00 23.07 ? 96  PRO A O   1 
ATOM   796  C  CB  . PRO A 1 99  ? 8.854   3.743   -10.938 1.00 23.29 ? 96  PRO A CB  1 
ATOM   797  C  CG  . PRO A 1 99  ? 7.387   3.514   -11.218 1.00 23.44 ? 96  PRO A CG  1 
ATOM   798  C  CD  . PRO A 1 99  ? 6.654   4.580   -10.472 1.00 23.42 ? 96  PRO A CD  1 
ATOM   799  N  N   . GLU A 1 100 ? 9.965   6.445   -9.718  1.00 22.58 ? 97  GLU A N   1 
ATOM   800  C  CA  A GLU A 1 100 ? 11.074  7.397   -9.585  0.50 21.97 ? 97  GLU A CA  1 
ATOM   801  C  CA  B GLU A 1 100 ? 11.031  7.450   -9.591  0.50 22.50 ? 97  GLU A CA  1 
ATOM   802  C  C   . GLU A 1 100 ? 11.323  7.788   -8.140  1.00 22.00 ? 97  GLU A C   1 
ATOM   803  O  O   . GLU A 1 100 ? 12.380  8.307   -7.823  1.00 23.16 ? 97  GLU A O   1 
ATOM   804  C  CB  A GLU A 1 100 ? 10.904  8.645   -10.482 0.50 21.27 ? 97  GLU A CB  1 
ATOM   805  C  CB  B GLU A 1 100 ? 10.643  8.760   -10.300 0.50 22.08 ? 97  GLU A CB  1 
ATOM   806  C  CG  A GLU A 1 100 ? 11.234  8.375   -11.956 0.50 20.03 ? 97  GLU A CG  1 
ATOM   807  C  CG  B GLU A 1 100 ? 10.117  8.615   -11.720 0.50 23.54 ? 97  GLU A CG  1 
ATOM   808  C  CD  A GLU A 1 100 ? 11.417  9.626   -12.806 0.50 17.90 ? 97  GLU A CD  1 
ATOM   809  C  CD  B GLU A 1 100 ? 8.686   8.096   -11.777 0.50 23.89 ? 97  GLU A CD  1 
ATOM   810  O  OE1 A GLU A 1 100 ? 11.425  10.745  -12.248 0.50 16.96 ? 97  GLU A OE1 1 
ATOM   811  O  OE1 B GLU A 1 100 ? 7.844   8.589   -10.998 0.50 24.50 ? 97  GLU A OE1 1 
ATOM   812  O  OE2 A GLU A 1 100 ? 11.565  9.477   -14.041 0.50 15.53 ? 97  GLU A OE2 1 
ATOM   813  O  OE2 B GLU A 1 100 ? 8.407   7.202   -12.605 0.50 24.30 ? 97  GLU A OE2 1 
ATOM   814  N  N   . TYR A 1 101 ? 10.352  7.510   -7.275  1.00 21.82 ? 98  TYR A N   1 
ATOM   815  C  CA  . TYR A 1 101 ? 10.412  7.829   -5.843  1.00 21.52 ? 98  TYR A CA  1 
ATOM   816  C  C   . TYR A 1 101 ? 10.755  6.640   -4.939  1.00 21.34 ? 98  TYR A C   1 
ATOM   817  O  O   . TYR A 1 101 ? 10.748  6.791   -3.711  1.00 21.65 ? 98  TYR A O   1 
ATOM   818  C  CB  . TYR A 1 101 ? 9.087   8.468   -5.369  1.00 21.50 ? 98  TYR A CB  1 
ATOM   819  C  CG  . TYR A 1 101 ? 9.004   9.914   -5.750  1.00 20.91 ? 98  TYR A CG  1 
ATOM   820  C  CD1 . TYR A 1 101 ? 9.441   10.900  -4.884  1.00 21.70 ? 98  TYR A CD1 1 
ATOM   821  C  CD2 . TYR A 1 101 ? 8.508   10.300  -6.990  1.00 21.01 ? 98  TYR A CD2 1 
ATOM   822  C  CE1 . TYR A 1 101 ? 9.390   12.261  -5.252  1.00 21.94 ? 98  TYR A CE1 1 
ATOM   823  C  CE2 . TYR A 1 101 ? 8.455   11.629  -7.359  1.00 20.79 ? 98  TYR A CE2 1 
ATOM   824  C  CZ  . TYR A 1 101 ? 8.898   12.608  -6.490  1.00 20.56 ? 98  TYR A CZ  1 
ATOM   825  O  OH  . TYR A 1 101 ? 8.826   13.935  -6.856  1.00 20.52 ? 98  TYR A OH  1 
ATOM   826  N  N   . THR A 1 102 ? 11.041  5.482   -5.536  1.00 19.93 ? 99  THR A N   1 
ATOM   827  C  CA  . THR A 1 102 ? 11.454  4.322   -4.771  1.00 19.77 ? 99  THR A CA  1 
ATOM   828  C  C   . THR A 1 102 ? 12.885  4.462   -4.253  1.00 19.99 ? 99  THR A C   1 
ATOM   829  O  O   . THR A 1 102 ? 13.633  5.346   -4.675  1.00 19.16 ? 99  THR A O   1 
ATOM   830  C  CB  . THR A 1 102 ? 11.350  3.019   -5.602  1.00 20.70 ? 99  THR A CB  1 
ATOM   831  O  OG1 . THR A 1 102 ? 12.200  3.118   -6.766  1.00 22.10 ? 99  THR A OG1 1 
ATOM   832  C  CG2 . THR A 1 102 ? 9.894   2.758   -5.995  1.00 16.50 ? 99  THR A CG2 1 
ATOM   833  N  N   . HIS A 1 103 ? 13.245  3.581   -3.314  1.00 20.62 ? 100 HIS A N   1 
ATOM   834  C  CA  . HIS A 1 103 ? 14.593  3.479   -2.760  1.00 19.76 ? 100 HIS A CA  1 
ATOM   835  C  C   . HIS A 1 103 ? 15.031  4.764   -2.051  1.00 20.62 ? 100 HIS A C   1 
ATOM   836  O  O   . HIS A 1 103 ? 16.209  5.062   -1.985  1.00 18.96 ? 100 HIS A O   1 
ATOM   837  C  CB  . HIS A 1 103 ? 15.582  3.135   -3.873  1.00 19.39 ? 100 HIS A CB  1 
ATOM   838  C  CG  . HIS A 1 103 ? 16.734  2.278   -3.437  1.00 18.82 ? 100 HIS A CG  1 
ATOM   839  N  ND1 . HIS A 1 103 ? 17.758  2.751   -2.657  1.00 14.46 ? 100 HIS A ND1 1 
ATOM   840  C  CD2 . HIS A 1 103 ? 17.034  0.981   -3.705  1.00 18.74 ? 100 HIS A CD2 1 
ATOM   841  C  CE1 . HIS A 1 103 ? 18.637  1.784   -2.450  1.00 16.41 ? 100 HIS A CE1 1 
ATOM   842  N  NE2 . HIS A 1 103 ? 18.219  0.700   -3.074  1.00 17.85 ? 100 HIS A NE2 1 
ATOM   843  N  N   . LYS A 1 104 ? 14.077  5.531   -1.536  1.00 21.39 ? 101 LYS A N   1 
ATOM   844  C  CA  . LYS A 1 104 ? 14.424  6.742   -0.775  1.00 21.92 ? 101 LYS A CA  1 
ATOM   845  C  C   . LYS A 1 104 ? 13.899  6.700   0.683   1.00 21.68 ? 101 LYS A C   1 
ATOM   846  O  O   . LYS A 1 104 ? 13.891  7.721   1.364   1.00 21.08 ? 101 LYS A O   1 
ATOM   847  C  CB  . LYS A 1 104 ? 13.910  7.996   -1.495  1.00 21.94 ? 101 LYS A CB  1 
ATOM   848  C  CG  . LYS A 1 104 ? 14.577  8.276   -2.825  1.00 22.54 ? 101 LYS A CG  1 
ATOM   849  C  CD  . LYS A 1 104 ? 13.743  9.236   -3.649  1.00 25.80 ? 101 LYS A CD  1 
ATOM   850  C  CE  . LYS A 1 104 ? 14.578  9.926   -4.726  1.00 30.99 ? 101 LYS A CE  1 
ATOM   851  N  NZ  . LYS A 1 104 ? 15.220  8.986   -5.685  1.00 34.81 ? 101 LYS A NZ  1 
ATOM   852  N  N   . LYS A 1 105 ? 13.455  5.525   1.138   1.00 21.33 ? 102 LYS A N   1 
ATOM   853  C  CA  . LYS A 1 105 ? 12.952  5.340   2.501   1.00 21.62 ? 102 LYS A CA  1 
ATOM   854  C  C   . LYS A 1 105 ? 11.522  5.823   2.645   1.00 21.31 ? 102 LYS A C   1 
ATOM   855  O  O   . LYS A 1 105 ? 11.005  5.883   3.752   1.00 21.33 ? 102 LYS A O   1 
ATOM   856  C  CB  . LYS A 1 105 ? 13.819  6.066   3.540   1.00 21.85 ? 102 LYS A CB  1 
ATOM   857  C  CG  . LYS A 1 105 ? 15.212  5.524   3.731   1.00 22.40 ? 102 LYS A CG  1 
ATOM   858  C  CD  . LYS A 1 105 ? 15.085  4.113   4.154   1.00 26.58 ? 102 LYS A CD  1 
ATOM   859  C  CE  . LYS A 1 105 ? 16.409  3.396   4.153   1.00 28.24 ? 102 LYS A CE  1 
ATOM   860  N  NZ  . LYS A 1 105 ? 16.046  1.984   4.509   1.00 33.56 ? 102 LYS A NZ  1 
ATOM   861  N  N   . ILE A 1 106 ? 10.880  6.160   1.535   1.00 21.09 ? 103 ILE A N   1 
ATOM   862  C  CA  . ILE A 1 106 ? 9.520   6.683   1.596   1.00 21.13 ? 103 ILE A CA  1 
ATOM   863  C  C   . ILE A 1 106 ? 8.549   5.560   1.931   1.00 22.88 ? 103 ILE A C   1 
ATOM   864  O  O   . ILE A 1 106 ? 7.569   5.775   2.655   1.00 23.77 ? 103 ILE A O   1 
ATOM   865  C  CB  . ILE A 1 106 ? 9.124   7.435   0.290   1.00 20.96 ? 103 ILE A CB  1 
ATOM   866  C  CG1 . ILE A 1 106 ? 9.966   8.715   0.129   1.00 18.02 ? 103 ILE A CG1 1 
ATOM   867  C  CG2 . ILE A 1 106 ? 7.642   7.795   0.279   1.00 18.42 ? 103 ILE A CG2 1 
ATOM   868  C  CD1 . ILE A 1 106 ? 9.856   9.320   -1.238  1.00 13.52 ? 103 ILE A CD1 1 
ATOM   869  N  N   . GLY A 1 107 ? 8.816   4.364   1.405   1.00 23.29 ? 104 GLY A N   1 
ATOM   870  C  CA  . GLY A 1 107 ? 8.012   3.178   1.732   1.00 22.96 ? 104 GLY A CA  1 
ATOM   871  C  C   . GLY A 1 107 ? 8.158   2.907   3.212   1.00 23.51 ? 104 GLY A C   1 
ATOM   872  O  O   . GLY A 1 107 ? 7.172   2.745   3.922   1.00 23.81 ? 104 GLY A O   1 
ATOM   873  N  N   . LYS A 1 108 ? 9.396   2.886   3.694   1.00 24.45 ? 105 LYS A N   1 
ATOM   874  C  CA  . LYS A 1 108 ? 9.645   2.679   5.119   1.00 24.56 ? 105 LYS A CA  1 
ATOM   875  C  C   . LYS A 1 108 ? 8.880   3.684   5.978   1.00 23.78 ? 105 LYS A C   1 
ATOM   876  O  O   . LYS A 1 108 ? 8.338   3.334   7.029   1.00 22.94 ? 105 LYS A O   1 
ATOM   877  C  CB  . LYS A 1 108 ? 11.137  2.760   5.446   1.00 24.93 ? 105 LYS A CB  1 
ATOM   878  C  CG  . LYS A 1 108 ? 11.365  2.668   6.936   1.00 26.05 ? 105 LYS A CG  1 
ATOM   879  C  CD  . LYS A 1 108 ? 12.712  2.151   7.299   1.00 33.06 ? 105 LYS A CD  1 
ATOM   880  C  CE  . LYS A 1 108 ? 12.668  1.681   8.743   1.00 36.56 ? 105 LYS A CE  1 
ATOM   881  N  NZ  . LYS A 1 108 ? 14.030  1.575   9.373   1.00 42.67 ? 105 LYS A NZ  1 
ATOM   882  N  N   . THR A 1 109 ? 8.841   4.933   5.511   1.00 23.52 ? 106 THR A N   1 
ATOM   883  C  CA  . THR A 1 109 ? 8.145   6.029   6.209   1.00 22.67 ? 106 THR A CA  1 
ATOM   884  C  C   . THR A 1 109 ? 6.627   5.829   6.298   1.00 22.71 ? 106 THR A C   1 
ATOM   885  O  O   . THR A 1 109 ? 6.040   6.086   7.345   1.00 22.58 ? 106 THR A O   1 
ATOM   886  C  CB  . THR A 1 109 ? 8.524   7.377   5.601   1.00 22.36 ? 106 THR A CB  1 
ATOM   887  O  OG1 . THR A 1 109 ? 9.888   7.642   5.935   1.00 23.58 ? 106 THR A OG1 1 
ATOM   888  C  CG2 . THR A 1 109 ? 7.709   8.493   6.180   1.00 22.24 ? 106 THR A CG2 1 
ATOM   889  N  N   . LEU A 1 110 ? 5.998   5.372   5.217   1.00 22.68 ? 107 LEU A N   1 
ATOM   890  C  CA  . LEU A 1 110 ? 4.574   5.037   5.249   1.00 23.86 ? 107 LEU A CA  1 
ATOM   891  C  C   . LEU A 1 110 ? 4.303   3.865   6.227   1.00 24.46 ? 107 LEU A C   1 
ATOM   892  O  O   . LEU A 1 110 ? 3.362   3.917   7.050   1.00 24.01 ? 107 LEU A O   1 
ATOM   893  C  CB  . LEU A 1 110 ? 4.043   4.711   3.836   1.00 23.96 ? 107 LEU A CB  1 
ATOM   894  C  CG  . LEU A 1 110 ? 4.043   5.887   2.832   1.00 23.33 ? 107 LEU A CG  1 
ATOM   895  C  CD1 . LEU A 1 110 ? 4.051   5.435   1.329   1.00 22.90 ? 107 LEU A CD1 1 
ATOM   896  C  CD2 . LEU A 1 110 ? 2.928   6.848   3.107   1.00 18.58 ? 107 LEU A CD2 1 
ATOM   897  N  N   . LEU A 1 111 ? 5.134   2.820   6.148   1.00 24.29 ? 108 LEU A N   1 
ATOM   898  C  CA  . LEU A 1 111 ? 5.013   1.669   7.057   1.00 24.06 ? 108 LEU A CA  1 
ATOM   899  C  C   . LEU A 1 111 ? 5.120   2.082   8.527   1.00 24.00 ? 108 LEU A C   1 
ATOM   900  O  O   . LEU A 1 111 ? 4.331   1.621   9.350   1.00 24.52 ? 108 LEU A O   1 
ATOM   901  C  CB  . LEU A 1 111 ? 6.063   0.610   6.750   1.00 23.39 ? 108 LEU A CB  1 
ATOM   902  C  CG  . LEU A 1 111 ? 6.070   -0.611  7.654   1.00 24.95 ? 108 LEU A CG  1 
ATOM   903  C  CD1 . LEU A 1 111 ? 4.833   -1.463  7.402   1.00 21.28 ? 108 LEU A CD1 1 
ATOM   904  C  CD2 . LEU A 1 111 ? 7.325   -1.432  7.407   1.00 24.98 ? 108 LEU A CD2 1 
ATOM   905  N  N   . LEU A 1 112 ? 6.074   2.956   8.851   1.00 23.41 ? 109 LEU A N   1 
ATOM   906  C  CA  . LEU A 1 112 ? 6.258   3.388   10.234  1.00 23.59 ? 109 LEU A CA  1 
ATOM   907  C  C   . LEU A 1 112 ? 5.039   4.153   10.737  1.00 24.20 ? 109 LEU A C   1 
ATOM   908  O  O   . LEU A 1 112 ? 4.653   4.013   11.906  1.00 24.25 ? 109 LEU A O   1 
ATOM   909  C  CB  . LEU A 1 112 ? 7.534   4.213   10.417  1.00 22.60 ? 109 LEU A CB  1 
ATOM   910  C  CG  . LEU A 1 112 ? 8.864   3.452   10.346  1.00 23.24 ? 109 LEU A CG  1 
ATOM   911  C  CD1 . LEU A 1 112 ? 10.027  4.428   10.364  1.00 21.04 ? 109 LEU A CD1 1 
ATOM   912  C  CD2 . LEU A 1 112 ? 9.045   2.432   11.465  1.00 19.91 ? 109 LEU A CD2 1 
ATOM   913  N  N   . GLU A 1 113 ? 4.441   4.958   9.856   1.00 24.76 ? 110 GLU A N   1 
ATOM   914  C  CA  . GLU A 1 113 ? 3.233   5.716   10.181  1.00 25.45 ? 110 GLU A CA  1 
ATOM   915  C  C   . GLU A 1 113 ? 2.058   4.811   10.479  1.00 25.36 ? 110 GLU A C   1 
ATOM   916  O  O   . GLU A 1 113 ? 1.361   4.983   11.466  1.00 25.74 ? 110 GLU A O   1 
ATOM   917  C  CB  . GLU A 1 113 ? 2.871   6.637   9.029   1.00 26.12 ? 110 GLU A CB  1 
ATOM   918  C  CG  . GLU A 1 113 ? 3.585   7.946   9.110   1.00 28.54 ? 110 GLU A CG  1 
ATOM   919  C  CD  . GLU A 1 113 ? 3.123   8.707   10.333  1.00 32.00 ? 110 GLU A CD  1 
ATOM   920  O  OE1 . GLU A 1 113 ? 1.896   8.621   10.631  1.00 32.42 ? 110 GLU A OE1 1 
ATOM   921  O  OE2 . GLU A 1 113 ? 3.971   9.365   10.978  1.00 29.45 ? 110 GLU A OE2 1 
ATOM   922  N  N   . ALA A 1 114 ? 1.843   3.839   9.611   1.00 25.28 ? 111 ALA A N   1 
ATOM   923  C  CA  . ALA A 1 114 ? 0.792   2.869   9.830   1.00 25.32 ? 111 ALA A CA  1 
ATOM   924  C  C   . ALA A 1 114 ? 1.054   2.127   11.147  1.00 25.11 ? 111 ALA A C   1 
ATOM   925  O  O   . ALA A 1 114 ? 0.134   1.904   11.945  1.00 25.36 ? 111 ALA A O   1 
ATOM   926  C  CB  . ALA A 1 114 ? 0.699   1.895   8.635   1.00 24.54 ? 111 ALA A CB  1 
ATOM   927  N  N   . GLU A 1 115 ? 2.313   1.769   11.385  1.00 24.72 ? 112 GLU A N   1 
ATOM   928  C  CA  . GLU A 1 115 ? 2.644   0.999   12.574  1.00 24.27 ? 112 GLU A CA  1 
ATOM   929  C  C   . GLU A 1 115 ? 2.394   1.825   13.805  1.00 24.28 ? 112 GLU A C   1 
ATOM   930  O  O   . GLU A 1 115 ? 1.947   1.316   14.830  1.00 24.90 ? 112 GLU A O   1 
ATOM   931  C  CB  . GLU A 1 115 ? 4.080   0.509   12.532  1.00 23.36 ? 112 GLU A CB  1 
ATOM   932  C  CG  . GLU A 1 115 ? 4.295   -0.651  11.573  1.00 24.55 ? 112 GLU A CG  1 
ATOM   933  C  CD  . GLU A 1 115 ? 5.747   -1.124  11.538  1.00 25.73 ? 112 GLU A CD  1 
ATOM   934  O  OE1 . GLU A 1 115 ? 6.640   -0.365  11.976  1.00 24.73 ? 112 GLU A OE1 1 
ATOM   935  O  OE2 . GLU A 1 115 ? 5.995   -2.257  11.074  1.00 28.80 ? 112 GLU A OE2 1 
ATOM   936  N  N   . LYS A 1 116 ? 2.682   3.108   13.700  1.00 24.20 ? 113 LYS A N   1 
ATOM   937  C  CA  . LYS A 1 116 ? 2.437   3.995   14.806  1.00 25.00 ? 113 LYS A CA  1 
ATOM   938  C  C   . LYS A 1 116 ? 0.918   4.021   15.117  1.00 25.42 ? 113 LYS A C   1 
ATOM   939  O  O   . LYS A 1 116 ? 0.513   3.960   16.285  1.00 25.35 ? 113 LYS A O   1 
ATOM   940  C  CB  . LYS A 1 116 ? 3.035   5.391   14.525  1.00 24.47 ? 113 LYS A CB  1 
ATOM   941  C  CG  . LYS A 1 116 ? 2.532   6.430   15.470  1.00 25.38 ? 113 LYS A CG  1 
ATOM   942  C  CD  . LYS A 1 116 ? 3.412   7.629   15.636  1.00 26.58 ? 113 LYS A CD  1 
ATOM   943  C  CE  . LYS A 1 116 ? 2.682   8.570   16.594  1.00 30.22 ? 113 LYS A CE  1 
ATOM   944  N  NZ  . LYS A 1 116 ? 3.566   9.524   17.342  1.00 34.91 ? 113 LYS A NZ  1 
ATOM   945  N  N   . ILE A 1 117 ? 0.082   4.068   14.076  1.00 26.17 ? 114 ILE A N   1 
ATOM   946  C  CA  . ILE A 1 117 ? -1.379  4.119   14.284  1.00 26.67 ? 114 ILE A CA  1 
ATOM   947  C  C   . ILE A 1 117 ? -1.927  2.785   14.790  1.00 26.94 ? 114 ILE A C   1 
ATOM   948  O  O   . ILE A 1 117 ? -2.873  2.768   15.583  1.00 26.47 ? 114 ILE A O   1 
ATOM   949  C  CB  . ILE A 1 117 ? -2.151  4.597   13.021  1.00 26.86 ? 114 ILE A CB  1 
ATOM   950  C  CG1 . ILE A 1 117 ? -1.816  6.064   12.715  1.00 27.17 ? 114 ILE A CG1 1 
ATOM   951  C  CG2 . ILE A 1 117 ? -3.643  4.462   13.218  1.00 24.74 ? 114 ILE A CG2 1 
ATOM   952  C  CD1 . ILE A 1 117 ? -2.172  6.512   11.301  1.00 29.68 ? 114 ILE A CD1 1 
HETATM 953  N  N   . MSE A 1 118 ? -1.320  1.685   14.344  1.00 27.38 ? 115 MSE A N   1 
HETATM 954  C  CA  . MSE A 1 118 ? -1.743  0.359   14.777  1.00 28.21 ? 115 MSE A CA  1 
HETATM 955  C  C   . MSE A 1 118 ? -1.460  0.210   16.251  1.00 27.14 ? 115 MSE A C   1 
HETATM 956  O  O   . MSE A 1 118 ? -2.272  -0.351  16.986  1.00 27.49 ? 115 MSE A O   1 
HETATM 957  C  CB  . MSE A 1 118 ? -1.031  -0.760  14.019  1.00 29.07 ? 115 MSE A CB  1 
HETATM 958  C  CG  . MSE A 1 118 ? -1.329  -0.909  12.504  1.00 34.48 ? 115 MSE A CG  1 
HETATM 959  SE SE  . MSE A 1 118 ? -0.068  -2.278  11.716  1.00 51.47 ? 115 MSE A SE  1 
HETATM 960  C  CE  . MSE A 1 118 ? 0.222   -1.557  9.910   1.00 45.98 ? 115 MSE A CE  1 
ATOM   961  N  N   . LYS A 1 119 ? -0.310  0.714   16.686  1.00 26.09 ? 116 LYS A N   1 
ATOM   962  C  CA  . LYS A 1 119 ? 0.058   0.643   18.091  1.00 25.64 ? 116 LYS A CA  1 
ATOM   963  C  C   . LYS A 1 119 ? -0.879  1.494   18.952  1.00 25.79 ? 116 LYS A C   1 
ATOM   964  O  O   . LYS A 1 119 ? -1.217  1.134   20.084  1.00 24.77 ? 116 LYS A O   1 
ATOM   965  C  CB  . LYS A 1 119 ? 1.501   1.078   18.291  1.00 25.62 ? 116 LYS A CB  1 
ATOM   966  C  CG  . LYS A 1 119 ? 1.890   1.217   19.755  1.00 25.73 ? 116 LYS A CG  1 
ATOM   967  C  CD  . LYS A 1 119 ? 3.357   1.540   19.909  1.00 25.75 ? 116 LYS A CD  1 
ATOM   968  C  CE  . LYS A 1 119 ? 3.682   1.801   21.358  1.00 28.20 ? 116 LYS A CE  1 
ATOM   969  N  NZ  . LYS A 1 119 ? 5.109   2.171   21.490  1.00 29.11 ? 116 LYS A NZ  1 
ATOM   970  N  N   . LYS A 1 120 ? -1.291  2.630   18.405  1.00 26.15 ? 117 LYS A N   1 
ATOM   971  C  CA  . LYS A 1 120 ? -2.275  3.477   19.065  1.00 26.63 ? 117 LYS A CA  1 
ATOM   972  C  C   . LYS A 1 120 ? -3.582  2.684   19.188  1.00 26.02 ? 117 LYS A C   1 
ATOM   973  O  O   . LYS A 1 120 ? -4.278  2.772   20.184  1.00 25.77 ? 117 LYS A O   1 
ATOM   974  C  CB  . LYS A 1 120 ? -2.481  4.761   18.248  1.00 27.21 ? 117 LYS A CB  1 
ATOM   975  C  CG  . LYS A 1 120 ? -3.532  5.751   18.773  1.00 28.78 ? 117 LYS A CG  1 
ATOM   976  C  CD  . LYS A 1 120 ? -3.833  6.823   17.705  1.00 31.64 ? 117 LYS A CD  1 
ATOM   977  C  CE  . LYS A 1 120 ? -5.064  7.665   18.054  1.00 34.28 ? 117 LYS A CE  1 
ATOM   978  N  NZ  . LYS A 1 120 ? -4.899  8.435   19.319  1.00 33.89 ? 117 LYS A NZ  1 
ATOM   979  N  N   . LYS A 1 121 ? -3.896  1.884   18.176  1.00 25.67 ? 118 LYS A N   1 
ATOM   980  C  CA  . LYS A 1 121 ? -5.134  1.098   18.174  1.00 25.76 ? 118 LYS A CA  1 
ATOM   981  C  C   . LYS A 1 121 ? -5.092  -0.286  18.854  1.00 25.24 ? 118 LYS A C   1 
ATOM   982  O  O   . LYS A 1 121 ? -6.103  -0.971  18.909  1.00 25.00 ? 118 LYS A O   1 
ATOM   983  C  CB  . LYS A 1 121 ? -5.704  0.993   16.746  1.00 25.67 ? 118 LYS A CB  1 
ATOM   984  C  CG  . LYS A 1 121 ? -6.230  2.323   16.241  1.00 26.67 ? 118 LYS A CG  1 
ATOM   985  C  CD  . LYS A 1 121 ? -6.796  2.265   14.840  1.00 29.93 ? 118 LYS A CD  1 
ATOM   986  C  CE  . LYS A 1 121 ? -7.573  3.561   14.574  1.00 34.86 ? 118 LYS A CE  1 
ATOM   987  N  NZ  . LYS A 1 121 ? -8.322  3.578   13.283  1.00 36.80 ? 118 LYS A NZ  1 
ATOM   988  N  N   . GLY A 1 122 ? -3.943  -0.695  19.377  1.00 24.82 ? 119 GLY A N   1 
ATOM   989  C  CA  . GLY A 1 122 ? -3.844  -2.007  20.017  1.00 24.25 ? 119 GLY A CA  1 
ATOM   990  C  C   . GLY A 1 122 ? -3.686  -3.165  19.037  1.00 24.48 ? 119 GLY A C   1 
ATOM   991  O  O   . GLY A 1 122 ? -3.811  -4.324  19.410  1.00 24.39 ? 119 GLY A O   1 
ATOM   992  N  N   . ILE A 1 123 ? -3.407  -2.860  17.777  1.00 24.35 ? 120 ILE A N   1 
ATOM   993  C  CA  . ILE A 1 123 ? -3.211  -3.902  16.768  1.00 24.80 ? 120 ILE A CA  1 
ATOM   994  C  C   . ILE A 1 123 ? -1.800  -4.470  16.825  1.00 25.09 ? 120 ILE A C   1 
ATOM   995  O  O   . ILE A 1 123 ? -0.831  -3.757  16.576  1.00 25.26 ? 120 ILE A O   1 
ATOM   996  C  CB  . ILE A 1 123 ? -3.517  -3.369  15.360  1.00 24.96 ? 120 ILE A CB  1 
ATOM   997  C  CG1 . ILE A 1 123 ? -4.979  -2.891  15.304  1.00 24.73 ? 120 ILE A CG1 1 
ATOM   998  C  CG2 . ILE A 1 123 ? -3.198  -4.435  14.303  1.00 24.19 ? 120 ILE A CG2 1 
ATOM   999  C  CD1 . ILE A 1 123 ? -5.240  -1.832  14.287  1.00 25.54 ? 120 ILE A CD1 1 
ATOM   1000 N  N   . LEU A 1 124 ? -1.705  -5.762  17.142  1.00 25.34 ? 121 LEU A N   1 
ATOM   1001 C  CA  . LEU A 1 124 ? -0.430  -6.447  17.366  1.00 25.30 ? 121 LEU A CA  1 
ATOM   1002 C  C   . LEU A 1 124 ? 0.063   -7.397  16.248  1.00 25.29 ? 121 LEU A C   1 
ATOM   1003 O  O   . LEU A 1 124 ? 1.128   -8.007  16.355  1.00 24.93 ? 121 LEU A O   1 
ATOM   1004 C  CB  . LEU A 1 124 ? -0.529  -7.222  18.681  1.00 25.64 ? 121 LEU A CB  1 
ATOM   1005 C  CG  . LEU A 1 124 ? -0.919  -6.354  19.880  1.00 26.43 ? 121 LEU A CG  1 
ATOM   1006 C  CD1 . LEU A 1 124 ? -1.161  -7.194  21.144  1.00 23.30 ? 121 LEU A CD1 1 
ATOM   1007 C  CD2 . LEU A 1 124 ? 0.156   -5.263  20.110  1.00 27.34 ? 121 LEU A CD2 1 
ATOM   1008 N  N   . GLU A 1 125 ? -0.699  -7.522  15.176  1.00 24.99 ? 122 GLU A N   1 
ATOM   1009 C  CA  . GLU A 1 125 ? -0.313  -8.429  14.115  1.00 25.26 ? 122 GLU A CA  1 
ATOM   1010 C  C   . GLU A 1 125 ? -0.684  -7.799  12.809  1.00 24.82 ? 122 GLU A C   1 
ATOM   1011 O  O   . GLU A 1 125 ? -1.736  -7.182  12.660  1.00 24.20 ? 122 GLU A O   1 
ATOM   1012 C  CB  . GLU A 1 125 ? -1.036  -9.756  14.272  1.00 25.75 ? 122 GLU A CB  1 
ATOM   1013 C  CG  . GLU A 1 125 ? -0.374  -10.964 13.661  1.00 27.98 ? 122 GLU A CG  1 
ATOM   1014 C  CD  . GLU A 1 125 ? -0.855  -12.233 14.373  1.00 32.20 ? 122 GLU A CD  1 
ATOM   1015 O  OE1 . GLU A 1 125 ? -0.026  -12.922 15.016  1.00 33.31 ? 122 GLU A OE1 1 
ATOM   1016 O  OE2 . GLU A 1 125 ? -2.073  -12.517 14.336  1.00 31.71 ? 122 GLU A OE2 1 
ATOM   1017 N  N   . CYS A 1 126 ? 0.209   -7.953  11.861  1.00 25.00 ? 123 CYS A N   1 
ATOM   1018 C  CA  . CYS A 1 126 ? 0.012   -7.387  10.572  1.00 26.01 ? 123 CYS A CA  1 
ATOM   1019 C  C   . CYS A 1 126 ? 0.452   -8.412  9.548   1.00 25.79 ? 123 CYS A C   1 
ATOM   1020 O  O   . CYS A 1 126 ? 1.503   -9.041  9.717   1.00 25.80 ? 123 CYS A O   1 
ATOM   1021 C  CB  . CYS A 1 126 ? 0.873   -6.155  10.450  1.00 25.99 ? 123 CYS A CB  1 
ATOM   1022 S  SG  . CYS A 1 126 ? 0.608   -5.362  8.897   1.00 32.17 ? 123 CYS A SG  1 
ATOM   1023 N  N   . ARG A 1 127 ? -0.339  -8.593  8.493   1.00 25.92 ? 124 ARG A N   1 
ATOM   1024 C  CA  . ARG A 1 127 ? 0.006   -9.596  7.480   1.00 26.29 ? 124 ARG A CA  1 
ATOM   1025 C  C   . ARG A 1 127 ? -0.253  -9.087  6.067   1.00 25.40 ? 124 ARG A C   1 
ATOM   1026 O  O   . ARG A 1 127 ? -0.969  -8.097  5.874   1.00 24.97 ? 124 ARG A O   1 
ATOM   1027 C  CB  . ARG A 1 127 ? -0.712  -10.939 7.762   1.00 26.58 ? 124 ARG A CB  1 
ATOM   1028 C  CG  . ARG A 1 127 ? -1.937  -11.210 6.941   1.00 29.11 ? 124 ARG A CG  1 
ATOM   1029 C  CD  . ARG A 1 127 ? -2.937  -12.062 7.728   1.00 35.06 ? 124 ARG A CD  1 
ATOM   1030 N  NE  . ARG A 1 127 ? -3.726  -12.954 6.875   1.00 37.62 ? 124 ARG A NE  1 
ATOM   1031 C  CZ  . ARG A 1 127 ? -3.526  -14.270 6.796   1.00 40.19 ? 124 ARG A CZ  1 
ATOM   1032 N  NH1 . ARG A 1 127 ? -2.570  -14.851 7.524   1.00 40.98 ? 124 ARG A NH1 1 
ATOM   1033 N  NH2 . ARG A 1 127 ? -4.284  -15.017 6.004   1.00 40.59 ? 124 ARG A NH2 1 
ATOM   1034 N  N   . LEU A 1 128 ? 0.329   -9.759  5.076   1.00 25.01 ? 125 LEU A N   1 
ATOM   1035 C  CA  . LEU A 1 128 ? 0.208   -9.292  3.707   1.00 24.81 ? 125 LEU A CA  1 
ATOM   1036 C  C   . LEU A 1 128 ? 0.401   -10.395 2.701   1.00 24.76 ? 125 LEU A C   1 
ATOM   1037 O  O   . LEU A 1 128 ? 0.867   -11.487 3.039   1.00 24.14 ? 125 LEU A O   1 
ATOM   1038 C  CB  . LEU A 1 128 ? 1.203   -8.147  3.452   1.00 24.60 ? 125 LEU A CB  1 
ATOM   1039 C  CG  . LEU A 1 128 ? 2.688   -8.461  3.566   1.00 25.26 ? 125 LEU A CG  1 
ATOM   1040 C  CD1 . LEU A 1 128 ? 3.162   -9.034  2.242   1.00 25.46 ? 125 LEU A CD1 1 
ATOM   1041 C  CD2 . LEU A 1 128 ? 3.480   -7.218  3.929   1.00 20.22 ? 125 LEU A CD2 1 
ATOM   1042 N  N   . TYR A 1 129 ? 0.020   -10.107 1.464   1.00 25.36 ? 126 TYR A N   1 
ATOM   1043 C  CA  . TYR A 1 129 ? 0.200   -11.062 0.369   1.00 26.26 ? 126 TYR A CA  1 
ATOM   1044 C  C   . TYR A 1 129 ? 1.096   -10.388 -0.633  1.00 26.26 ? 126 TYR A C   1 
ATOM   1045 O  O   . TYR A 1 129 ? 0.760   -9.290  -1.103  1.00 25.48 ? 126 TYR A O   1 
ATOM   1046 C  CB  . TYR A 1 129 ? -1.129  -11.399 -0.321  1.00 26.76 ? 126 TYR A CB  1 
ATOM   1047 C  CG  . TYR A 1 129 ? -2.105  -12.214 0.517   1.00 27.48 ? 126 TYR A CG  1 
ATOM   1048 C  CD1 . TYR A 1 129 ? -2.523  -13.486 0.100   1.00 26.05 ? 126 TYR A CD1 1 
ATOM   1049 C  CD2 . TYR A 1 129 ? -2.597  -11.713 1.725   1.00 26.35 ? 126 TYR A CD2 1 
ATOM   1050 C  CE1 . TYR A 1 129 ? -3.404  -14.228 0.864   1.00 27.10 ? 126 TYR A CE1 1 
ATOM   1051 C  CE2 . TYR A 1 129 ? -3.464  -12.435 2.492   1.00 27.91 ? 126 TYR A CE2 1 
ATOM   1052 C  CZ  . TYR A 1 129 ? -3.872  -13.690 2.054   1.00 29.70 ? 126 TYR A CZ  1 
ATOM   1053 O  OH  . TYR A 1 129 ? -4.745  -14.395 2.827   1.00 30.13 ? 126 TYR A OH  1 
ATOM   1054 N  N   . VAL A 1 130 ? 2.231   -11.012 -0.949  1.00 25.86 ? 127 VAL A N   1 
ATOM   1055 C  CA  . VAL A 1 130 ? 3.134   -10.435 -1.955  1.00 25.37 ? 127 VAL A CA  1 
ATOM   1056 C  C   . VAL A 1 130 ? 3.391   -11.458 -3.094  1.00 26.01 ? 127 VAL A C   1 
ATOM   1057 O  O   . VAL A 1 130 ? 3.668   -12.624 -2.818  1.00 27.14 ? 127 VAL A O   1 
ATOM   1058 C  CB  . VAL A 1 130 ? 4.451   -9.846  -1.298  1.00 24.19 ? 127 VAL A CB  1 
ATOM   1059 C  CG1 . VAL A 1 130 ? 5.295   -10.916 -0.678  1.00 22.09 ? 127 VAL A CG1 1 
ATOM   1060 C  CG2 . VAL A 1 130 ? 5.242   -9.035  -2.291  1.00 22.57 ? 127 VAL A CG2 1 
ATOM   1061 N  N   . HIS A 1 131 ? 3.270   -11.041 -4.360  1.00 25.73 ? 128 HIS A N   1 
ATOM   1062 C  CA  . HIS A 1 131 ? 3.533   -11.957 -5.474  1.00 25.16 ? 128 HIS A CA  1 
ATOM   1063 C  C   . HIS A 1 131 ? 4.974   -12.453 -5.350  1.00 25.81 ? 128 HIS A C   1 
ATOM   1064 O  O   . HIS A 1 131 ? 5.891   -11.630 -5.233  1.00 24.92 ? 128 HIS A O   1 
ATOM   1065 C  CB  . HIS A 1 131 ? 3.356   -11.274 -6.829  1.00 24.44 ? 128 HIS A CB  1 
ATOM   1066 C  CG  . HIS A 1 131 ? 3.213   -12.246 -7.964  1.00 24.96 ? 128 HIS A CG  1 
ATOM   1067 N  ND1 . HIS A 1 131 ? 4.279   -12.947 -8.488  1.00 25.61 ? 128 HIS A ND1 1 
ATOM   1068 C  CD2 . HIS A 1 131 ? 2.121   -12.653 -8.655  1.00 23.70 ? 128 HIS A CD2 1 
ATOM   1069 C  CE1 . HIS A 1 131 ? 3.851   -13.740 -9.452  1.00 23.16 ? 128 HIS A CE1 1 
ATOM   1070 N  NE2 . HIS A 1 131 ? 2.547   -13.579 -9.572  1.00 22.87 ? 128 HIS A NE2 1 
ATOM   1071 N  N   . ARG A 1 132 ? 5.167   -13.777 -5.392  1.00 26.09 ? 129 ARG A N   1 
ATOM   1072 C  CA  . ARG A 1 132 ? 6.490   -14.384 -5.193  1.00 26.63 ? 129 ARG A CA  1 
ATOM   1073 C  C   . ARG A 1 132 ? 7.594   -13.861 -6.116  1.00 27.20 ? 129 ARG A C   1 
ATOM   1074 O  O   . ARG A 1 132 ? 8.771   -13.906 -5.753  1.00 26.59 ? 129 ARG A O   1 
ATOM   1075 C  CB  . ARG A 1 132 ? 6.435   -15.921 -5.249  1.00 26.86 ? 129 ARG A CB  1 
ATOM   1076 C  CG  . ARG A 1 132 ? 6.572   -16.596 -6.635  1.00 27.80 ? 129 ARG A CG  1 
ATOM   1077 C  CD  . ARG A 1 132 ? 6.397   -18.111 -6.460  1.00 26.93 ? 129 ARG A CD  1 
ATOM   1078 N  NE  . ARG A 1 132 ? 5.173   -18.357 -5.701  1.00 27.34 ? 129 ARG A NE  1 
ATOM   1079 C  CZ  . ARG A 1 132 ? 4.913   -19.443 -4.968  1.00 29.93 ? 129 ARG A CZ  1 
ATOM   1080 N  NH1 . ARG A 1 132 ? 5.805   -20.428 -4.858  1.00 27.76 ? 129 ARG A NH1 1 
ATOM   1081 N  NH2 . ARG A 1 132 ? 3.744   -19.535 -4.328  1.00 29.15 ? 129 ARG A NH2 1 
ATOM   1082 N  N   . GLN A 1 133 ? 7.225   -13.377 -7.300  1.00 27.69 ? 130 GLN A N   1 
ATOM   1083 C  CA  . GLN A 1 133 ? 8.215   -12.827 -8.223  1.00 27.75 ? 130 GLN A CA  1 
ATOM   1084 C  C   . GLN A 1 133 ? 8.425   -11.338 -8.033  1.00 27.44 ? 130 GLN A C   1 
ATOM   1085 O  O   . GLN A 1 133 ? 9.233   -10.737 -8.734  1.00 28.39 ? 130 GLN A O   1 
ATOM   1086 C  CB  . GLN A 1 133 ? 7.811   -13.087 -9.653  1.00 27.84 ? 130 GLN A CB  1 
ATOM   1087 C  CG  . GLN A 1 133 ? 7.855   -14.549 -10.006 1.00 31.81 ? 130 GLN A CG  1 
ATOM   1088 C  CD  . GLN A 1 133 ? 7.286   -14.790 -11.380 1.00 36.64 ? 130 GLN A CD  1 
ATOM   1089 O  OE1 . GLN A 1 133 ? 6.639   -15.807 -11.628 1.00 38.97 ? 130 GLN A OE1 1 
ATOM   1090 N  NE2 . GLN A 1 133 ? 7.498   -13.833 -12.282 1.00 38.21 ? 130 GLN A NE2 1 
ATOM   1091 N  N   . ASN A 1 134 ? 7.705   -10.729 -7.099  1.00 26.46 ? 131 ASN A N   1 
ATOM   1092 C  CA  . ASN A 1 134 ? 7.930   -9.323  -6.839  1.00 26.09 ? 131 ASN A CA  1 
ATOM   1093 C  C   . ASN A 1 134 ? 9.100   -9.181  -5.875  1.00 25.16 ? 131 ASN A C   1 
ATOM   1094 O  O   . ASN A 1 134 ? 8.926   -9.053  -4.663  1.00 25.97 ? 131 ASN A O   1 
ATOM   1095 C  CB  . ASN A 1 134 ? 6.677   -8.636  -6.282  1.00 25.94 ? 131 ASN A CB  1 
ATOM   1096 C  CG  . ASN A 1 134 ? 6.863   -7.144  -6.128  1.00 25.96 ? 131 ASN A CG  1 
ATOM   1097 O  OD1 . ASN A 1 134 ? 7.920   -6.607  -6.481  1.00 26.54 ? 131 ASN A OD1 1 
ATOM   1098 N  ND2 . ASN A 1 134 ? 5.836   -6.454  -5.613  1.00 23.85 ? 131 ASN A ND2 1 
ATOM   1099 N  N   . SER A 1 135 ? 10.306  -9.201  -6.402  1.00 23.69 ? 132 SER A N   1 
ATOM   1100 C  CA  . SER A 1 135 ? 11.454  -9.120  -5.524  1.00 23.00 ? 132 SER A CA  1 
ATOM   1101 C  C   . SER A 1 135 ? 11.587  -7.739  -4.898  1.00 22.30 ? 132 SER A C   1 
ATOM   1102 O  O   . SER A 1 135 ? 12.053  -7.611  -3.764  1.00 22.52 ? 132 SER A O   1 
ATOM   1103 C  CB  . SER A 1 135 ? 12.736  -9.503  -6.277  1.00 22.18 ? 132 SER A CB  1 
ATOM   1104 O  OG  . SER A 1 135 ? 12.674  -10.873 -6.616  1.00 24.06 ? 132 SER A OG  1 
ATOM   1105 N  N   . VAL A 1 136 ? 11.205  -6.705  -5.646  1.00 21.13 ? 133 VAL A N   1 
ATOM   1106 C  CA  . VAL A 1 136 ? 11.301  -5.360  -5.124  1.00 19.78 ? 133 VAL A CA  1 
ATOM   1107 C  C   . VAL A 1 136 ? 10.493  -5.310  -3.843  1.00 19.27 ? 133 VAL A C   1 
ATOM   1108 O  O   . VAL A 1 136 ? 11.041  -5.006  -2.798  1.00 18.43 ? 133 VAL A O   1 
ATOM   1109 C  CB  . VAL A 1 136 ? 10.875  -4.302  -6.169  1.00 19.97 ? 133 VAL A CB  1 
ATOM   1110 C  CG1 . VAL A 1 136 ? 10.582  -2.958  -5.509  1.00 20.92 ? 133 VAL A CG1 1 
ATOM   1111 C  CG2 . VAL A 1 136 ? 11.957  -4.171  -7.227  1.00 17.06 ? 133 VAL A CG2 1 
ATOM   1112 N  N   . GLY A 1 137 ? 9.204   -5.664  -3.912  1.00 18.99 ? 134 GLY A N   1 
ATOM   1113 C  CA  . GLY A 1 137 ? 8.339   -5.624  -2.725  1.00 18.72 ? 134 GLY A CA  1 
ATOM   1114 C  C   . GLY A 1 137 ? 8.708   -6.646  -1.671  1.00 19.96 ? 134 GLY A C   1 
ATOM   1115 O  O   . GLY A 1 137 ? 8.838   -6.313  -0.490  1.00 20.92 ? 134 GLY A O   1 
ATOM   1116 N  N   . PHE A 1 138 ? 8.888   -7.899  -2.084  1.00 20.46 ? 135 PHE A N   1 
ATOM   1117 C  CA  . PHE A 1 138 ? 9.254   -8.955  -1.149  1.00 20.75 ? 135 PHE A CA  1 
ATOM   1118 C  C   . PHE A 1 138 ? 10.521  -8.606  -0.349  1.00 21.31 ? 135 PHE A C   1 
ATOM   1119 O  O   . PHE A 1 138 ? 10.569  -8.797  0.868   1.00 21.64 ? 135 PHE A O   1 
ATOM   1120 C  CB  . PHE A 1 138 ? 9.444   -10.270 -1.892  1.00 20.76 ? 135 PHE A CB  1 
ATOM   1121 C  CG  . PHE A 1 138 ? 9.887   -11.418 -1.015  1.00 20.61 ? 135 PHE A CG  1 
ATOM   1122 C  CD1 . PHE A 1 138 ? 11.215  -11.731 -0.882  1.00 23.65 ? 135 PHE A CD1 1 
ATOM   1123 C  CD2 . PHE A 1 138 ? 8.968   -12.183 -0.334  1.00 21.26 ? 135 PHE A CD2 1 
ATOM   1124 C  CE1 . PHE A 1 138 ? 11.619  -12.803 -0.080  1.00 25.54 ? 135 PHE A CE1 1 
ATOM   1125 C  CE2 . PHE A 1 138 ? 9.367   -13.242 0.460   1.00 22.03 ? 135 PHE A CE2 1 
ATOM   1126 C  CZ  . PHE A 1 138 ? 10.698  -13.556 0.583   1.00 20.00 ? 135 PHE A CZ  1 
ATOM   1127 N  N   . SER A 1 139 ? 11.535  -8.061  -1.016  1.00 21.20 ? 136 SER A N   1 
ATOM   1128 C  CA  . SER A 1 139 ? 12.797  -7.770  -0.317  1.00 21.40 ? 136 SER A CA  1 
ATOM   1129 C  C   . SER A 1 139 ? 12.619  -6.632  0.682   1.00 21.51 ? 136 SER A C   1 
ATOM   1130 O  O   . SER A 1 139 ? 13.080  -6.731  1.824   1.00 23.10 ? 136 SER A O   1 
ATOM   1131 C  CB  . SER A 1 139 ? 13.964  -7.532  -1.289  1.00 20.00 ? 136 SER A CB  1 
ATOM   1132 O  OG  . SER A 1 139 ? 13.822  -6.305  -1.992  1.00 21.07 ? 136 SER A OG  1 
ATOM   1133 N  N   . PHE A 1 140 ? 11.946  -5.564  0.265   1.00 21.69 ? 137 PHE A N   1 
ATOM   1134 C  CA  . PHE A 1 140 ? 11.607  -4.474  1.184   1.00 22.05 ? 137 PHE A CA  1 
ATOM   1135 C  C   . PHE A 1 140 ? 10.902  -5.024  2.446   1.00 22.80 ? 137 PHE A C   1 
ATOM   1136 O  O   . PHE A 1 140 ? 11.256  -4.650  3.572   1.00 23.21 ? 137 PHE A O   1 
ATOM   1137 C  CB  . PHE A 1 140 ? 10.702  -3.453  0.498   1.00 21.46 ? 137 PHE A CB  1 
ATOM   1138 C  CG  . PHE A 1 140 ? 10.097  -2.430  1.447   1.00 21.34 ? 137 PHE A CG  1 
ATOM   1139 C  CD1 . PHE A 1 140 ? 8.777   -2.543  1.856   1.00 18.07 ? 137 PHE A CD1 1 
ATOM   1140 C  CD2 . PHE A 1 140 ? 10.859  -1.352  1.928   1.00 21.05 ? 137 PHE A CD2 1 
ATOM   1141 C  CE1 . PHE A 1 140 ? 8.211   -1.611  2.722   1.00 17.55 ? 137 PHE A CE1 1 
ATOM   1142 C  CE2 . PHE A 1 140 ? 10.304  -0.408  2.798   1.00 18.06 ? 137 PHE A CE2 1 
ATOM   1143 C  CZ  . PHE A 1 140 ? 8.988   -0.540  3.206   1.00 19.30 ? 137 PHE A CZ  1 
ATOM   1144 N  N   . TYR A 1 141 ? 9.911   -5.901  2.260   1.00 22.12 ? 138 TYR A N   1 
ATOM   1145 C  CA  . TYR A 1 141 ? 9.189   -6.435  3.414   1.00 22.17 ? 138 TYR A CA  1 
ATOM   1146 C  C   . TYR A 1 141 ? 10.072  -7.214  4.361   1.00 21.87 ? 138 TYR A C   1 
ATOM   1147 O  O   . TYR A 1 141 ? 10.038  -6.950  5.556   1.00 22.32 ? 138 TYR A O   1 
ATOM   1148 C  CB  . TYR A 1 141 ? 7.967   -7.273  3.021   1.00 22.24 ? 138 TYR A CB  1 
ATOM   1149 C  CG  . TYR A 1 141 ? 6.870   -6.447  2.433   1.00 23.38 ? 138 TYR A CG  1 
ATOM   1150 C  CD1 . TYR A 1 141 ? 6.347   -5.366  3.139   1.00 24.90 ? 138 TYR A CD1 1 
ATOM   1151 C  CD2 . TYR A 1 141 ? 6.351   -6.730  1.172   1.00 25.93 ? 138 TYR A CD2 1 
ATOM   1152 C  CE1 . TYR A 1 141 ? 5.350   -4.584  2.613   1.00 23.92 ? 138 TYR A CE1 1 
ATOM   1153 C  CE2 . TYR A 1 141 ? 5.345   -5.947  0.634   1.00 25.98 ? 138 TYR A CE2 1 
ATOM   1154 C  CZ  . TYR A 1 141 ? 4.844   -4.880  1.368   1.00 25.32 ? 138 TYR A CZ  1 
ATOM   1155 O  OH  . TYR A 1 141 ? 3.819   -4.102  0.852   1.00 29.05 ? 138 TYR A OH  1 
ATOM   1156 N  N   . TYR A 1 142 ? 10.867  -8.167  3.866   1.00 21.84 ? 139 TYR A N   1 
ATOM   1157 C  CA  . TYR A 1 142 ? 11.714  -8.910  4.812   1.00 21.46 ? 139 TYR A CA  1 
ATOM   1158 C  C   . TYR A 1 142 ? 12.818  -8.042  5.404   1.00 21.50 ? 139 TYR A C   1 
ATOM   1159 O  O   . TYR A 1 142 ? 13.261  -8.312  6.516   1.00 21.69 ? 139 TYR A O   1 
ATOM   1160 C  CB  . TYR A 1 142 ? 12.255  -10.238 4.269   1.00 21.37 ? 139 TYR A CB  1 
ATOM   1161 C  CG  . TYR A 1 142 ? 13.385  -10.171 3.286   1.00 22.20 ? 139 TYR A CG  1 
ATOM   1162 C  CD1 . TYR A 1 142 ? 13.216  -10.627 1.985   1.00 22.65 ? 139 TYR A CD1 1 
ATOM   1163 C  CD2 . TYR A 1 142 ? 14.636  -9.685  3.656   1.00 24.03 ? 139 TYR A CD2 1 
ATOM   1164 C  CE1 . TYR A 1 142 ? 14.241  -10.589 1.076   1.00 22.20 ? 139 TYR A CE1 1 
ATOM   1165 C  CE2 . TYR A 1 142 ? 15.677  -9.629  2.743   1.00 24.48 ? 139 TYR A CE2 1 
ATOM   1166 C  CZ  . TYR A 1 142 ? 15.470  -10.088 1.447   1.00 23.97 ? 139 TYR A CZ  1 
ATOM   1167 O  OH  . TYR A 1 142 ? 16.499  -10.057 0.523   1.00 21.23 ? 139 TYR A OH  1 
ATOM   1168 N  N   . LYS A 1 143 ? 13.258  -7.006  4.678   1.00 21.45 ? 140 LYS A N   1 
ATOM   1169 C  CA  . LYS A 1 143 ? 14.215  -6.059  5.254   1.00 21.84 ? 140 LYS A CA  1 
ATOM   1170 C  C   . LYS A 1 143 ? 13.547  -5.256  6.359   1.00 22.39 ? 140 LYS A C   1 
ATOM   1171 O  O   . LYS A 1 143 ? 14.228  -4.724  7.236   1.00 23.24 ? 140 LYS A O   1 
ATOM   1172 C  CB  . LYS A 1 143 ? 14.826  -5.138  4.212   1.00 21.17 ? 140 LYS A CB  1 
ATOM   1173 C  CG  . LYS A 1 143 ? 15.880  -5.835  3.435   1.00 22.54 ? 140 LYS A CG  1 
ATOM   1174 C  CD  . LYS A 1 143 ? 16.320  -5.062  2.214   1.00 21.72 ? 140 LYS A CD  1 
ATOM   1175 C  CE  . LYS A 1 143 ? 16.867  -6.054  1.219   1.00 22.89 ? 140 LYS A CE  1 
ATOM   1176 N  NZ  . LYS A 1 143 ? 17.629  -5.414  0.118   1.00 23.60 ? 140 LYS A NZ  1 
ATOM   1177 N  N   . ASN A 1 144 ? 12.238  -5.229  6.379   1.00 22.46 ? 141 ASN A N   1 
ATOM   1178 C  CA  . ASN A 1 144 ? 11.543  -4.523  7.418   1.00 22.57 ? 141 ASN A CA  1 
ATOM   1179 C  C   . ASN A 1 144 ? 10.766  -5.395  8.395   1.00 22.94 ? 141 ASN A C   1 
ATOM   1180 O  O   . ASN A 1 144 ? 9.762   -4.978  8.893   1.00 22.92 ? 141 ASN A O   1 
ATOM   1181 C  CB  . ASN A 1 144 ? 10.637  -3.462  6.822   1.00 20.00 ? 141 ASN A CB  1 
ATOM   1182 C  CG  . ASN A 1 144 ? 11.359  -2.196  6.498   1.00 20.00 ? 141 ASN A CG  1 
ATOM   1183 O  OD1 . ASN A 1 144 ? 11.590  -1.400  7.342   1.00 20.00 ? 141 ASN A OD1 1 
ATOM   1184 N  ND2 . ASN A 1 144 ? 11.716  -2.027  5.282   1.00 20.00 ? 141 ASN A ND2 1 
ATOM   1185 N  N   . GLY A 1 145 ? 11.254  -6.592  8.690   1.00 22.28 ? 142 GLY A N   1 
ATOM   1186 C  CA  . GLY A 1 145 ? 10.684  -7.416  9.756   1.00 22.21 ? 142 GLY A CA  1 
ATOM   1187 C  C   . GLY A 1 145 ? 9.504   -8.300  9.433   1.00 21.91 ? 142 GLY A C   1 
ATOM   1188 O  O   . GLY A 1 145 ? 8.875   -8.816  10.323  1.00 22.12 ? 142 GLY A O   1 
ATOM   1189 N  N   . PHE A 1 146 ? 9.195   -8.469  8.160   1.00 22.74 ? 143 PHE A N   1 
ATOM   1190 C  CA  . PHE A 1 146 ? 8.141   -9.399  7.746   1.00 23.38 ? 143 PHE A CA  1 
ATOM   1191 C  C   . PHE A 1 146 ? 8.754   -10.766 7.459   1.00 24.39 ? 143 PHE A C   1 
ATOM   1192 O  O   . PHE A 1 146 ? 9.883   -10.863 6.925   1.00 24.90 ? 143 PHE A O   1 
ATOM   1193 C  CB  . PHE A 1 146 ? 7.388   -8.874  6.526   1.00 23.18 ? 143 PHE A CB  1 
ATOM   1194 C  CG  . PHE A 1 146 ? 6.384   -7.804  6.851   1.00 21.13 ? 143 PHE A CG  1 
ATOM   1195 C  CD1 . PHE A 1 146 ? 6.751   -6.485  6.865   1.00 20.70 ? 143 PHE A CD1 1 
ATOM   1196 C  CD2 . PHE A 1 146 ? 5.071   -8.137  7.165   1.00 21.90 ? 143 PHE A CD2 1 
ATOM   1197 C  CE1 . PHE A 1 146 ? 5.824   -5.495  7.161   1.00 24.26 ? 143 PHE A CE1 1 
ATOM   1198 C  CE2 . PHE A 1 146 ? 4.130   -7.167  7.462   1.00 23.21 ? 143 PHE A CE2 1 
ATOM   1199 C  CZ  . PHE A 1 146 ? 4.498   -5.833  7.457   1.00 22.79 ? 143 PHE A CZ  1 
ATOM   1200 N  N   . LYS A 1 147 ? 8.024   -11.819 7.830   1.00 24.00 ? 144 LYS A N   1 
ATOM   1201 C  CA  . LYS A 1 147 ? 8.511   -13.175 7.671   1.00 23.55 ? 144 LYS A CA  1 
ATOM   1202 C  C   . LYS A 1 147 ? 7.472   -13.958 6.926   1.00 23.47 ? 144 LYS A C   1 
ATOM   1203 O  O   . LYS A 1 147 ? 6.273   -13.759 7.156   1.00 23.95 ? 144 LYS A O   1 
ATOM   1204 C  CB  . LYS A 1 147 ? 8.798   -13.803 9.038   1.00 24.07 ? 144 LYS A CB  1 
ATOM   1205 C  CG  . LYS A 1 147 ? 9.879   -13.037 9.796   1.00 25.44 ? 144 LYS A CG  1 
ATOM   1206 C  CD  . LYS A 1 147 ? 10.357  -13.745 11.028  1.00 26.37 ? 144 LYS A CD  1 
ATOM   1207 C  CE  . LYS A 1 147 ? 11.387  -12.871 11.745  1.00 30.20 ? 144 LYS A CE  1 
ATOM   1208 N  NZ  . LYS A 1 147 ? 12.244  -13.670 12.690  1.00 31.10 ? 144 LYS A NZ  1 
ATOM   1209 N  N   . VAL A 1 148 ? 7.913   -14.831 6.020   1.00 23.29 ? 145 VAL A N   1 
ATOM   1210 C  CA  . VAL A 1 148 ? 6.981   -15.691 5.283   1.00 23.85 ? 145 VAL A CA  1 
ATOM   1211 C  C   . VAL A 1 148 ? 6.391   -16.742 6.222   1.00 24.68 ? 145 VAL A C   1 
ATOM   1212 O  O   . VAL A 1 148 ? 7.127   -17.394 6.958   1.00 24.88 ? 145 VAL A O   1 
ATOM   1213 C  CB  . VAL A 1 148 ? 7.654   -16.386 4.075   1.00 23.80 ? 145 VAL A CB  1 
ATOM   1214 C  CG1 . VAL A 1 148 ? 6.723   -17.457 3.489   1.00 22.34 ? 145 VAL A CG1 1 
ATOM   1215 C  CG2 . VAL A 1 148 ? 8.060   -15.351 3.013   1.00 22.15 ? 145 VAL A CG2 1 
ATOM   1216 N  N   . GLU A 1 149 ? 5.069   -16.900 6.208   1.00 25.92 ? 146 GLU A N   1 
ATOM   1217 C  CA  . GLU A 1 149 ? 4.412   -17.900 7.061   1.00 26.91 ? 146 GLU A CA  1 
ATOM   1218 C  C   . GLU A 1 149 ? 3.573   -18.887 6.254   1.00 26.62 ? 146 GLU A C   1 
ATOM   1219 O  O   . GLU A 1 149 ? 3.091   -19.880 6.801   1.00 26.02 ? 146 GLU A O   1 
ATOM   1220 C  CB  . GLU A 1 149 ? 3.509   -17.221 8.100   1.00 27.64 ? 146 GLU A CB  1 
ATOM   1221 C  CG  . GLU A 1 149 ? 4.205   -16.189 9.005   1.00 31.63 ? 146 GLU A CG  1 
ATOM   1222 C  CD  . GLU A 1 149 ? 5.135   -16.810 10.059  1.00 36.12 ? 146 GLU A CD  1 
ATOM   1223 O  OE1 . GLU A 1 149 ? 5.210   -18.062 10.119  1.00 39.57 ? 146 GLU A OE1 1 
ATOM   1224 O  OE2 . GLU A 1 149 ? 5.779   -16.047 10.832  1.00 35.49 ? 146 GLU A OE2 1 
ATOM   1225 N  N   . ASP A 1 150 ? 3.383   -18.604 4.962   1.00 26.16 ? 147 ASP A N   1 
ATOM   1226 C  CA  . ASP A 1 150 ? 2.551   -19.450 4.116   1.00 25.69 ? 147 ASP A CA  1 
ATOM   1227 C  C   . ASP A 1 150 ? 2.512   -18.917 2.688   1.00 24.60 ? 147 ASP A C   1 
ATOM   1228 O  O   . ASP A 1 150 ? 3.088   -17.880 2.397   1.00 23.62 ? 147 ASP A O   1 
ATOM   1229 C  CB  . ASP A 1 150 ? 1.123   -19.491 4.688   1.00 26.19 ? 147 ASP A CB  1 
ATOM   1230 C  CG  . ASP A 1 150 ? 0.304   -20.692 4.195   1.00 28.19 ? 147 ASP A CG  1 
ATOM   1231 O  OD1 . ASP A 1 150 ? 0.888   -21.665 3.666   1.00 31.11 ? 147 ASP A OD1 1 
ATOM   1232 O  OD2 . ASP A 1 150 ? -0.938  -20.671 4.357   1.00 31.42 ? 147 ASP A OD2 1 
ATOM   1233 N  N   . THR A 1 151 ? 1.825   -19.641 1.804   1.00 23.92 ? 148 THR A N   1 
ATOM   1234 C  CA  . THR A 1 151 ? 1.590   -19.182 0.435   1.00 23.12 ? 148 THR A CA  1 
ATOM   1235 C  C   . THR A 1 151 ? 0.129   -19.363 0.053   1.00 23.91 ? 148 THR A C   1 
ATOM   1236 O  O   . THR A 1 151 ? -0.598  -20.171 0.647   1.00 23.74 ? 148 THR A O   1 
ATOM   1237 C  CB  . THR A 1 151 ? 2.437   -19.951 -0.595  1.00 22.33 ? 148 THR A CB  1 
ATOM   1238 O  OG1 . THR A 1 151 ? 2.168   -21.353 -0.475  1.00 21.78 ? 148 THR A OG1 1 
ATOM   1239 C  CG2 . THR A 1 151 ? 3.910   -19.692 -0.367  1.00 19.95 ? 148 THR A CG2 1 
ATOM   1240 N  N   . ASP A 1 152 ? -0.300  -18.609 -0.945  1.00 24.33 ? 149 ASP A N   1 
ATOM   1241 C  CA  . ASP A 1 152 ? -1.635  -18.763 -1.493  1.00 24.74 ? 149 ASP A CA  1 
ATOM   1242 C  C   . ASP A 1 152 ? -1.504  -18.430 -2.966  1.00 24.90 ? 149 ASP A C   1 
ATOM   1243 O  O   . ASP A 1 152 ? -1.321  -17.267 -3.327  1.00 23.67 ? 149 ASP A O   1 
ATOM   1244 C  CB  . ASP A 1 152 ? -2.608  -17.802 -0.817  1.00 25.64 ? 149 ASP A CB  1 
ATOM   1245 C  CG  . ASP A 1 152 ? -4.007  -17.854 -1.421  1.00 25.87 ? 149 ASP A CG  1 
ATOM   1246 O  OD1 . ASP A 1 152 ? -4.508  -18.945 -1.752  1.00 28.44 ? 149 ASP A OD1 1 
ATOM   1247 O  OD2 . ASP A 1 152 ? -4.620  -16.787 -1.553  1.00 29.66 ? 149 ASP A OD2 1 
ATOM   1248 N  N   . GLY A 1 153 ? -1.589  -19.448 -3.816  1.00 24.70 ? 150 GLY A N   1 
ATOM   1249 C  CA  . GLY A 1 153 ? -1.387  -19.247 -5.244  1.00 25.33 ? 150 GLY A CA  1 
ATOM   1250 C  C   . GLY A 1 153 ? 0.016   -18.714 -5.486  1.00 26.16 ? 150 GLY A C   1 
ATOM   1251 O  O   . GLY A 1 153 ? 0.989   -19.168 -4.885  1.00 26.33 ? 150 GLY A O   1 
ATOM   1252 N  N   . SER A 1 154 ? 0.125   -17.726 -6.358  1.00 26.54 ? 151 SER A N   1 
ATOM   1253 C  CA  . SER A 1 154 ? 1.412   -17.135 -6.677  1.00 26.72 ? 151 SER A CA  1 
ATOM   1254 C  C   . SER A 1 154 ? 1.997   -16.309 -5.518  1.00 26.94 ? 151 SER A C   1 
ATOM   1255 O  O   . SER A 1 154 ? 3.209   -16.062 -5.472  1.00 28.28 ? 151 SER A O   1 
ATOM   1256 C  CB  . SER A 1 154 ? 1.260   -16.247 -7.906  1.00 26.88 ? 151 SER A CB  1 
ATOM   1257 O  OG  . SER A 1 154 ? 0.386   -15.160 -7.622  1.00 28.05 ? 151 SER A OG  1 
ATOM   1258 N  N   . ASP A 1 155 ? 1.151   -15.886 -4.588  1.00 26.32 ? 152 ASP A N   1 
ATOM   1259 C  CA  . ASP A 1 155 ? 1.583   -15.029 -3.468  1.00 26.27 ? 152 ASP A CA  1 
ATOM   1260 C  C   . ASP A 1 155 ? 2.242   -15.716 -2.268  1.00 25.52 ? 152 ASP A C   1 
ATOM   1261 O  O   . ASP A 1 155 ? 2.005   -16.896 -1.987  1.00 24.68 ? 152 ASP A O   1 
ATOM   1262 C  CB  . ASP A 1 155 ? 0.394   -14.223 -2.933  1.00 26.03 ? 152 ASP A CB  1 
ATOM   1263 C  CG  . ASP A 1 155 ? -0.158  -13.267 -3.950  1.00 28.71 ? 152 ASP A CG  1 
ATOM   1264 O  OD1 . ASP A 1 155 ? 0.482   -13.054 -5.008  1.00 32.47 ? 152 ASP A OD1 1 
ATOM   1265 O  OD2 . ASP A 1 155 ? -1.241  -12.715 -3.689  1.00 32.93 ? 152 ASP A OD2 1 
ATOM   1266 N  N   . PHE A 1 156 ? 3.068   -14.941 -1.564  1.00 24.78 ? 153 PHE A N   1 
ATOM   1267 C  CA  . PHE A 1 156 ? 3.602   -15.349 -0.269  1.00 24.27 ? 153 PHE A CA  1 
ATOM   1268 C  C   . PHE A 1 156 ? 2.756   -14.631 0.749   1.00 24.07 ? 153 PHE A C   1 
ATOM   1269 O  O   . PHE A 1 156 ? 2.425   -13.451 0.572   1.00 23.92 ? 153 PHE A O   1 
ATOM   1270 C  CB  . PHE A 1 156 ? 5.057   -14.903 -0.039  1.00 23.17 ? 153 PHE A CB  1 
ATOM   1271 C  CG  . PHE A 1 156 ? 6.106   -15.846 -0.593  1.00 23.61 ? 153 PHE A CG  1 
ATOM   1272 C  CD1 . PHE A 1 156 ? 7.034   -15.403 -1.543  1.00 23.71 ? 153 PHE A CD1 1 
ATOM   1273 C  CD2 . PHE A 1 156 ? 6.184   -17.151 -0.160  1.00 20.13 ? 153 PHE A CD2 1 
ATOM   1274 C  CE1 . PHE A 1 156 ? 7.996   -16.245 -2.043  1.00 19.75 ? 153 PHE A CE1 1 
ATOM   1275 C  CE2 . PHE A 1 156 ? 7.144   -17.993 -0.663  1.00 19.70 ? 153 PHE A CE2 1 
ATOM   1276 C  CZ  . PHE A 1 156 ? 8.052   -17.535 -1.604  1.00 21.01 ? 153 PHE A CZ  1 
ATOM   1277 N  N   . ILE A 1 157 ? 2.403   -15.334 1.813   1.00 24.40 ? 154 ILE A N   1 
ATOM   1278 C  CA  . ILE A 1 157 ? 1.755   -14.685 2.927   1.00 24.95 ? 154 ILE A CA  1 
ATOM   1279 C  C   . ILE A 1 157 ? 2.853   -14.395 3.936   1.00 24.74 ? 154 ILE A C   1 
ATOM   1280 O  O   . ILE A 1 157 ? 3.526   -15.311 4.438   1.00 23.98 ? 154 ILE A O   1 
ATOM   1281 C  CB  . ILE A 1 157 ? 0.652   -15.528 3.587   1.00 25.24 ? 154 ILE A CB  1 
ATOM   1282 C  CG1 . ILE A 1 157 ? -0.448  -15.881 2.575   1.00 27.15 ? 154 ILE A CG1 1 
ATOM   1283 C  CG2 . ILE A 1 157 ? 0.068   -14.754 4.760   1.00 24.59 ? 154 ILE A CG2 1 
ATOM   1284 C  CD1 . ILE A 1 157 ? -1.679  -16.601 3.189   1.00 27.19 ? 154 ILE A CD1 1 
HETATM 1285 N  N   . MSE A 1 158 ? 3.039   -13.108 4.215   1.00 24.97 ? 155 MSE A N   1 
HETATM 1286 C  CA  . MSE A 1 158 ? 4.047   -12.685 5.171   1.00 25.14 ? 155 MSE A CA  1 
HETATM 1287 C  C   . MSE A 1 158 ? 3.340   -12.049 6.330   1.00 25.48 ? 155 MSE A C   1 
HETATM 1288 O  O   . MSE A 1 158 ? 2.231   -11.524 6.184   1.00 24.90 ? 155 MSE A O   1 
HETATM 1289 C  CB  . MSE A 1 158 ? 5.023   -11.678 4.546   1.00 25.37 ? 155 MSE A CB  1 
HETATM 1290 C  CG  . MSE A 1 158 ? 5.646   -12.145 3.261   1.00 24.01 ? 155 MSE A CG  1 
HETATM 1291 SE SE  . MSE A 1 158 ? 6.935   -10.842 2.680   1.00 25.67 ? 155 MSE A SE  1 
HETATM 1292 C  CE  . MSE A 1 158 ? 8.416   -11.347 3.861   1.00 22.80 ? 155 MSE A CE  1 
ATOM   1293 N  N   . GLU A 1 159 ? 4.003   -12.066 7.474   1.00 25.62 ? 156 GLU A N   1 
ATOM   1294 C  CA  . GLU A 1 159 ? 3.385   -11.603 8.680   1.00 26.33 ? 156 GLU A CA  1 
ATOM   1295 C  C   . GLU A 1 159 ? 4.404   -10.947 9.623   1.00 26.63 ? 156 GLU A C   1 
ATOM   1296 O  O   . GLU A 1 159 ? 5.568   -11.375 9.713   1.00 25.73 ? 156 GLU A O   1 
ATOM   1297 C  CB  . GLU A 1 159 ? 2.704   -12.816 9.310   1.00 26.49 ? 156 GLU A CB  1 
ATOM   1298 C  CG  . GLU A 1 159 ? 2.399   -12.740 10.777  1.00 30.49 ? 156 GLU A CG  1 
ATOM   1299 C  CD  . GLU A 1 159 ? 1.917   -14.082 11.323  1.00 34.56 ? 156 GLU A CD  1 
ATOM   1300 O  OE1 . GLU A 1 159 ? 2.490   -14.548 12.336  1.00 36.12 ? 156 GLU A OE1 1 
ATOM   1301 O  OE2 . GLU A 1 159 ? 0.980   -14.673 10.730  1.00 35.91 ? 156 GLU A OE2 1 
ATOM   1302 N  N   . LYS A 1 160 ? 3.955   -9.896  10.315  1.00 26.59 ? 157 LYS A N   1 
ATOM   1303 C  CA  . LYS A 1 160 ? 4.791   -9.207  11.307  1.00 26.15 ? 157 LYS A CA  1 
ATOM   1304 C  C   . LYS A 1 160 ? 4.044   -9.029  12.619  1.00 26.05 ? 157 LYS A C   1 
ATOM   1305 O  O   . LYS A 1 160 ? 2.877   -8.629  12.615  1.00 25.49 ? 157 LYS A O   1 
ATOM   1306 C  CB  . LYS A 1 160 ? 5.232   -7.833  10.789  1.00 25.84 ? 157 LYS A CB  1 
ATOM   1307 C  CG  . LYS A 1 160 ? 6.102   -7.068  11.773  1.00 24.50 ? 157 LYS A CG  1 
ATOM   1308 C  CD  . LYS A 1 160 ? 6.578   -5.780  11.157  1.00 25.98 ? 157 LYS A CD  1 
ATOM   1309 C  CE  . LYS A 1 160 ? 7.709   -5.166  11.937  1.00 23.69 ? 157 LYS A CE  1 
ATOM   1310 N  NZ  . LYS A 1 160 ? 8.093   -3.909  11.253  1.00 21.66 ? 157 LYS A NZ  1 
ATOM   1311 N  N   . LYS A 1 161 ? 4.715   -9.318  13.732  1.00 26.04 ? 158 LYS A N   1 
ATOM   1312 C  CA  . LYS A 1 161 ? 4.103   -9.150  15.042  1.00 27.49 ? 158 LYS A CA  1 
ATOM   1313 C  C   . LYS A 1 161 ? 4.741   -8.025  15.859  1.00 28.04 ? 158 LYS A C   1 
ATOM   1314 O  O   . LYS A 1 161 ? 5.920   -7.713  15.699  1.00 28.80 ? 158 LYS A O   1 
ATOM   1315 C  CB  . LYS A 1 161 ? 4.130   -10.451 15.849  1.00 27.73 ? 158 LYS A CB  1 
ATOM   1316 C  CG  . LYS A 1 161 ? 3.304   -11.593 15.265  1.00 29.52 ? 158 LYS A CG  1 
ATOM   1317 C  CD  . LYS A 1 161 ? 2.928   -12.596 16.355  1.00 31.06 ? 158 LYS A CD  1 
ATOM   1318 C  CE  . LYS A 1 161 ? 4.159   -13.141 17.078  1.00 33.02 ? 158 LYS A CE  1 
ATOM   1319 N  NZ  . LYS A 1 161 ? 3.792   -13.966 18.282  1.00 33.13 ? 158 LYS A NZ  1 
ATOM   1320 N  N   . TYR A 1 162 ? 3.944   -7.424  16.736  1.00 28.49 ? 159 TYR A N   1 
ATOM   1321 C  CA  . TYR A 1 162 ? 4.397   -6.346  17.602  1.00 28.89 ? 159 TYR A CA  1 
ATOM   1322 C  C   . TYR A 1 162 ? 4.087   -6.702  19.034  1.00 29.18 ? 159 TYR A C   1 
ATOM   1323 O  O   . TYR A 1 162 ? 3.161   -7.462  19.314  1.00 29.69 ? 159 TYR A O   1 
ATOM   1324 C  CB  . TYR A 1 162 ? 3.666   -5.059  17.260  1.00 28.95 ? 159 TYR A CB  1 
ATOM   1325 C  CG  . TYR A 1 162 ? 3.661   -4.774  15.797  1.00 28.41 ? 159 TYR A CG  1 
ATOM   1326 C  CD1 . TYR A 1 162 ? 2.635   -5.234  14.988  1.00 27.52 ? 159 TYR A CD1 1 
ATOM   1327 C  CD2 . TYR A 1 162 ? 4.700   -4.054  15.213  1.00 28.47 ? 159 TYR A CD2 1 
ATOM   1328 C  CE1 . TYR A 1 162 ? 2.647   -4.982  13.618  1.00 28.90 ? 159 TYR A CE1 1 
ATOM   1329 C  CE2 . TYR A 1 162 ? 4.719   -3.788  13.850  1.00 27.98 ? 159 TYR A CE2 1 
ATOM   1330 C  CZ  . TYR A 1 162 ? 3.695   -4.256  13.055  1.00 28.28 ? 159 TYR A CZ  1 
ATOM   1331 O  OH  . TYR A 1 162 ? 3.717   -3.986  11.702  1.00 28.65 ? 159 TYR A OH  1 
ATOM   1332 O  OXT . TYR A 1 162 ? 4.761   -6.239  19.944  1.00 30.03 ? 159 TYR A OXT 1 
HETATM 1333 NI NI  . NI  B 2 .   ? 19.236  -1.082  -3.422  0.50 23.61 ? 160 NI  A NI  1 
HETATM 1334 CL CL  . CL  C 3 .   ? 2.968   -7.876  -5.244  1.00 37.66 ? 161 CL  A CL  1 
HETATM 1335 N  N1A . ACO D 4 .   ? 14.751  -1.571  -7.030  1.00 26.53 ? 162 ACO A N1A 1 
HETATM 1336 C  C2A . ACO D 4 .   ? 15.015  -2.665  -6.284  1.00 24.56 ? 162 ACO A C2A 1 
HETATM 1337 N  N3A . ACO D 4 .   ? 14.728  -2.744  -4.950  1.00 25.90 ? 162 ACO A N3A 1 
HETATM 1338 C  C4A . ACO D 4 .   ? 14.148  -1.710  -4.287  1.00 25.34 ? 162 ACO A C4A 1 
HETATM 1339 C  C5A . ACO D 4 .   ? 13.833  -0.490  -5.039  1.00 23.17 ? 162 ACO A C5A 1 
HETATM 1340 C  C6A . ACO D 4 .   ? 14.165  -0.460  -6.481  1.00 25.71 ? 162 ACO A C6A 1 
HETATM 1341 N  N6A . ACO D 4 .   ? 13.879  0.661   -7.208  1.00 25.38 ? 162 ACO A N6A 1 
HETATM 1342 N  N7A . ACO D 4 .   ? 13.272  0.375   -4.169  1.00 26.15 ? 162 ACO A N7A 1 
HETATM 1343 C  C8A . ACO D 4 .   ? 13.223  -0.234  -2.959  1.00 26.66 ? 162 ACO A C8A 1 
HETATM 1344 N  N9A . ACO D 4 .   ? 13.751  -1.478  -3.023  1.00 27.15 ? 162 ACO A N9A 1 
HETATM 1345 C  C1B . ACO D 4 .   ? 13.845  -2.421  -1.885  1.00 28.86 ? 162 ACO A C1B 1 
HETATM 1346 C  C2B . ACO D 4 .   ? 15.257  -2.938  -1.789  1.00 30.55 ? 162 ACO A C2B 1 
HETATM 1347 O  O2B . ACO D 4 .   ? 15.218  -4.175  -1.082  1.00 31.05 ? 162 ACO A O2B 1 
HETATM 1348 C  C3B . ACO D 4 .   ? 15.898  -1.881  -0.934  1.00 29.63 ? 162 ACO A C3B 1 
HETATM 1349 O  O3B . ACO D 4 .   ? 16.981  -2.445  -0.226  1.00 29.04 ? 162 ACO A O3B 1 
HETATM 1350 P  P3B . ACO D 4 .   ? 18.533  -2.239  -0.687  1.00 29.46 ? 162 ACO A P3B 1 
HETATM 1351 O  O7A . ACO D 4 .   ? 18.895  -0.840  -0.203  1.00 26.18 ? 162 ACO A O7A 1 
HETATM 1352 O  O8A . ACO D 4 .   ? 18.580  -2.447  -2.199  1.00 24.50 ? 162 ACO A O8A 1 
HETATM 1353 O  O9A . ACO D 4 .   ? 19.207  -3.370  0.086   1.00 27.61 ? 162 ACO A O9A 1 
HETATM 1354 C  C4B . ACO D 4 .   ? 14.809  -1.413  0.009   1.00 29.27 ? 162 ACO A C4B 1 
HETATM 1355 O  O4B . ACO D 4 .   ? 13.586  -1.709  -0.670  1.00 32.70 ? 162 ACO A O4B 1 
HETATM 1356 C  C5B . ACO D 4 .   ? 14.891  0.074   0.219   1.00 27.35 ? 162 ACO A C5B 1 
HETATM 1357 O  O5B . ACO D 4 .   ? 13.936  0.427   1.200   1.00 26.22 ? 162 ACO A O5B 1 
HETATM 1358 P  P1A . ACO D 4 .   ? 13.083  1.773   1.057   1.00 28.64 ? 162 ACO A P1A 1 
HETATM 1359 O  O1A . ACO D 4 .   ? 13.957  2.865   0.446   1.00 25.71 ? 162 ACO A O1A 1 
HETATM 1360 O  O2A . ACO D 4 .   ? 12.430  1.907   2.409   1.00 25.85 ? 162 ACO A O2A 1 
HETATM 1361 O  O3A . ACO D 4 .   ? 12.029  1.302   -0.047  1.00 25.92 ? 162 ACO A O3A 1 
HETATM 1362 P  P2A . ACO D 4 .   ? 10.928  2.212   -0.820  1.00 29.46 ? 162 ACO A P2A 1 
HETATM 1363 O  O4A . ACO D 4 .   ? 11.237  2.050   -2.310  1.00 26.30 ? 162 ACO A O4A 1 
HETATM 1364 O  O5A . ACO D 4 .   ? 10.810  3.554   -0.131  1.00 29.55 ? 162 ACO A O5A 1 
HETATM 1365 O  O6A . ACO D 4 .   ? 9.521   1.420   -0.602  1.00 27.23 ? 162 ACO A O6A 1 
HETATM 1366 C  CBP . ACO D 4 .   ? 8.242   -0.245  -1.844  1.00 26.73 ? 162 ACO A CBP 1 
HETATM 1367 C  CCP . ACO D 4 .   ? 9.382   0.020   -0.877  1.00 26.44 ? 162 ACO A CCP 1 
HETATM 1368 C  CDP . ACO D 4 .   ? 8.071   -1.758  -2.028  1.00 23.86 ? 162 ACO A CDP 1 
HETATM 1369 C  CEP . ACO D 4 .   ? 6.977   0.412   -1.290  1.00 24.15 ? 162 ACO A CEP 1 
HETATM 1370 C  CAP . ACO D 4 .   ? 8.639   0.408   -3.171  1.00 27.95 ? 162 ACO A CAP 1 
HETATM 1371 O  OAP . ACO D 4 .   ? 9.921   -0.110  -3.540  1.00 29.21 ? 162 ACO A OAP 1 
HETATM 1372 C  C9P . ACO D 4 .   ? 7.624   0.189   -4.274  1.00 30.80 ? 162 ACO A C9P 1 
HETATM 1373 O  O9P . ACO D 4 .   ? 6.640   0.915   -4.355  1.00 32.39 ? 162 ACO A O9P 1 
HETATM 1374 N  N8P . ACO D 4 .   ? 7.847   -0.808  -5.145  1.00 33.86 ? 162 ACO A N8P 1 
HETATM 1375 C  C7P . ACO D 4 .   ? 6.895   -1.231  -6.170  1.00 31.09 ? 162 ACO A C7P 1 
HETATM 1376 C  C6P . ACO D 4 .   ? 5.490   -1.551  -5.660  1.00 32.94 ? 162 ACO A C6P 1 
HETATM 1377 C  C5P . ACO D 4 .   ? 5.521   -2.761  -4.735  1.00 34.44 ? 162 ACO A C5P 1 
HETATM 1378 O  O5P . ACO D 4 .   ? 6.187   -3.747  -5.066  1.00 38.44 ? 162 ACO A O5P 1 
HETATM 1379 N  N4P . ACO D 4 .   ? 4.814   -2.682  -3.595  1.00 29.91 ? 162 ACO A N4P 1 
HETATM 1380 C  C3P . ACO D 4 .   ? 4.430   -3.806  -2.773  1.00 31.03 ? 162 ACO A C3P 1 
HETATM 1381 C  C2P . ACO D 4 .   ? 3.219   -4.545  -3.377  1.00 36.65 ? 162 ACO A C2P 1 
HETATM 1382 S  S1P . ACO D 4 .   ? 2.658   -5.816  -2.273  1.00 38.30 ? 162 ACO A S1P 1 
HETATM 1383 C  C   . ACO D 4 .   ? 1.570   -5.094  -1.213  1.00 38.65 ? 162 ACO A C   1 
HETATM 1384 O  O   . ACO D 4 .   ? 1.220   -3.937  -1.432  1.00 39.22 ? 162 ACO A O   1 
HETATM 1385 C  CH3 . ACO D 4 .   ? 1.051   -5.853  -0.029  1.00 36.97 ? 162 ACO A CH3 1 
HETATM 1386 O  O   . HOH E 5 .   ? -3.444  -3.448  -5.490  1.00 19.00 ? 163 HOH A O   1 
HETATM 1387 O  O   . HOH E 5 .   ? 8.618   -5.815  -8.928  1.00 24.92 ? 164 HOH A O   1 
HETATM 1388 O  O   . HOH E 5 .   ? 1.733   17.936  1.369   1.00 17.21 ? 165 HOH A O   1 
HETATM 1389 O  O   . HOH E 5 .   ? 8.472   -20.833 -6.915  1.00 16.78 ? 166 HOH A O   1 
HETATM 1390 O  O   . HOH E 5 .   ? -1.206  -11.568 -17.179 1.00 8.19  ? 167 HOH A O   1 
HETATM 1391 O  O   . HOH E 5 .   ? 11.377  5.818   -1.120  1.00 27.09 ? 168 HOH A O   1 
HETATM 1392 O  O   . HOH E 5 .   ? -5.086  -10.015 -19.176 1.00 11.34 ? 169 HOH A O   1 
HETATM 1393 O  O   . HOH E 5 .   ? -2.001  -7.764  1.577   1.00 23.28 ? 170 HOH A O   1 
HETATM 1394 O  O   . HOH E 5 .   ? 15.398  -5.340  -4.508  1.00 19.90 ? 171 HOH A O   1 
HETATM 1395 O  O   . HOH E 5 .   ? 2.159   -7.088  -22.179 1.00 20.62 ? 172 HOH A O   1 
HETATM 1396 O  O   . HOH E 5 .   ? -3.232  1.062   -17.543 1.00 14.77 ? 173 HOH A O   1 
HETATM 1397 O  O   . HOH E 5 .   ? 18.591  -5.080  -2.916  1.00 25.11 ? 174 HOH A O   1 
HETATM 1398 O  O   . HOH E 5 .   ? 16.421  3.072   0.751   1.00 19.77 ? 175 HOH A O   1 
HETATM 1399 O  O   . HOH E 5 .   ? 14.610  4.778   -7.452  1.00 14.20 ? 176 HOH A O   1 
HETATM 1400 O  O   . HOH E 5 .   ? 10.556  -7.764  -9.189  1.00 18.90 ? 177 HOH A O   1 
HETATM 1401 O  O   . HOH E 5 .   ? 7.130   -10.872 13.721  1.00 10.36 ? 178 HOH A O   1 
HETATM 1402 O  O   . HOH E 5 .   ? -12.224 13.296  2.493   1.00 7.77  ? 179 HOH A O   1 
HETATM 1403 O  O   . HOH E 5 .   ? 5.588   -21.087 4.497   1.00 24.08 ? 180 HOH A O   1 
HETATM 1404 O  O   . HOH E 5 .   ? 11.926  -4.329  11.443  1.00 22.08 ? 181 HOH A O   1 
HETATM 1405 O  O   . HOH E 5 .   ? -5.871  13.996  -6.892  1.00 12.57 ? 182 HOH A O   1 
HETATM 1406 O  O   . HOH E 5 .   ? 10.263  -14.014 -3.112  1.00 23.70 ? 183 HOH A O   1 
HETATM 1407 O  O   . HOH E 5 .   ? 13.706  0.029   4.289   1.00 25.76 ? 184 HOH A O   1 
HETATM 1408 O  O   . HOH E 5 .   ? 14.609  -1.859  -9.745  1.00 28.19 ? 185 HOH A O   1 
HETATM 1409 O  O   . HOH E 5 .   ? -17.131 -4.806  -7.307  1.00 17.11 ? 186 HOH A O   1 
HETATM 1410 O  O   . HOH E 5 .   ? -1.092  -1.296  -18.580 1.00 22.69 ? 187 HOH A O   1 
HETATM 1411 O  O   . HOH E 5 .   ? 16.178  -1.266  3.603   1.00 16.90 ? 188 HOH A O   1 
HETATM 1412 O  O   . HOH E 5 .   ? 0.805   8.174   12.612  1.00 37.61 ? 189 HOH A O   1 
HETATM 1413 O  O   . HOH E 5 .   ? 12.102  -10.283 7.979   1.00 14.50 ? 190 HOH A O   1 
HETATM 1414 O  O   . HOH E 5 .   ? -3.277  -10.036 10.168  1.00 31.51 ? 191 HOH A O   1 
HETATM 1415 O  O   . HOH E 5 .   ? -1.176  -5.068  -3.417  1.00 24.35 ? 192 HOH A O   1 
HETATM 1416 O  O   . HOH E 5 .   ? 20.971  3.115   0.067   1.00 30.14 ? 193 HOH A O   1 
HETATM 1417 O  O   A HOH E 5 .   ? -12.325 -2.969  1.464   0.60 5.07  ? 194 HOH A O   1 
HETATM 1418 O  O   B HOH E 5 .   ? -10.593 -3.394  0.258   0.40 2.00  ? 194 HOH A O   1 
HETATM 1419 O  O   . HOH E 5 .   ? -12.602 4.221   -12.221 1.00 21.59 ? 195 HOH A O   1 
HETATM 1420 O  O   . HOH E 5 .   ? 8.538   -7.595  -12.456 1.00 28.48 ? 196 HOH A O   1 
HETATM 1421 O  O   . HOH E 5 .   ? -8.345  8.797   4.318   1.00 37.35 ? 197 HOH A O   1 
HETATM 1422 O  O   . HOH E 5 .   ? 14.851  -6.826  -7.285  1.00 21.32 ? 198 HOH A O   1 
HETATM 1423 O  O   . HOH E 5 .   ? -5.288  -16.762 1.539   1.00 27.05 ? 199 HOH A O   1 
HETATM 1424 O  O   . HOH E 5 .   ? 4.946   11.216  15.711  1.00 37.97 ? 200 HOH A O   1 
HETATM 1425 O  O   . HOH E 5 .   ? 9.415   -11.651 -12.678 1.00 23.77 ? 201 HOH A O   1 
HETATM 1426 O  O   . HOH E 5 .   ? 4.757   13.584  7.546   1.00 18.57 ? 202 HOH A O   1 
HETATM 1427 O  O   . HOH E 5 .   ? 10.092  -3.295  -13.725 1.00 26.30 ? 203 HOH A O   1 
HETATM 1428 O  O   . HOH E 5 .   ? 14.146  -6.714  9.538   1.00 22.17 ? 204 HOH A O   1 
HETATM 1429 O  O   . HOH E 5 .   ? 6.288   -12.986 11.579  1.00 27.23 ? 205 HOH A O   1 
HETATM 1430 O  O   . HOH E 5 .   ? -7.526  5.976   11.594  1.00 24.00 ? 206 HOH A O   1 
HETATM 1431 O  O   . HOH E 5 .   ? 9.568   -17.349 9.036   1.00 29.41 ? 207 HOH A O   1 
HETATM 1432 O  O   . HOH E 5 .   ? 12.562  13.135  -12.951 1.00 15.78 ? 208 HOH A O   1 
HETATM 1433 O  O   . HOH E 5 .   ? -1.533  15.571  -5.137  1.00 14.69 ? 209 HOH A O   1 
HETATM 1434 O  O   . HOH E 5 .   ? 6.138   3.385   14.004  1.00 19.15 ? 210 HOH A O   1 
HETATM 1435 O  O   . HOH E 5 .   ? -4.024  14.643  -4.223  1.00 29.08 ? 211 HOH A O   1 
HETATM 1436 O  O   . HOH E 5 .   ? 12.858  10.125  2.661   1.00 30.99 ? 212 HOH A O   1 
HETATM 1437 O  O   . HOH E 5 .   ? -9.749  3.341   -12.044 1.00 22.06 ? 213 HOH A O   1 
HETATM 1438 O  O   . HOH E 5 .   ? 3.730   -22.990 6.621   1.00 33.86 ? 214 HOH A O   1 
HETATM 1439 O  O   . HOH E 5 .   ? -15.859 10.534  5.895   1.00 38.34 ? 215 HOH A O   1 
HETATM 1440 O  O   . HOH E 5 .   ? 4.626   0.006   16.200  1.00 30.42 ? 216 HOH A O   1 
HETATM 1441 O  O   . HOH E 5 .   ? -3.655  12.274  9.113   1.00 20.95 ? 217 HOH A O   1 
HETATM 1442 O  O   . HOH E 5 .   ? 5.346   3.084   -14.726 1.00 26.55 ? 218 HOH A O   1 
HETATM 1443 O  O   . HOH E 5 .   ? -6.094  14.588  5.514   1.00 21.04 ? 219 HOH A O   1 
HETATM 1444 O  O   . HOH E 5 .   ? 0.664   16.973  5.720   1.00 19.73 ? 220 HOH A O   1 
HETATM 1445 O  O   . HOH E 5 .   ? 6.342   20.403  1.637   1.00 24.65 ? 221 HOH A O   1 
HETATM 1446 O  O   . HOH E 5 .   ? -7.515  -7.852  8.659   1.00 23.84 ? 222 HOH A O   1 
HETATM 1447 O  O   . HOH E 5 .   ? -11.091 -3.028  14.855  1.00 18.59 ? 223 HOH A O   1 
HETATM 1448 O  O   . HOH E 5 .   ? -0.301  -10.525 -6.663  1.00 34.61 ? 224 HOH A O   1 
HETATM 1449 O  O   . HOH E 5 .   ? -5.514  -4.206  -5.513  1.00 32.00 ? 225 HOH A O   1 
HETATM 1450 O  O   . HOH E 5 .   ? 21.183  -0.203  0.484   1.00 19.17 ? 226 HOH A O   1 
HETATM 1451 O  O   . HOH E 5 .   ? 19.036  -3.025  2.580   1.00 26.67 ? 227 HOH A O   1 
HETATM 1452 O  O   . HOH E 5 .   ? -13.289 -1.649  -1.559  1.00 25.88 ? 228 HOH A O   1 
HETATM 1453 O  O   . HOH E 5 .   ? -0.872  -22.672 -0.489  1.00 20.25 ? 229 HOH A O   1 
# 
